data_1X6G
#
_entry.id   1X6G
#
_entity_poly.entity_id   1
_entity_poly.type   'polypeptide(L)'
_entity_poly.pdbx_seq_one_letter_code
;GSSGSSGRMPTRRWAPGTQCITKCEHTRPKPGELAFRKGDVVTILEACENKSWYRVKHHTSGQEGLLAAGALRERSGPSS
G
;
_entity_poly.pdbx_strand_id   A
#
# COMPACT_ATOMS: atom_id res chain seq x y z
N GLY A 1 11.11 11.53 -17.02
CA GLY A 1 10.36 11.71 -15.78
C GLY A 1 10.69 13.04 -15.12
N SER A 2 9.74 13.54 -14.34
CA SER A 2 9.93 14.80 -13.65
C SER A 2 9.09 14.82 -12.37
N SER A 3 9.75 15.19 -11.28
CA SER A 3 9.08 15.27 -9.99
C SER A 3 9.07 16.70 -9.49
N GLY A 4 8.10 16.98 -8.63
CA GLY A 4 7.96 18.31 -8.06
C GLY A 4 8.84 18.48 -6.83
N SER A 5 9.99 19.11 -7.04
CA SER A 5 10.93 19.35 -5.96
C SER A 5 11.23 20.85 -5.83
N SER A 6 10.60 21.46 -4.85
CA SER A 6 10.80 22.88 -4.62
C SER A 6 11.85 23.10 -3.53
N GLY A 7 11.52 22.63 -2.33
CA GLY A 7 12.43 22.76 -1.20
C GLY A 7 12.26 21.59 -0.23
N ARG A 8 11.42 21.80 0.77
CA ARG A 8 11.16 20.78 1.77
C ARG A 8 9.66 20.66 2.04
N MET A 9 9.23 19.43 2.31
CA MET A 9 7.83 19.17 2.58
C MET A 9 7.67 18.12 3.69
N PRO A 10 6.54 18.23 4.43
CA PRO A 10 6.26 17.30 5.51
C PRO A 10 5.81 15.94 4.95
N THR A 11 5.80 14.95 5.84
CA THR A 11 5.39 13.62 5.46
C THR A 11 4.37 13.06 6.47
N ARG A 12 3.44 12.27 5.94
CA ARG A 12 2.42 11.67 6.77
C ARG A 12 2.06 10.28 6.26
N ARG A 13 1.64 10.24 5.00
CA ARG A 13 1.27 8.98 4.38
C ARG A 13 2.52 8.16 4.06
N TRP A 14 2.28 6.93 3.61
CA TRP A 14 3.38 6.03 3.26
C TRP A 14 3.91 6.46 1.89
N ALA A 15 5.17 6.12 1.66
CA ALA A 15 5.81 6.46 0.39
C ALA A 15 5.96 5.19 -0.45
N PRO A 16 6.42 5.40 -1.71
CA PRO A 16 6.62 4.29 -2.62
C PRO A 16 7.87 3.48 -2.26
N GLY A 17 7.65 2.23 -1.91
CA GLY A 17 8.75 1.35 -1.53
C GLY A 17 8.58 0.84 -0.10
N THR A 18 7.52 1.32 0.54
CA THR A 18 7.23 0.91 1.91
C THR A 18 6.35 -0.34 1.93
N GLN A 19 6.73 -1.28 2.78
CA GLN A 19 5.98 -2.52 2.90
C GLN A 19 4.77 -2.33 3.82
N CYS A 20 3.60 -2.53 3.25
CA CYS A 20 2.37 -2.39 4.02
C CYS A 20 1.73 -3.77 4.18
N ILE A 21 0.96 -3.92 5.24
CA ILE A 21 0.29 -5.17 5.52
C ILE A 21 -1.22 -4.96 5.47
N THR A 22 -1.93 -6.03 5.11
CA THR A 22 -3.38 -5.97 5.02
C THR A 22 -4.00 -6.17 6.41
N LYS A 23 -5.08 -5.43 6.63
CA LYS A 23 -5.78 -5.51 7.90
C LYS A 23 -6.71 -6.73 7.90
N CYS A 24 -7.24 -7.03 6.72
CA CYS A 24 -8.14 -8.16 6.57
C CYS A 24 -7.76 -8.90 5.28
N GLU A 25 -8.47 -10.00 5.05
CA GLU A 25 -8.21 -10.81 3.87
C GLU A 25 -9.26 -10.51 2.79
N HIS A 26 -8.78 -10.43 1.56
CA HIS A 26 -9.65 -10.15 0.43
C HIS A 26 -9.48 -11.22 -0.64
N THR A 27 -10.47 -12.10 -0.71
CA THR A 27 -10.42 -13.18 -1.69
C THR A 27 -11.15 -12.77 -2.98
N ARG A 28 -12.09 -11.86 -2.82
CA ARG A 28 -12.86 -11.36 -3.96
C ARG A 28 -12.94 -9.84 -3.93
N PRO A 29 -11.95 -9.19 -4.61
CA PRO A 29 -11.90 -7.74 -4.66
C PRO A 29 -12.96 -7.20 -5.62
N LYS A 30 -13.05 -5.88 -5.65
CA LYS A 30 -14.02 -5.21 -6.51
C LYS A 30 -13.69 -5.52 -7.98
N PRO A 31 -14.58 -5.03 -8.89
CA PRO A 31 -14.39 -5.26 -10.31
C PRO A 31 -13.28 -4.36 -10.86
N GLY A 32 -12.07 -4.90 -10.87
CA GLY A 32 -10.92 -4.16 -11.36
C GLY A 32 -9.92 -3.89 -10.24
N GLU A 33 -9.99 -4.72 -9.21
CA GLU A 33 -9.11 -4.57 -8.06
C GLU A 33 -8.26 -5.83 -7.89
N LEU A 34 -7.28 -5.73 -7.00
CA LEU A 34 -6.39 -6.84 -6.74
C LEU A 34 -6.90 -7.60 -5.50
N ALA A 35 -6.52 -8.87 -5.43
CA ALA A 35 -6.93 -9.71 -4.31
C ALA A 35 -5.71 -9.98 -3.41
N PHE A 36 -6.00 -10.22 -2.15
CA PHE A 36 -4.94 -10.50 -1.19
C PHE A 36 -5.52 -11.11 0.09
N ARG A 37 -4.62 -11.64 0.91
CA ARG A 37 -5.02 -12.26 2.16
C ARG A 37 -4.64 -11.37 3.34
N LYS A 38 -5.04 -11.81 4.53
CA LYS A 38 -4.76 -11.06 5.74
C LYS A 38 -3.29 -11.28 6.14
N GLY A 39 -2.58 -10.17 6.26
CA GLY A 39 -1.17 -10.22 6.62
C GLY A 39 -0.29 -10.47 5.40
N ASP A 40 -0.59 -9.74 4.34
CA ASP A 40 0.16 -9.87 3.10
C ASP A 40 1.12 -8.68 2.96
N VAL A 41 2.30 -8.97 2.44
CA VAL A 41 3.30 -7.94 2.25
C VAL A 41 3.20 -7.39 0.82
N VAL A 42 3.12 -6.07 0.72
CA VAL A 42 3.03 -5.42 -0.57
C VAL A 42 3.91 -4.17 -0.57
N THR A 43 4.35 -3.81 -1.76
CA THR A 43 5.20 -2.64 -1.92
C THR A 43 4.43 -1.50 -2.59
N ILE A 44 4.50 -0.33 -1.96
CA ILE A 44 3.81 0.84 -2.48
C ILE A 44 4.40 1.21 -3.84
N LEU A 45 3.68 0.81 -4.88
CA LEU A 45 4.11 1.08 -6.24
C LEU A 45 4.10 2.61 -6.48
N GLU A 46 2.98 3.21 -6.14
CA GLU A 46 2.83 4.65 -6.31
C GLU A 46 2.04 5.25 -5.14
N ALA A 47 1.84 6.55 -5.20
CA ALA A 47 1.10 7.25 -4.16
C ALA A 47 -0.39 7.24 -4.50
N CYS A 48 -1.20 7.15 -3.45
CA CYS A 48 -2.64 7.13 -3.63
C CYS A 48 -3.03 8.22 -4.63
N GLU A 49 -4.09 7.95 -5.37
CA GLU A 49 -4.56 8.89 -6.37
C GLU A 49 -5.96 8.49 -6.86
N ASN A 50 -6.74 7.95 -5.93
CA ASN A 50 -8.09 7.52 -6.25
C ASN A 50 -9.00 7.79 -5.04
N LYS A 51 -8.53 8.66 -4.17
CA LYS A 51 -9.29 9.01 -2.98
C LYS A 51 -9.38 7.78 -2.07
N SER A 52 -8.45 7.69 -1.13
CA SER A 52 -8.42 6.58 -0.20
C SER A 52 -8.20 5.27 -0.95
N TRP A 53 -7.08 5.21 -1.63
CA TRP A 53 -6.73 4.02 -2.40
C TRP A 53 -5.23 4.09 -2.75
N TYR A 54 -4.56 2.98 -2.49
CA TYR A 54 -3.13 2.92 -2.77
C TYR A 54 -2.81 1.76 -3.73
N ARG A 55 -1.77 1.97 -4.52
CA ARG A 55 -1.35 0.96 -5.48
C ARG A 55 -0.09 0.25 -5.00
N VAL A 56 -0.26 -1.02 -4.65
CA VAL A 56 0.86 -1.82 -4.17
C VAL A 56 1.05 -3.02 -5.10
N LYS A 57 2.11 -3.77 -4.81
CA LYS A 57 2.42 -4.95 -5.62
C LYS A 57 2.48 -6.17 -4.70
N HIS A 58 1.72 -7.19 -5.07
CA HIS A 58 1.68 -8.42 -4.30
C HIS A 58 2.96 -9.23 -4.56
N HIS A 59 3.69 -9.49 -3.49
CA HIS A 59 4.92 -10.24 -3.60
C HIS A 59 4.62 -11.64 -4.13
N THR A 60 3.96 -12.44 -3.31
CA THR A 60 3.61 -13.79 -3.69
C THR A 60 3.02 -13.82 -5.10
N SER A 61 1.91 -13.11 -5.25
CA SER A 61 1.24 -13.04 -6.53
C SER A 61 2.18 -12.45 -7.59
N GLY A 62 2.38 -11.14 -7.49
CA GLY A 62 3.24 -10.45 -8.42
C GLY A 62 2.44 -9.51 -9.32
N GLN A 63 1.19 -9.29 -8.94
CA GLN A 63 0.32 -8.42 -9.70
C GLN A 63 0.33 -7.00 -9.14
N GLU A 64 -0.45 -6.14 -9.76
CA GLU A 64 -0.53 -4.75 -9.32
C GLU A 64 -1.98 -4.26 -9.37
N GLY A 65 -2.51 -3.95 -8.19
CA GLY A 65 -3.87 -3.48 -8.08
C GLY A 65 -3.99 -2.41 -7.00
N LEU A 66 -5.19 -1.84 -6.90
CA LEU A 66 -5.44 -0.80 -5.92
C LEU A 66 -5.77 -1.46 -4.58
N LEU A 67 -5.52 -0.70 -3.51
CA LEU A 67 -5.78 -1.20 -2.17
C LEU A 67 -6.46 -0.10 -1.35
N ALA A 68 -7.31 -0.53 -0.43
CA ALA A 68 -8.02 0.41 0.43
C ALA A 68 -7.03 1.05 1.41
N ALA A 69 -6.92 2.36 1.29
CA ALA A 69 -6.01 3.10 2.17
C ALA A 69 -6.38 2.84 3.62
N GLY A 70 -7.62 2.42 3.82
CA GLY A 70 -8.11 2.14 5.16
C GLY A 70 -8.14 0.62 5.41
N ALA A 71 -7.20 -0.07 4.78
CA ALA A 71 -7.11 -1.51 4.93
C ALA A 71 -5.63 -1.93 4.91
N LEU A 72 -4.78 -0.95 5.15
CA LEU A 72 -3.35 -1.21 5.15
C LEU A 72 -2.76 -0.77 6.50
N ARG A 73 -1.69 -1.45 6.89
CA ARG A 73 -1.03 -1.15 8.15
C ARG A 73 0.49 -1.21 7.98
N GLU A 74 1.18 -0.77 9.02
CA GLU A 74 2.63 -0.79 9.00
C GLU A 74 3.16 -2.10 9.57
N ARG A 75 3.72 -2.92 8.69
CA ARG A 75 4.26 -4.20 9.09
C ARG A 75 5.05 -4.06 10.39
N SER A 76 4.47 -4.58 11.46
CA SER A 76 5.11 -4.52 12.77
C SER A 76 4.33 -5.36 13.77
N GLY A 77 4.60 -6.65 13.75
CA GLY A 77 3.93 -7.58 14.66
C GLY A 77 4.84 -7.97 15.82
N PRO A 78 4.20 -8.45 16.92
CA PRO A 78 4.94 -8.85 18.10
C PRO A 78 5.63 -10.20 17.87
N SER A 79 6.47 -10.24 16.85
CA SER A 79 7.19 -11.45 16.52
C SER A 79 8.49 -11.12 15.77
N SER A 80 9.47 -11.99 15.94
CA SER A 80 10.76 -11.79 15.28
C SER A 80 11.44 -10.54 15.86
N GLY A 81 12.66 -10.74 16.33
CA GLY A 81 13.43 -9.64 16.89
C GLY A 81 13.73 -8.59 15.84
N GLY A 1 8.39 22.96 -10.97
CA GLY A 1 7.78 22.61 -9.70
C GLY A 1 6.34 22.13 -9.90
N SER A 2 6.21 20.96 -10.49
CA SER A 2 4.90 20.38 -10.75
C SER A 2 4.60 19.29 -9.71
N SER A 3 3.52 19.51 -8.97
CA SER A 3 3.11 18.55 -7.96
C SER A 3 3.26 17.13 -8.48
N GLY A 4 4.33 16.48 -8.05
CA GLY A 4 4.60 15.11 -8.46
C GLY A 4 5.45 14.38 -7.42
N SER A 5 5.81 13.14 -7.76
CA SER A 5 6.62 12.33 -6.87
C SER A 5 7.92 13.07 -6.53
N SER A 6 8.63 12.52 -5.54
CA SER A 6 9.88 13.11 -5.12
C SER A 6 10.64 12.13 -4.22
N GLY A 7 9.98 11.73 -3.14
CA GLY A 7 10.58 10.81 -2.20
C GLY A 7 11.36 11.54 -1.10
N ARG A 8 12.66 11.29 -1.07
CA ARG A 8 13.51 11.92 -0.09
C ARG A 8 12.86 11.88 1.30
N MET A 9 13.15 10.81 2.02
CA MET A 9 12.61 10.63 3.36
C MET A 9 11.08 10.58 3.32
N PRO A 10 10.50 9.77 4.24
CA PRO A 10 9.05 9.64 4.32
C PRO A 10 8.42 10.87 4.96
N THR A 11 7.44 11.43 4.26
CA THR A 11 6.74 12.61 4.76
C THR A 11 5.26 12.54 4.38
N ARG A 12 4.44 12.36 5.41
CA ARG A 12 3.00 12.28 5.20
C ARG A 12 2.66 11.09 4.31
N ARG A 13 1.79 10.22 4.83
CA ARG A 13 1.38 9.05 4.10
C ARG A 13 2.59 8.18 3.75
N TRP A 14 2.31 6.91 3.49
CA TRP A 14 3.37 5.97 3.14
C TRP A 14 3.94 6.40 1.79
N ALA A 15 5.20 6.03 1.57
CA ALA A 15 5.88 6.37 0.33
C ALA A 15 5.99 5.11 -0.54
N PRO A 16 6.51 5.32 -1.78
CA PRO A 16 6.68 4.21 -2.71
C PRO A 16 7.87 3.33 -2.32
N GLY A 17 7.58 2.08 -2.01
CA GLY A 17 8.61 1.15 -1.62
C GLY A 17 8.40 0.66 -0.18
N THR A 18 7.46 1.32 0.50
CA THR A 18 7.16 0.96 1.88
C THR A 18 6.34 -0.33 1.92
N GLN A 19 6.66 -1.16 2.90
CA GLN A 19 5.96 -2.42 3.07
C GLN A 19 4.75 -2.25 3.98
N CYS A 20 3.58 -2.55 3.42
CA CYS A 20 2.34 -2.42 4.17
C CYS A 20 1.72 -3.81 4.31
N ILE A 21 0.94 -3.99 5.36
CA ILE A 21 0.29 -5.26 5.62
C ILE A 21 -1.23 -5.06 5.59
N THR A 22 -1.92 -6.10 5.14
CA THR A 22 -3.37 -6.05 5.06
C THR A 22 -3.99 -6.36 6.41
N LYS A 23 -4.91 -5.49 6.83
CA LYS A 23 -5.58 -5.65 8.10
C LYS A 23 -6.65 -6.74 7.97
N CYS A 24 -7.16 -6.88 6.75
CA CYS A 24 -8.19 -7.87 6.48
C CYS A 24 -7.77 -8.65 5.23
N GLU A 25 -8.58 -9.66 4.90
CA GLU A 25 -8.32 -10.49 3.74
C GLU A 25 -9.35 -10.21 2.65
N HIS A 26 -8.86 -10.15 1.42
CA HIS A 26 -9.71 -9.90 0.28
C HIS A 26 -9.55 -11.01 -0.76
N THR A 27 -10.55 -11.87 -0.83
CA THR A 27 -10.52 -12.98 -1.77
C THR A 27 -11.19 -12.59 -3.09
N ARG A 28 -12.19 -11.72 -2.96
CA ARG A 28 -12.93 -11.26 -4.12
C ARG A 28 -13.00 -9.73 -4.13
N PRO A 29 -11.99 -9.11 -4.80
CA PRO A 29 -11.94 -7.66 -4.89
C PRO A 29 -12.98 -7.13 -5.88
N LYS A 30 -13.04 -5.81 -5.97
CA LYS A 30 -13.98 -5.17 -6.88
C LYS A 30 -13.61 -5.51 -8.33
N PRO A 31 -14.47 -5.04 -9.27
CA PRO A 31 -14.24 -5.28 -10.67
C PRO A 31 -13.11 -4.40 -11.22
N GLY A 32 -11.91 -4.95 -11.17
CA GLY A 32 -10.74 -4.22 -11.65
C GLY A 32 -9.77 -3.92 -10.49
N GLU A 33 -9.89 -4.71 -9.44
CA GLU A 33 -9.04 -4.53 -8.28
C GLU A 33 -8.19 -5.78 -8.04
N LEU A 34 -7.30 -5.68 -7.07
CA LEU A 34 -6.41 -6.78 -6.74
C LEU A 34 -6.95 -7.50 -5.50
N ALA A 35 -6.55 -8.77 -5.38
CA ALA A 35 -6.99 -9.57 -4.25
C ALA A 35 -5.78 -9.85 -3.34
N PHE A 36 -6.09 -10.22 -2.10
CA PHE A 36 -5.06 -10.51 -1.13
C PHE A 36 -5.65 -11.14 0.13
N ARG A 37 -4.76 -11.53 1.04
CA ARG A 37 -5.18 -12.14 2.28
C ARG A 37 -4.81 -11.24 3.47
N LYS A 38 -5.20 -11.68 4.66
CA LYS A 38 -4.92 -10.93 5.87
C LYS A 38 -3.48 -11.22 6.31
N GLY A 39 -2.68 -10.16 6.29
CA GLY A 39 -1.29 -10.28 6.67
C GLY A 39 -0.39 -10.55 5.46
N ASP A 40 -0.64 -9.79 4.40
CA ASP A 40 0.13 -9.94 3.19
C ASP A 40 1.10 -8.77 3.05
N VAL A 41 2.30 -9.08 2.58
CA VAL A 41 3.31 -8.05 2.40
C VAL A 41 3.24 -7.52 0.96
N VAL A 42 3.23 -6.19 0.86
CA VAL A 42 3.16 -5.55 -0.44
C VAL A 42 4.13 -4.36 -0.46
N THR A 43 4.24 -3.75 -1.64
CA THR A 43 5.11 -2.61 -1.81
C THR A 43 4.36 -1.47 -2.49
N ILE A 44 4.51 -0.27 -1.91
CA ILE A 44 3.86 0.90 -2.45
C ILE A 44 4.51 1.28 -3.78
N LEU A 45 3.74 1.09 -4.86
CA LEU A 45 4.23 1.40 -6.19
C LEU A 45 4.10 2.90 -6.43
N GLU A 46 2.88 3.40 -6.26
CA GLU A 46 2.62 4.81 -6.46
C GLU A 46 1.52 5.29 -5.52
N ALA A 47 1.78 6.40 -4.85
CA ALA A 47 0.82 6.96 -3.92
C ALA A 47 -0.11 7.93 -4.67
N CYS A 48 -1.33 8.01 -4.18
CA CYS A 48 -2.33 8.89 -4.80
C CYS A 48 -3.02 8.11 -5.91
N GLU A 49 -4.20 7.59 -5.59
CA GLU A 49 -4.97 6.83 -6.55
C GLU A 49 -6.46 7.06 -6.33
N ASN A 50 -6.87 8.31 -6.47
CA ASN A 50 -8.26 8.69 -6.29
C ASN A 50 -8.55 8.84 -4.80
N LYS A 51 -7.49 9.06 -4.03
CA LYS A 51 -7.62 9.23 -2.60
C LYS A 51 -8.13 7.92 -1.99
N SER A 52 -7.77 7.72 -0.73
CA SER A 52 -8.19 6.52 -0.02
C SER A 52 -7.96 5.28 -0.89
N TRP A 53 -6.79 5.24 -1.50
CA TRP A 53 -6.45 4.12 -2.37
C TRP A 53 -4.93 4.15 -2.60
N TYR A 54 -4.35 2.95 -2.62
CA TYR A 54 -2.92 2.83 -2.82
C TYR A 54 -2.60 1.63 -3.73
N ARG A 55 -1.82 1.91 -4.76
CA ARG A 55 -1.43 0.87 -5.70
C ARG A 55 -0.12 0.21 -5.25
N VAL A 56 -0.26 -1.03 -4.78
CA VAL A 56 0.90 -1.77 -4.32
C VAL A 56 1.07 -3.02 -5.19
N LYS A 57 2.15 -3.75 -4.92
CA LYS A 57 2.45 -4.95 -5.67
C LYS A 57 2.43 -6.15 -4.72
N HIS A 58 1.63 -7.14 -5.08
CA HIS A 58 1.52 -8.35 -4.28
C HIS A 58 2.76 -9.21 -4.47
N HIS A 59 3.42 -9.50 -3.36
CA HIS A 59 4.62 -10.31 -3.39
C HIS A 59 4.29 -11.70 -3.95
N THR A 60 3.55 -12.46 -3.15
CA THR A 60 3.16 -13.80 -3.54
C THR A 60 2.52 -13.77 -4.93
N SER A 61 1.39 -13.10 -5.01
CA SER A 61 0.65 -12.99 -6.27
C SER A 61 1.59 -12.49 -7.37
N GLY A 62 2.07 -11.27 -7.19
CA GLY A 62 2.97 -10.67 -8.15
C GLY A 62 2.21 -9.74 -9.10
N GLN A 63 0.97 -9.47 -8.74
CA GLN A 63 0.13 -8.59 -9.55
C GLN A 63 0.15 -7.17 -8.99
N GLU A 64 -0.57 -6.29 -9.67
CA GLU A 64 -0.64 -4.90 -9.26
C GLU A 64 -2.08 -4.39 -9.35
N GLY A 65 -2.61 -3.98 -8.20
CA GLY A 65 -3.97 -3.46 -8.14
C GLY A 65 -4.10 -2.37 -7.09
N LEU A 66 -5.26 -1.74 -7.07
CA LEU A 66 -5.52 -0.68 -6.12
C LEU A 66 -5.89 -1.29 -4.76
N LEU A 67 -5.38 -0.65 -3.71
CA LEU A 67 -5.64 -1.13 -2.36
C LEU A 67 -6.25 0.00 -1.54
N ALA A 68 -7.18 -0.37 -0.68
CA ALA A 68 -7.85 0.61 0.17
C ALA A 68 -6.86 1.15 1.21
N ALA A 69 -6.81 2.47 1.29
CA ALA A 69 -5.91 3.12 2.23
C ALA A 69 -6.36 2.81 3.65
N GLY A 70 -7.63 2.46 3.78
CA GLY A 70 -8.20 2.14 5.08
C GLY A 70 -8.24 0.63 5.30
N ALA A 71 -7.19 -0.04 4.84
CA ALA A 71 -7.10 -1.48 4.98
C ALA A 71 -5.63 -1.90 4.89
N LEU A 72 -4.76 -0.98 5.29
CA LEU A 72 -3.33 -1.25 5.26
C LEU A 72 -2.72 -0.83 6.60
N ARG A 73 -1.62 -1.48 6.95
CA ARG A 73 -0.94 -1.19 8.19
C ARG A 73 0.58 -1.30 8.00
N GLU A 74 1.31 -0.87 9.03
CA GLU A 74 2.76 -0.91 8.98
C GLU A 74 3.27 -2.25 9.53
N ARG A 75 3.83 -3.04 8.62
CA ARG A 75 4.36 -4.34 8.99
C ARG A 75 5.22 -4.22 10.26
N SER A 76 6.34 -3.53 10.11
CA SER A 76 7.25 -3.34 11.22
C SER A 76 6.51 -2.69 12.40
N GLY A 77 6.07 -3.54 13.32
CA GLY A 77 5.36 -3.07 14.49
C GLY A 77 6.31 -2.82 15.66
N PRO A 78 5.86 -1.96 16.61
CA PRO A 78 6.66 -1.64 17.77
C PRO A 78 6.66 -2.80 18.77
N SER A 79 7.47 -2.64 19.81
CA SER A 79 7.57 -3.66 20.84
C SER A 79 7.75 -5.04 20.20
N SER A 80 9.00 -5.36 19.91
CA SER A 80 9.31 -6.64 19.30
C SER A 80 10.62 -7.20 19.89
N GLY A 81 10.48 -8.32 20.58
CA GLY A 81 11.63 -8.96 21.20
C GLY A 81 11.20 -10.18 22.01
N GLY A 1 1.26 22.25 -18.83
CA GLY A 1 1.49 21.51 -17.62
C GLY A 1 2.68 22.08 -16.84
N SER A 2 2.36 22.82 -15.80
CA SER A 2 3.39 23.44 -14.97
C SER A 2 3.53 22.65 -13.65
N SER A 3 4.78 22.46 -13.26
CA SER A 3 5.09 21.74 -12.03
C SER A 3 5.17 22.72 -10.87
N GLY A 4 4.04 22.86 -10.16
CA GLY A 4 3.98 23.74 -9.02
C GLY A 4 3.09 23.16 -7.92
N SER A 5 3.71 22.33 -7.08
CA SER A 5 2.99 21.71 -5.99
C SER A 5 3.10 22.57 -4.73
N SER A 6 1.95 22.84 -4.13
CA SER A 6 1.90 23.64 -2.92
C SER A 6 2.10 22.76 -1.69
N GLY A 7 3.36 22.61 -1.31
CA GLY A 7 3.70 21.79 -0.15
C GLY A 7 3.80 22.64 1.12
N ARG A 8 2.72 22.66 1.86
CA ARG A 8 2.67 23.43 3.10
C ARG A 8 2.09 22.58 4.24
N MET A 9 0.89 22.06 4.00
CA MET A 9 0.23 21.24 5.00
C MET A 9 1.13 20.09 5.45
N PRO A 10 0.93 19.67 6.72
CA PRO A 10 1.72 18.58 7.29
C PRO A 10 1.26 17.23 6.73
N THR A 11 1.36 17.11 5.41
CA THR A 11 0.96 15.87 4.75
C THR A 11 2.06 14.82 4.89
N ARG A 12 1.65 13.65 5.37
CA ARG A 12 2.58 12.55 5.55
C ARG A 12 1.86 11.21 5.39
N ARG A 13 2.52 10.32 4.66
CA ARG A 13 1.96 9.00 4.40
C ARG A 13 3.05 8.05 3.92
N TRP A 14 2.62 6.85 3.56
CA TRP A 14 3.54 5.83 3.08
C TRP A 14 3.98 6.23 1.67
N ALA A 15 5.27 6.04 1.42
CA ALA A 15 5.83 6.38 0.12
C ALA A 15 5.98 5.10 -0.71
N PRO A 16 6.44 5.30 -1.97
CA PRO A 16 6.64 4.17 -2.88
C PRO A 16 7.88 3.37 -2.51
N GLY A 17 7.65 2.14 -2.08
CA GLY A 17 8.75 1.27 -1.69
C GLY A 17 8.52 0.70 -0.29
N THR A 18 7.59 1.31 0.42
CA THR A 18 7.26 0.87 1.77
C THR A 18 6.39 -0.38 1.72
N GLN A 19 6.58 -1.23 2.73
CA GLN A 19 5.83 -2.46 2.81
C GLN A 19 4.64 -2.29 3.78
N CYS A 20 3.45 -2.47 3.23
CA CYS A 20 2.24 -2.33 4.01
C CYS A 20 1.61 -3.72 4.17
N ILE A 21 0.87 -3.89 5.26
CA ILE A 21 0.22 -5.15 5.53
C ILE A 21 -1.30 -4.96 5.47
N THR A 22 -1.98 -6.01 5.03
CA THR A 22 -3.43 -5.97 4.91
C THR A 22 -4.08 -6.25 6.26
N LYS A 23 -4.98 -5.36 6.64
CA LYS A 23 -5.68 -5.49 7.91
C LYS A 23 -6.63 -6.68 7.84
N CYS A 24 -7.17 -6.90 6.65
CA CYS A 24 -8.10 -8.00 6.43
C CYS A 24 -7.70 -8.72 5.14
N GLU A 25 -8.51 -9.70 4.77
CA GLU A 25 -8.26 -10.46 3.56
C GLU A 25 -9.26 -10.08 2.47
N HIS A 26 -8.79 -10.14 1.24
CA HIS A 26 -9.64 -9.81 0.10
C HIS A 26 -9.55 -10.92 -0.95
N THR A 27 -10.61 -11.71 -1.03
CA THR A 27 -10.67 -12.80 -1.98
C THR A 27 -11.28 -12.33 -3.29
N ARG A 28 -12.38 -11.60 -3.17
CA ARG A 28 -13.07 -11.09 -4.34
C ARG A 28 -13.11 -9.56 -4.31
N PRO A 29 -12.07 -8.95 -4.94
CA PRO A 29 -11.98 -7.50 -4.99
C PRO A 29 -12.97 -6.92 -6.00
N LYS A 30 -13.02 -5.59 -6.03
CA LYS A 30 -13.92 -4.90 -6.94
C LYS A 30 -13.54 -5.24 -8.38
N PRO A 31 -14.38 -4.73 -9.32
CA PRO A 31 -14.14 -4.97 -10.73
C PRO A 31 -12.99 -4.11 -11.25
N GLY A 32 -11.80 -4.69 -11.23
CA GLY A 32 -10.62 -4.00 -11.69
C GLY A 32 -9.65 -3.74 -10.52
N GLU A 33 -9.79 -4.56 -9.50
CA GLU A 33 -8.93 -4.43 -8.32
C GLU A 33 -8.08 -5.70 -8.15
N LEU A 34 -7.22 -5.65 -7.14
CA LEU A 34 -6.36 -6.78 -6.86
C LEU A 34 -6.91 -7.55 -5.65
N ALA A 35 -6.53 -8.82 -5.59
CA ALA A 35 -6.98 -9.68 -4.50
C ALA A 35 -5.77 -10.07 -3.64
N PHE A 36 -6.05 -10.34 -2.37
CA PHE A 36 -5.01 -10.73 -1.43
C PHE A 36 -5.61 -11.30 -0.15
N ARG A 37 -4.73 -11.75 0.72
CA ARG A 37 -5.15 -12.32 1.99
C ARG A 37 -4.73 -11.42 3.15
N LYS A 38 -5.17 -11.79 4.34
CA LYS A 38 -4.85 -11.03 5.53
C LYS A 38 -3.37 -11.22 5.86
N GLY A 39 -2.77 -10.14 6.35
CA GLY A 39 -1.36 -10.18 6.71
C GLY A 39 -0.49 -10.47 5.49
N ASP A 40 -0.75 -9.72 4.44
CA ASP A 40 0.00 -9.88 3.20
C ASP A 40 1.00 -8.73 3.05
N VAL A 41 2.17 -9.05 2.55
CA VAL A 41 3.21 -8.05 2.34
C VAL A 41 3.13 -7.52 0.90
N VAL A 42 3.16 -6.20 0.78
CA VAL A 42 3.10 -5.57 -0.52
C VAL A 42 4.13 -4.45 -0.59
N THR A 43 4.18 -3.79 -1.74
CA THR A 43 5.12 -2.71 -1.94
C THR A 43 4.42 -1.51 -2.60
N ILE A 44 4.49 -0.39 -1.90
CA ILE A 44 3.87 0.83 -2.40
C ILE A 44 4.48 1.19 -3.76
N LEU A 45 3.66 1.07 -4.79
CA LEU A 45 4.10 1.38 -6.14
C LEU A 45 3.94 2.88 -6.40
N GLU A 46 2.71 3.34 -6.29
CA GLU A 46 2.40 4.73 -6.51
C GLU A 46 1.22 5.17 -5.64
N ALA A 47 1.38 6.33 -5.02
CA ALA A 47 0.34 6.86 -4.16
C ALA A 47 -0.25 8.12 -4.79
N CYS A 48 -1.49 8.01 -5.22
CA CYS A 48 -2.18 9.13 -5.84
C CYS A 48 -3.58 8.68 -6.22
N GLU A 49 -4.39 9.64 -6.66
CA GLU A 49 -5.76 9.36 -7.06
C GLU A 49 -6.55 8.81 -5.87
N ASN A 50 -7.45 9.66 -5.37
CA ASN A 50 -8.28 9.27 -4.24
C ASN A 50 -7.43 9.23 -2.97
N LYS A 51 -7.86 10.01 -1.99
CA LYS A 51 -7.14 10.07 -0.72
C LYS A 51 -7.60 8.92 0.18
N SER A 52 -7.59 7.72 -0.39
CA SER A 52 -8.00 6.54 0.35
C SER A 52 -7.78 5.29 -0.50
N TRP A 53 -6.64 5.27 -1.17
CA TRP A 53 -6.29 4.14 -2.02
C TRP A 53 -4.78 4.16 -2.22
N TYR A 54 -4.22 2.96 -2.45
CA TYR A 54 -2.80 2.83 -2.66
C TYR A 54 -2.49 1.64 -3.57
N ARG A 55 -1.76 1.92 -4.63
CA ARG A 55 -1.39 0.87 -5.58
C ARG A 55 -0.10 0.19 -5.14
N VAL A 56 -0.26 -1.04 -4.66
CA VAL A 56 0.88 -1.81 -4.20
C VAL A 56 1.04 -3.04 -5.10
N LYS A 57 2.15 -3.75 -4.88
CA LYS A 57 2.43 -4.94 -5.66
C LYS A 57 2.56 -6.15 -4.71
N HIS A 58 1.73 -7.14 -4.98
CA HIS A 58 1.73 -8.35 -4.17
C HIS A 58 2.97 -9.19 -4.49
N HIS A 59 3.73 -9.49 -3.46
CA HIS A 59 4.95 -10.28 -3.61
C HIS A 59 4.60 -11.63 -4.23
N THR A 60 4.10 -12.52 -3.39
CA THR A 60 3.73 -13.86 -3.84
C THR A 60 3.01 -13.77 -5.19
N SER A 61 1.85 -13.13 -5.17
CA SER A 61 1.06 -12.97 -6.38
C SER A 61 1.93 -12.44 -7.51
N GLY A 62 2.42 -11.22 -7.32
CA GLY A 62 3.26 -10.58 -8.32
C GLY A 62 2.45 -9.64 -9.21
N GLN A 63 1.20 -9.44 -8.81
CA GLN A 63 0.31 -8.57 -9.56
C GLN A 63 0.31 -7.17 -8.95
N GLU A 64 -0.37 -6.26 -9.63
CA GLU A 64 -0.47 -4.88 -9.16
C GLU A 64 -1.90 -4.38 -9.27
N GLY A 65 -2.43 -3.95 -8.14
CA GLY A 65 -3.79 -3.43 -8.09
C GLY A 65 -3.93 -2.36 -7.01
N LEU A 66 -5.13 -1.79 -6.95
CA LEU A 66 -5.41 -0.75 -5.97
C LEU A 66 -5.69 -1.40 -4.61
N LEU A 67 -5.40 -0.65 -3.56
CA LEU A 67 -5.61 -1.14 -2.21
C LEU A 67 -6.19 -0.01 -1.35
N ALA A 68 -7.05 -0.40 -0.42
CA ALA A 68 -7.69 0.57 0.46
C ALA A 68 -6.65 1.08 1.46
N ALA A 69 -6.57 2.40 1.57
CA ALA A 69 -5.64 3.03 2.48
C ALA A 69 -6.06 2.74 3.92
N GLY A 70 -7.33 2.41 4.07
CA GLY A 70 -7.87 2.11 5.39
C GLY A 70 -7.78 0.61 5.69
N ALA A 71 -7.36 -0.14 4.67
CA ALA A 71 -7.22 -1.58 4.82
C ALA A 71 -5.75 -1.95 4.76
N LEU A 72 -4.90 -0.97 5.07
CA LEU A 72 -3.47 -1.19 5.06
C LEU A 72 -2.89 -0.75 6.41
N ARG A 73 -1.77 -1.38 6.76
CA ARG A 73 -1.11 -1.06 8.02
C ARG A 73 0.41 -1.17 7.86
N GLU A 74 1.11 -0.72 8.89
CA GLU A 74 2.57 -0.77 8.87
C GLU A 74 3.07 -2.10 9.43
N ARG A 75 3.70 -2.87 8.56
CA ARG A 75 4.24 -4.16 8.95
C ARG A 75 5.10 -4.02 10.21
N SER A 76 6.09 -3.15 10.12
CA SER A 76 6.99 -2.92 11.23
C SER A 76 7.40 -4.26 11.86
N GLY A 77 8.27 -4.96 11.16
CA GLY A 77 8.75 -6.24 11.64
C GLY A 77 9.07 -6.19 13.14
N PRO A 78 9.05 -7.39 13.77
CA PRO A 78 9.34 -7.49 15.19
C PRO A 78 10.84 -7.34 15.46
N SER A 79 11.17 -7.26 16.74
CA SER A 79 12.56 -7.12 17.14
C SER A 79 13.05 -8.41 17.80
N SER A 80 14.36 -8.49 17.97
CA SER A 80 14.97 -9.66 18.58
C SER A 80 14.31 -9.94 19.94
N GLY A 81 14.35 -11.21 20.32
CA GLY A 81 13.77 -11.62 21.58
C GLY A 81 14.65 -11.20 22.76
N GLY A 1 3.40 14.49 -20.63
CA GLY A 1 4.69 14.37 -19.97
C GLY A 1 4.52 14.31 -18.46
N SER A 2 4.83 13.15 -17.90
CA SER A 2 4.71 12.95 -16.47
C SER A 2 6.00 13.40 -15.77
N SER A 3 5.87 14.43 -14.95
CA SER A 3 7.01 14.96 -14.23
C SER A 3 6.54 15.68 -12.97
N GLY A 4 7.47 15.84 -12.03
CA GLY A 4 7.16 16.52 -10.78
C GLY A 4 7.59 17.99 -10.82
N SER A 5 8.16 18.44 -9.72
CA SER A 5 8.61 19.81 -9.62
C SER A 5 9.54 19.97 -8.41
N SER A 6 10.82 20.15 -8.70
CA SER A 6 11.82 20.31 -7.66
C SER A 6 11.41 21.44 -6.71
N GLY A 7 11.19 21.07 -5.46
CA GLY A 7 10.80 22.03 -4.45
C GLY A 7 10.84 21.41 -3.05
N ARG A 8 9.69 21.42 -2.40
CA ARG A 8 9.59 20.87 -1.06
C ARG A 8 8.34 19.98 -0.94
N MET A 9 8.33 19.17 0.11
CA MET A 9 7.21 18.27 0.34
C MET A 9 7.29 17.66 1.73
N PRO A 10 6.08 17.44 2.33
CA PRO A 10 5.99 16.87 3.66
C PRO A 10 6.30 15.36 3.63
N THR A 11 6.64 14.84 4.79
CA THR A 11 6.96 13.42 4.91
C THR A 11 5.80 12.68 5.57
N ARG A 12 4.68 12.65 4.86
CA ARG A 12 3.49 11.98 5.37
C ARG A 12 3.09 10.84 4.42
N ARG A 13 2.11 10.07 4.86
CA ARG A 13 1.62 8.96 4.07
C ARG A 13 2.75 7.97 3.78
N TRP A 14 2.38 6.82 3.23
CA TRP A 14 3.35 5.79 2.91
C TRP A 14 3.95 6.13 1.55
N ALA A 15 5.28 6.10 1.50
CA ALA A 15 5.99 6.39 0.27
C ALA A 15 6.04 5.15 -0.61
N PRO A 16 6.45 5.35 -1.88
CA PRO A 16 6.54 4.25 -2.84
C PRO A 16 7.76 3.38 -2.54
N GLY A 17 7.49 2.16 -2.09
CA GLY A 17 8.55 1.22 -1.77
C GLY A 17 8.38 0.66 -0.37
N THR A 18 7.48 1.28 0.39
CA THR A 18 7.21 0.85 1.75
C THR A 18 6.34 -0.40 1.75
N GLN A 19 6.61 -1.27 2.71
CA GLN A 19 5.87 -2.52 2.84
C GLN A 19 4.69 -2.33 3.80
N CYS A 20 3.49 -2.49 3.26
CA CYS A 20 2.28 -2.35 4.06
C CYS A 20 1.65 -3.73 4.22
N ILE A 21 0.89 -3.87 5.29
CA ILE A 21 0.22 -5.14 5.57
C ILE A 21 -1.29 -4.93 5.50
N THR A 22 -1.97 -5.99 5.09
CA THR A 22 -3.42 -5.93 4.97
C THR A 22 -4.08 -6.17 6.34
N LYS A 23 -5.05 -5.32 6.65
CA LYS A 23 -5.75 -5.43 7.92
C LYS A 23 -6.72 -6.61 7.85
N CYS A 24 -7.24 -6.85 6.66
CA CYS A 24 -8.18 -7.94 6.45
C CYS A 24 -7.79 -8.67 5.17
N GLU A 25 -8.53 -9.73 4.88
CA GLU A 25 -8.28 -10.53 3.69
C GLU A 25 -9.28 -10.17 2.59
N HIS A 26 -8.78 -10.12 1.37
CA HIS A 26 -9.62 -9.79 0.22
C HIS A 26 -9.49 -10.89 -0.84
N THR A 27 -10.54 -11.70 -0.94
CA THR A 27 -10.56 -12.78 -1.91
C THR A 27 -11.20 -12.32 -3.21
N ARG A 28 -12.23 -11.48 -3.07
CA ARG A 28 -12.93 -10.97 -4.23
C ARG A 28 -12.92 -9.44 -4.21
N PRO A 29 -11.89 -8.86 -4.88
CA PRO A 29 -11.75 -7.42 -4.95
C PRO A 29 -12.76 -6.82 -5.93
N LYS A 30 -12.76 -5.50 -6.00
CA LYS A 30 -13.67 -4.79 -6.88
C LYS A 30 -13.33 -5.15 -8.34
N PRO A 31 -14.17 -4.62 -9.26
CA PRO A 31 -13.97 -4.87 -10.68
C PRO A 31 -12.80 -4.06 -11.23
N GLY A 32 -11.62 -4.68 -11.18
CA GLY A 32 -10.41 -4.03 -11.66
C GLY A 32 -9.45 -3.76 -10.52
N GLU A 33 -9.60 -4.54 -9.45
CA GLU A 33 -8.74 -4.39 -8.29
C GLU A 33 -7.93 -5.67 -8.06
N LEU A 34 -7.03 -5.59 -7.10
CA LEU A 34 -6.17 -6.73 -6.78
C LEU A 34 -6.74 -7.45 -5.55
N ALA A 35 -6.37 -8.72 -5.42
CA ALA A 35 -6.82 -9.52 -4.31
C ALA A 35 -5.65 -9.83 -3.39
N PHE A 36 -5.97 -10.26 -2.18
CA PHE A 36 -4.95 -10.59 -1.20
C PHE A 36 -5.58 -11.18 0.07
N ARG A 37 -4.71 -11.61 0.97
CA ARG A 37 -5.17 -12.20 2.22
C ARG A 37 -4.81 -11.28 3.40
N LYS A 38 -5.19 -11.73 4.58
CA LYS A 38 -4.91 -10.96 5.80
C LYS A 38 -3.45 -11.19 6.20
N GLY A 39 -2.76 -10.08 6.43
CA GLY A 39 -1.36 -10.12 6.83
C GLY A 39 -0.47 -10.44 5.63
N ASP A 40 -0.71 -9.72 4.55
CA ASP A 40 0.06 -9.91 3.32
C ASP A 40 1.04 -8.75 3.17
N VAL A 41 2.21 -9.07 2.63
CA VAL A 41 3.24 -8.06 2.42
C VAL A 41 3.15 -7.54 0.98
N VAL A 42 3.17 -6.21 0.87
CA VAL A 42 3.08 -5.57 -0.43
C VAL A 42 4.14 -4.47 -0.52
N THR A 43 4.12 -3.77 -1.64
CA THR A 43 5.07 -2.70 -1.87
C THR A 43 4.37 -1.50 -2.52
N ILE A 44 4.41 -0.37 -1.82
CA ILE A 44 3.79 0.84 -2.31
C ILE A 44 4.42 1.22 -3.64
N LEU A 45 3.65 1.06 -4.71
CA LEU A 45 4.13 1.38 -6.04
C LEU A 45 4.02 2.90 -6.26
N GLU A 46 2.79 3.38 -6.23
CA GLU A 46 2.53 4.80 -6.42
C GLU A 46 1.32 5.24 -5.61
N ALA A 47 1.19 6.54 -5.43
CA ALA A 47 0.09 7.10 -4.68
C ALA A 47 -0.78 7.95 -5.62
N CYS A 48 -2.08 7.80 -5.47
CA CYS A 48 -3.02 8.54 -6.29
C CYS A 48 -3.86 9.44 -5.37
N GLU A 49 -4.46 10.46 -5.97
CA GLU A 49 -5.27 11.39 -5.22
C GLU A 49 -6.56 10.70 -4.75
N ASN A 50 -6.73 10.66 -3.44
CA ASN A 50 -7.91 10.04 -2.85
C ASN A 50 -7.71 9.91 -1.34
N LYS A 51 -6.51 9.52 -0.97
CA LYS A 51 -6.17 9.36 0.44
C LYS A 51 -6.98 8.19 1.02
N SER A 52 -7.33 7.27 0.13
CA SER A 52 -8.11 6.10 0.55
C SER A 52 -7.87 4.95 -0.43
N TRP A 53 -6.70 5.00 -1.07
CA TRP A 53 -6.33 3.96 -2.02
C TRP A 53 -4.83 4.05 -2.24
N TYR A 54 -4.23 2.89 -2.52
CA TYR A 54 -2.80 2.83 -2.76
C TYR A 54 -2.45 1.66 -3.69
N ARG A 55 -1.69 1.99 -4.73
CA ARG A 55 -1.29 0.99 -5.70
C ARG A 55 0.00 0.29 -5.23
N VAL A 56 -0.17 -0.96 -4.82
CA VAL A 56 0.96 -1.75 -4.35
C VAL A 56 1.13 -2.98 -5.24
N LYS A 57 2.18 -3.73 -4.97
CA LYS A 57 2.46 -4.94 -5.74
C LYS A 57 2.53 -6.14 -4.79
N HIS A 58 1.71 -7.14 -5.08
CA HIS A 58 1.67 -8.34 -4.27
C HIS A 58 2.94 -9.17 -4.53
N HIS A 59 3.68 -9.39 -3.45
CA HIS A 59 4.91 -10.17 -3.55
C HIS A 59 4.59 -11.57 -4.06
N THR A 60 3.86 -12.32 -3.24
CA THR A 60 3.48 -13.67 -3.59
C THR A 60 2.78 -13.69 -4.95
N SER A 61 1.62 -13.04 -4.99
CA SER A 61 0.84 -12.98 -6.22
C SER A 61 1.72 -12.49 -7.37
N GLY A 62 2.20 -11.25 -7.23
CA GLY A 62 3.04 -10.65 -8.25
C GLY A 62 2.22 -9.78 -9.19
N GLN A 63 1.02 -9.41 -8.74
CA GLN A 63 0.14 -8.58 -9.53
C GLN A 63 0.16 -7.14 -9.01
N GLU A 64 -0.54 -6.27 -9.71
CA GLU A 64 -0.61 -4.87 -9.34
C GLU A 64 -2.06 -4.38 -9.39
N GLY A 65 -2.55 -3.96 -8.24
CA GLY A 65 -3.92 -3.47 -8.15
C GLY A 65 -4.05 -2.42 -7.05
N LEU A 66 -5.23 -1.84 -6.96
CA LEU A 66 -5.50 -0.81 -5.97
C LEU A 66 -5.72 -1.48 -4.61
N LEU A 67 -5.40 -0.74 -3.55
CA LEU A 67 -5.56 -1.24 -2.21
C LEU A 67 -6.11 -0.13 -1.31
N ALA A 68 -7.07 -0.50 -0.49
CA ALA A 68 -7.70 0.45 0.43
C ALA A 68 -6.64 0.99 1.38
N ALA A 69 -6.63 2.31 1.52
CA ALA A 69 -5.68 2.96 2.41
C ALA A 69 -6.06 2.68 3.86
N GLY A 70 -7.34 2.40 4.06
CA GLY A 70 -7.85 2.12 5.39
C GLY A 70 -7.77 0.62 5.70
N ALA A 71 -7.33 -0.14 4.70
CA ALA A 71 -7.21 -1.58 4.84
C ALA A 71 -5.72 -1.97 4.81
N LEU A 72 -4.89 -0.98 5.06
CA LEU A 72 -3.44 -1.19 5.07
C LEU A 72 -2.87 -0.75 6.41
N ARG A 73 -1.77 -1.37 6.78
CA ARG A 73 -1.11 -1.05 8.04
C ARG A 73 0.41 -1.15 7.88
N GLU A 74 1.12 -0.71 8.91
CA GLU A 74 2.57 -0.75 8.91
C GLU A 74 3.06 -2.08 9.48
N ARG A 75 3.72 -2.84 8.62
CA ARG A 75 4.25 -4.14 9.02
C ARG A 75 5.06 -3.99 10.31
N SER A 76 4.75 -4.85 11.27
CA SER A 76 5.44 -4.84 12.55
C SER A 76 5.02 -6.06 13.38
N GLY A 77 6.02 -6.71 13.96
CA GLY A 77 5.77 -7.88 14.77
C GLY A 77 5.94 -7.56 16.26
N PRO A 78 5.88 -8.63 17.10
CA PRO A 78 6.02 -8.48 18.53
C PRO A 78 7.49 -8.22 18.91
N SER A 79 7.93 -6.99 18.65
CA SER A 79 9.29 -6.60 18.96
C SER A 79 9.69 -7.14 20.33
N SER A 80 11.00 -7.16 20.57
CA SER A 80 11.52 -7.65 21.84
C SER A 80 12.34 -6.55 22.51
N GLY A 81 12.17 -6.45 23.82
CA GLY A 81 12.88 -5.45 24.60
C GLY A 81 13.65 -6.10 25.75
N GLY A 1 10.09 22.31 -13.68
CA GLY A 1 9.49 23.58 -13.28
C GLY A 1 9.51 23.72 -11.75
N SER A 2 8.47 23.19 -11.13
CA SER A 2 8.36 23.25 -9.68
C SER A 2 8.08 21.87 -9.11
N SER A 3 8.25 21.74 -7.80
CA SER A 3 8.03 20.48 -7.13
C SER A 3 6.53 20.30 -6.83
N GLY A 4 5.85 19.64 -7.77
CA GLY A 4 4.43 19.39 -7.63
C GLY A 4 3.72 20.62 -7.06
N SER A 5 3.69 21.67 -7.86
CA SER A 5 3.05 22.91 -7.46
C SER A 5 3.78 23.51 -6.25
N SER A 6 3.50 24.78 -6.00
CA SER A 6 4.12 25.48 -4.88
C SER A 6 3.13 25.59 -3.72
N GLY A 7 3.62 25.28 -2.53
CA GLY A 7 2.80 25.34 -1.34
C GLY A 7 3.23 24.29 -0.32
N ARG A 8 4.15 24.70 0.55
CA ARG A 8 4.66 23.82 1.59
C ARG A 8 3.55 23.46 2.57
N MET A 9 3.37 22.16 2.77
CA MET A 9 2.35 21.69 3.69
C MET A 9 2.78 20.37 4.34
N PRO A 10 2.25 20.15 5.58
CA PRO A 10 2.57 18.94 6.33
C PRO A 10 1.83 17.74 5.76
N THR A 11 2.59 16.69 5.48
CA THR A 11 2.01 15.47 4.93
C THR A 11 2.52 14.25 5.71
N ARG A 12 1.64 13.27 5.86
CA ARG A 12 1.98 12.05 6.56
C ARG A 12 1.41 10.83 5.83
N ARG A 13 2.15 10.38 4.83
CA ARG A 13 1.74 9.24 4.05
C ARG A 13 2.93 8.33 3.76
N TRP A 14 2.63 7.10 3.37
CA TRP A 14 3.67 6.13 3.06
C TRP A 14 4.28 6.51 1.71
N ALA A 15 5.50 6.05 1.50
CA ALA A 15 6.20 6.32 0.25
C ALA A 15 6.27 5.05 -0.59
N PRO A 16 6.69 5.23 -1.87
CA PRO A 16 6.80 4.11 -2.78
C PRO A 16 8.04 3.26 -2.46
N GLY A 17 7.78 2.04 -1.99
CA GLY A 17 8.85 1.13 -1.64
C GLY A 17 8.66 0.58 -0.22
N THR A 18 7.70 1.17 0.48
CA THR A 18 7.41 0.74 1.84
C THR A 18 6.52 -0.50 1.84
N GLN A 19 6.76 -1.35 2.81
CA GLN A 19 5.99 -2.58 2.94
C GLN A 19 4.78 -2.37 3.85
N CYS A 20 3.60 -2.60 3.28
CA CYS A 20 2.37 -2.44 4.03
C CYS A 20 1.72 -3.81 4.21
N ILE A 21 0.99 -3.95 5.31
CA ILE A 21 0.33 -5.20 5.61
C ILE A 21 -1.19 -4.99 5.59
N THR A 22 -1.90 -6.05 5.25
CA THR A 22 -3.36 -5.99 5.20
C THR A 22 -3.95 -6.16 6.60
N LYS A 23 -5.09 -5.51 6.80
CA LYS A 23 -5.77 -5.58 8.09
C LYS A 23 -6.70 -6.78 8.09
N CYS A 24 -7.25 -7.09 6.91
CA CYS A 24 -8.16 -8.20 6.77
C CYS A 24 -7.81 -8.95 5.48
N GLU A 25 -8.52 -10.05 5.26
CA GLU A 25 -8.29 -10.85 4.07
C GLU A 25 -9.35 -10.54 3.02
N HIS A 26 -8.88 -10.45 1.76
CA HIS A 26 -9.78 -10.16 0.66
C HIS A 26 -9.60 -11.22 -0.43
N THR A 27 -10.60 -12.10 -0.52
CA THR A 27 -10.57 -13.16 -1.51
C THR A 27 -11.31 -12.72 -2.78
N ARG A 28 -12.35 -11.94 -2.58
CA ARG A 28 -13.15 -11.45 -3.69
C ARG A 28 -13.22 -9.93 -3.65
N PRO A 29 -12.26 -9.28 -4.37
CA PRO A 29 -12.22 -7.84 -4.43
C PRO A 29 -13.31 -7.29 -5.36
N LYS A 30 -13.41 -5.97 -5.38
CA LYS A 30 -14.41 -5.31 -6.21
C LYS A 30 -14.12 -5.63 -7.68
N PRO A 31 -15.05 -5.16 -8.56
CA PRO A 31 -14.92 -5.39 -9.99
C PRO A 31 -13.84 -4.49 -10.59
N GLY A 32 -12.62 -5.01 -10.62
CA GLY A 32 -11.51 -4.26 -11.17
C GLY A 32 -10.47 -3.95 -10.09
N GLU A 33 -10.52 -4.74 -9.02
CA GLU A 33 -9.60 -4.57 -7.92
C GLU A 33 -8.72 -5.82 -7.75
N LEU A 34 -7.74 -5.70 -6.88
CA LEU A 34 -6.82 -6.80 -6.62
C LEU A 34 -7.28 -7.55 -5.36
N ALA A 35 -6.85 -8.80 -5.26
CA ALA A 35 -7.21 -9.63 -4.12
C ALA A 35 -5.97 -9.86 -3.26
N PHE A 36 -6.20 -10.21 -2.01
CA PHE A 36 -5.12 -10.46 -1.07
C PHE A 36 -5.64 -11.10 0.21
N ARG A 37 -4.71 -11.65 0.98
CA ARG A 37 -5.06 -12.30 2.23
C ARG A 37 -4.66 -11.41 3.41
N LYS A 38 -5.07 -11.83 4.60
CA LYS A 38 -4.77 -11.09 5.81
C LYS A 38 -3.30 -11.31 6.19
N GLY A 39 -2.57 -10.21 6.26
CA GLY A 39 -1.16 -10.28 6.61
C GLY A 39 -0.29 -10.51 5.37
N ASP A 40 -0.57 -9.71 4.35
CA ASP A 40 0.17 -9.82 3.10
C ASP A 40 1.10 -8.62 2.96
N VAL A 41 2.32 -8.90 2.52
CA VAL A 41 3.32 -7.85 2.35
C VAL A 41 3.22 -7.31 0.92
N VAL A 42 3.08 -5.99 0.82
CA VAL A 42 2.99 -5.34 -0.47
C VAL A 42 3.86 -4.10 -0.47
N THR A 43 4.39 -3.79 -1.65
CA THR A 43 5.26 -2.63 -1.80
C THR A 43 4.49 -1.48 -2.46
N ILE A 44 4.59 -0.32 -1.84
CA ILE A 44 3.92 0.87 -2.34
C ILE A 44 4.47 1.20 -3.74
N LEU A 45 3.65 0.90 -4.74
CA LEU A 45 4.04 1.16 -6.12
C LEU A 45 4.01 2.67 -6.38
N GLU A 46 2.81 3.23 -6.29
CA GLU A 46 2.63 4.65 -6.51
C GLU A 46 1.49 5.18 -5.65
N ALA A 47 1.47 6.50 -5.49
CA ALA A 47 0.44 7.15 -4.69
C ALA A 47 -0.41 8.03 -5.59
N CYS A 48 -1.72 7.96 -5.37
CA CYS A 48 -2.65 8.75 -6.16
C CYS A 48 -3.37 9.72 -5.22
N GLU A 49 -3.86 10.80 -5.80
CA GLU A 49 -4.57 11.82 -5.03
C GLU A 49 -5.96 11.30 -4.64
N ASN A 50 -6.14 11.07 -3.35
CA ASN A 50 -7.40 10.59 -2.83
C ASN A 50 -7.27 10.33 -1.32
N LYS A 51 -6.12 9.81 -0.94
CA LYS A 51 -5.86 9.52 0.46
C LYS A 51 -6.82 8.43 0.93
N SER A 52 -7.23 7.58 0.00
CA SER A 52 -8.15 6.50 0.30
C SER A 52 -7.91 5.33 -0.65
N TRP A 53 -6.70 5.30 -1.21
CA TRP A 53 -6.34 4.24 -2.13
C TRP A 53 -4.82 4.26 -2.30
N TYR A 54 -4.26 3.09 -2.55
CA TYR A 54 -2.83 2.95 -2.74
C TYR A 54 -2.50 1.79 -3.67
N ARG A 55 -1.60 2.07 -4.60
CA ARG A 55 -1.19 1.05 -5.57
C ARG A 55 0.05 0.31 -5.05
N VAL A 56 -0.17 -0.94 -4.69
CA VAL A 56 0.91 -1.77 -4.18
C VAL A 56 1.06 -3.01 -5.06
N LYS A 57 2.10 -3.78 -4.78
CA LYS A 57 2.36 -5.00 -5.55
C LYS A 57 2.30 -6.21 -4.60
N HIS A 58 1.47 -7.17 -4.98
CA HIS A 58 1.32 -8.38 -4.19
C HIS A 58 2.55 -9.26 -4.35
N HIS A 59 3.17 -9.57 -3.23
CA HIS A 59 4.37 -10.40 -3.23
C HIS A 59 4.04 -11.76 -3.84
N THR A 60 3.25 -12.53 -3.10
CA THR A 60 2.86 -13.85 -3.56
C THR A 60 2.26 -13.78 -4.96
N SER A 61 1.14 -13.08 -5.06
CA SER A 61 0.45 -12.92 -6.32
C SER A 61 1.44 -12.40 -7.39
N GLY A 62 1.91 -11.19 -7.16
CA GLY A 62 2.85 -10.58 -8.07
C GLY A 62 2.13 -9.65 -9.06
N GLN A 63 0.91 -9.29 -8.70
CA GLN A 63 0.11 -8.42 -9.54
C GLN A 63 0.08 -7.00 -8.96
N GLU A 64 -0.56 -6.10 -9.69
CA GLU A 64 -0.65 -4.72 -9.26
C GLU A 64 -2.11 -4.25 -9.31
N GLY A 65 -2.62 -3.90 -8.15
CA GLY A 65 -3.99 -3.43 -8.05
C GLY A 65 -4.13 -2.37 -6.96
N LEU A 66 -5.23 -1.62 -7.04
CA LEU A 66 -5.50 -0.58 -6.07
C LEU A 66 -5.88 -1.22 -4.72
N LEU A 67 -5.37 -0.63 -3.65
CA LEU A 67 -5.65 -1.12 -2.32
C LEU A 67 -6.36 -0.03 -1.51
N ALA A 68 -7.24 -0.48 -0.63
CA ALA A 68 -7.99 0.44 0.21
C ALA A 68 -7.08 0.99 1.30
N ALA A 69 -6.80 2.28 1.21
CA ALA A 69 -5.94 2.94 2.18
C ALA A 69 -6.40 2.56 3.59
N GLY A 70 -7.69 2.25 3.70
CA GLY A 70 -8.25 1.88 4.98
C GLY A 70 -8.24 0.36 5.17
N ALA A 71 -7.18 -0.25 4.66
CA ALA A 71 -7.03 -1.69 4.75
C ALA A 71 -5.55 -2.06 4.70
N LEU A 72 -4.72 -1.11 5.12
CA LEU A 72 -3.28 -1.32 5.12
C LEU A 72 -2.71 -0.85 6.46
N ARG A 73 -1.60 -1.47 6.84
CA ARG A 73 -0.94 -1.12 8.09
C ARG A 73 0.58 -1.20 7.93
N GLU A 74 1.27 -0.74 8.95
CA GLU A 74 2.73 -0.74 8.94
C GLU A 74 3.26 -2.05 9.53
N ARG A 75 3.75 -2.91 8.65
CA ARG A 75 4.29 -4.19 9.07
C ARG A 75 5.08 -4.03 10.37
N SER A 76 4.85 -4.97 11.28
CA SER A 76 5.53 -4.95 12.57
C SER A 76 7.03 -4.75 12.35
N GLY A 77 7.65 -4.05 13.31
CA GLY A 77 9.07 -3.79 13.24
C GLY A 77 9.87 -5.08 13.36
N PRO A 78 11.19 -4.91 13.63
CA PRO A 78 12.09 -6.06 13.77
C PRO A 78 11.86 -6.76 15.11
N SER A 79 10.80 -7.56 15.16
CA SER A 79 10.47 -8.29 16.37
C SER A 79 9.51 -9.43 16.03
N SER A 80 9.91 -10.63 16.42
CA SER A 80 9.10 -11.81 16.17
C SER A 80 8.72 -12.48 17.49
N GLY A 81 9.74 -12.85 18.25
CA GLY A 81 9.54 -13.49 19.53
C GLY A 81 10.16 -14.90 19.55
N GLY A 1 13.17 25.89 12.87
CA GLY A 1 13.85 24.94 13.73
C GLY A 1 15.02 24.28 13.00
N SER A 2 15.73 23.43 13.73
CA SER A 2 16.87 22.72 13.17
C SER A 2 16.97 21.32 13.78
N SER A 3 17.28 20.36 12.91
CA SER A 3 17.41 18.98 13.35
C SER A 3 18.33 18.22 12.41
N GLY A 4 19.23 17.45 12.99
CA GLY A 4 20.17 16.65 12.21
C GLY A 4 19.62 15.25 11.94
N SER A 5 19.01 15.12 10.78
CA SER A 5 18.44 13.84 10.37
C SER A 5 19.08 13.36 9.08
N SER A 6 18.95 14.18 8.05
CA SER A 6 19.51 13.85 6.75
C SER A 6 18.80 12.64 6.17
N GLY A 7 18.21 12.83 4.99
CA GLY A 7 17.50 11.76 4.32
C GLY A 7 16.03 12.12 4.12
N ARG A 8 15.57 11.96 2.89
CA ARG A 8 14.19 12.26 2.56
C ARG A 8 13.25 11.39 3.38
N MET A 9 12.61 12.02 4.35
CA MET A 9 11.68 11.31 5.21
C MET A 9 10.23 11.55 4.77
N PRO A 10 9.34 10.60 5.17
CA PRO A 10 7.93 10.71 4.82
C PRO A 10 7.24 11.77 5.68
N THR A 11 6.47 12.61 5.02
CA THR A 11 5.74 13.67 5.70
C THR A 11 4.83 13.08 6.77
N ARG A 12 3.86 12.31 6.32
CA ARG A 12 2.91 11.69 7.24
C ARG A 12 2.51 10.31 6.71
N ARG A 13 2.06 10.29 5.47
CA ARG A 13 1.63 9.04 4.85
C ARG A 13 2.86 8.21 4.46
N TRP A 14 2.59 6.99 4.02
CA TRP A 14 3.64 6.07 3.63
C TRP A 14 4.22 6.56 2.30
N ALA A 15 5.38 6.04 1.97
CA ALA A 15 6.05 6.40 0.72
C ALA A 15 6.08 5.19 -0.22
N PRO A 16 6.50 5.46 -1.49
CA PRO A 16 6.57 4.41 -2.48
C PRO A 16 7.78 3.50 -2.23
N GLY A 17 7.50 2.21 -2.09
CA GLY A 17 8.56 1.24 -1.85
C GLY A 17 8.49 0.70 -0.42
N THR A 18 7.46 1.15 0.29
CA THR A 18 7.26 0.72 1.67
C THR A 18 6.39 -0.54 1.71
N GLN A 19 6.71 -1.42 2.65
CA GLN A 19 5.97 -2.65 2.81
C GLN A 19 4.80 -2.44 3.77
N CYS A 20 3.60 -2.63 3.23
CA CYS A 20 2.40 -2.46 4.03
C CYS A 20 1.76 -3.84 4.23
N ILE A 21 0.91 -3.93 5.25
CA ILE A 21 0.23 -5.18 5.55
C ILE A 21 -1.28 -4.95 5.54
N THR A 22 -2.00 -5.98 5.14
CA THR A 22 -3.45 -5.91 5.07
C THR A 22 -4.05 -6.08 6.48
N LYS A 23 -5.13 -5.35 6.71
CA LYS A 23 -5.80 -5.40 8.00
C LYS A 23 -6.80 -6.57 7.99
N CYS A 24 -7.31 -6.87 6.80
CA CYS A 24 -8.25 -7.95 6.64
C CYS A 24 -7.93 -8.70 5.35
N GLU A 25 -8.64 -9.80 5.14
CA GLU A 25 -8.43 -10.61 3.95
C GLU A 25 -9.46 -10.25 2.88
N HIS A 26 -9.00 -10.27 1.64
CA HIS A 26 -9.86 -9.94 0.51
C HIS A 26 -9.75 -11.04 -0.55
N THR A 27 -10.80 -11.84 -0.63
CA THR A 27 -10.83 -12.93 -1.60
C THR A 27 -11.51 -12.48 -2.89
N ARG A 28 -12.46 -11.57 -2.73
CA ARG A 28 -13.19 -11.04 -3.87
C ARG A 28 -13.19 -9.51 -3.83
N PRO A 29 -12.18 -8.93 -4.52
CA PRO A 29 -12.05 -7.48 -4.59
C PRO A 29 -13.09 -6.87 -5.53
N LYS A 30 -13.09 -5.55 -5.60
CA LYS A 30 -14.02 -4.84 -6.46
C LYS A 30 -13.71 -5.18 -7.93
N PRO A 31 -14.58 -4.66 -8.84
CA PRO A 31 -14.40 -4.90 -10.25
C PRO A 31 -13.25 -4.07 -10.82
N GLY A 32 -12.08 -4.68 -10.85
CA GLY A 32 -10.89 -4.02 -11.35
C GLY A 32 -9.88 -3.77 -10.23
N GLU A 33 -10.01 -4.55 -9.18
CA GLU A 33 -9.11 -4.43 -8.03
C GLU A 33 -8.31 -5.72 -7.86
N LEU A 34 -7.39 -5.67 -6.90
CA LEU A 34 -6.55 -6.82 -6.61
C LEU A 34 -7.06 -7.52 -5.35
N ALA A 35 -6.74 -8.80 -5.25
CA ALA A 35 -7.16 -9.59 -4.10
C ALA A 35 -5.95 -9.86 -3.21
N PHE A 36 -6.25 -10.30 -1.99
CA PHE A 36 -5.19 -10.59 -1.03
C PHE A 36 -5.78 -11.17 0.25
N ARG A 37 -4.89 -11.68 1.10
CA ARG A 37 -5.30 -12.27 2.36
C ARG A 37 -4.92 -11.36 3.52
N LYS A 38 -5.30 -11.78 4.72
CA LYS A 38 -5.00 -11.01 5.91
C LYS A 38 -3.53 -11.23 6.31
N GLY A 39 -2.76 -10.16 6.19
CA GLY A 39 -1.35 -10.23 6.53
C GLY A 39 -0.49 -10.47 5.29
N ASP A 40 -0.76 -9.66 4.27
CA ASP A 40 -0.03 -9.77 3.01
C ASP A 40 0.94 -8.60 2.88
N VAL A 41 2.12 -8.89 2.38
CA VAL A 41 3.13 -7.87 2.20
C VAL A 41 3.03 -7.30 0.79
N VAL A 42 2.98 -5.97 0.72
CA VAL A 42 2.88 -5.29 -0.57
C VAL A 42 3.77 -4.05 -0.54
N THR A 43 4.35 -3.76 -1.70
CA THR A 43 5.22 -2.61 -1.83
C THR A 43 4.47 -1.44 -2.47
N ILE A 44 4.58 -0.29 -1.82
CA ILE A 44 3.91 0.91 -2.30
C ILE A 44 4.52 1.32 -3.65
N LEU A 45 3.85 0.90 -4.71
CA LEU A 45 4.31 1.22 -6.06
C LEU A 45 4.20 2.73 -6.29
N GLU A 46 2.98 3.23 -6.15
CA GLU A 46 2.72 4.64 -6.35
C GLU A 46 1.58 5.10 -5.44
N ALA A 47 1.89 6.10 -4.62
CA ALA A 47 0.90 6.64 -3.70
C ALA A 47 0.22 7.85 -4.34
N CYS A 48 -1.00 8.12 -3.90
CA CYS A 48 -1.76 9.24 -4.41
C CYS A 48 -2.54 8.76 -5.63
N GLU A 49 -3.64 8.07 -5.36
CA GLU A 49 -4.48 7.55 -6.44
C GLU A 49 -5.79 7.01 -5.86
N ASN A 50 -6.89 7.57 -6.35
CA ASN A 50 -8.20 7.16 -5.89
C ASN A 50 -8.34 7.46 -4.40
N LYS A 51 -9.00 8.58 -4.11
CA LYS A 51 -9.21 8.99 -2.74
C LYS A 51 -9.54 7.76 -1.89
N SER A 52 -8.57 7.38 -1.06
CA SER A 52 -8.75 6.23 -0.20
C SER A 52 -8.37 4.94 -0.95
N TRP A 53 -7.19 4.96 -1.55
CA TRP A 53 -6.71 3.81 -2.29
C TRP A 53 -5.20 3.97 -2.49
N TYR A 54 -4.52 2.84 -2.56
CA TYR A 54 -3.09 2.83 -2.75
C TYR A 54 -2.67 1.74 -3.72
N ARG A 55 -1.71 2.08 -4.57
CA ARG A 55 -1.20 1.14 -5.56
C ARG A 55 0.02 0.41 -5.01
N VAL A 56 -0.17 -0.88 -4.76
CA VAL A 56 0.90 -1.71 -4.24
C VAL A 56 1.09 -2.93 -5.13
N LYS A 57 2.11 -3.72 -4.81
CA LYS A 57 2.39 -4.92 -5.57
C LYS A 57 2.31 -6.14 -4.66
N HIS A 58 1.46 -7.08 -5.03
CA HIS A 58 1.29 -8.29 -4.25
C HIS A 58 2.53 -9.18 -4.40
N HIS A 59 3.13 -9.50 -3.27
CA HIS A 59 4.32 -10.34 -3.25
C HIS A 59 3.97 -11.72 -3.82
N THR A 60 3.27 -12.49 -3.02
CA THR A 60 2.88 -13.83 -3.42
C THR A 60 2.33 -13.81 -4.86
N SER A 61 1.22 -13.11 -5.01
CA SER A 61 0.59 -13.01 -6.32
C SER A 61 1.60 -12.50 -7.35
N GLY A 62 2.08 -11.28 -7.12
CA GLY A 62 3.04 -10.68 -8.02
C GLY A 62 2.36 -9.73 -9.01
N GLN A 63 1.15 -9.34 -8.66
CA GLN A 63 0.38 -8.44 -9.51
C GLN A 63 0.35 -7.03 -8.90
N GLU A 64 -0.35 -6.14 -9.59
CA GLU A 64 -0.46 -4.77 -9.14
C GLU A 64 -1.91 -4.29 -9.25
N GLY A 65 -2.50 -4.02 -8.10
CA GLY A 65 -3.88 -3.55 -8.05
C GLY A 65 -4.05 -2.44 -7.03
N LEU A 66 -5.27 -1.93 -6.95
CA LEU A 66 -5.58 -0.86 -6.01
C LEU A 66 -5.95 -1.47 -4.65
N LEU A 67 -5.39 -0.89 -3.61
CA LEU A 67 -5.64 -1.37 -2.26
C LEU A 67 -6.32 -0.25 -1.46
N ALA A 68 -7.23 -0.66 -0.59
CA ALA A 68 -7.96 0.28 0.25
C ALA A 68 -6.98 0.92 1.25
N ALA A 69 -6.96 2.25 1.22
CA ALA A 69 -6.09 2.99 2.12
C ALA A 69 -6.41 2.62 3.56
N GLY A 70 -7.69 2.38 3.81
CA GLY A 70 -8.14 2.02 5.14
C GLY A 70 -8.14 0.50 5.32
N ALA A 71 -7.13 -0.13 4.76
CA ALA A 71 -7.00 -1.57 4.86
C ALA A 71 -5.52 -1.96 4.80
N LEU A 72 -4.68 -0.99 5.15
CA LEU A 72 -3.24 -1.22 5.14
C LEU A 72 -2.66 -0.77 6.49
N ARG A 73 -1.54 -1.40 6.84
CA ARG A 73 -0.88 -1.07 8.10
C ARG A 73 0.64 -1.18 7.93
N GLU A 74 1.35 -0.74 8.96
CA GLU A 74 2.81 -0.79 8.95
C GLU A 74 3.30 -2.11 9.53
N ARG A 75 3.80 -2.96 8.65
CA ARG A 75 4.32 -4.25 9.06
C ARG A 75 5.17 -4.11 10.32
N SER A 76 4.69 -4.72 11.40
CA SER A 76 5.40 -4.68 12.67
C SER A 76 5.46 -3.23 13.18
N GLY A 77 4.72 -2.99 14.25
CA GLY A 77 4.69 -1.66 14.84
C GLY A 77 3.95 -1.68 16.19
N PRO A 78 4.03 -0.53 16.91
CA PRO A 78 3.38 -0.41 18.19
C PRO A 78 1.86 -0.23 18.03
N SER A 79 1.14 -1.27 18.41
CA SER A 79 -0.31 -1.25 18.30
C SER A 79 -0.90 -2.58 18.78
N SER A 80 -1.74 -2.50 19.79
CA SER A 80 -2.37 -3.69 20.34
C SER A 80 -3.33 -4.29 19.32
N GLY A 81 -2.80 -5.20 18.52
CA GLY A 81 -3.60 -5.86 17.50
C GLY A 81 -3.15 -7.31 17.31
N GLY A 1 5.76 22.15 -11.19
CA GLY A 1 4.34 22.47 -11.09
C GLY A 1 3.99 22.93 -9.68
N SER A 2 3.36 24.09 -9.60
CA SER A 2 2.95 24.64 -8.32
C SER A 2 2.28 26.00 -8.53
N SER A 3 0.97 25.99 -8.45
CA SER A 3 0.19 27.20 -8.63
C SER A 3 -0.93 27.27 -7.58
N GLY A 4 -0.90 28.36 -6.81
CA GLY A 4 -1.89 28.56 -5.77
C GLY A 4 -1.23 28.64 -4.40
N SER A 5 -1.90 28.06 -3.41
CA SER A 5 -1.40 28.06 -2.05
C SER A 5 -1.68 26.71 -1.38
N SER A 6 -0.61 26.05 -0.99
CA SER A 6 -0.73 24.74 -0.34
C SER A 6 0.13 24.71 0.92
N GLY A 7 -0.49 24.31 2.01
CA GLY A 7 0.21 24.23 3.28
C GLY A 7 0.43 22.77 3.69
N ARG A 8 0.70 22.59 4.98
CA ARG A 8 0.94 21.25 5.50
C ARG A 8 -0.33 20.69 6.13
N MET A 9 -1.42 20.80 5.39
CA MET A 9 -2.70 20.31 5.86
C MET A 9 -2.71 18.78 5.95
N PRO A 10 -2.31 18.14 4.83
CA PRO A 10 -2.27 16.69 4.77
C PRO A 10 -1.07 16.15 5.55
N THR A 11 -1.25 14.95 6.09
CA THR A 11 -0.20 14.32 6.85
C THR A 11 0.56 13.30 5.99
N ARG A 12 1.87 13.45 5.97
CA ARG A 12 2.72 12.56 5.20
C ARG A 12 2.21 11.13 5.29
N ARG A 13 2.16 10.48 4.13
CA ARG A 13 1.70 9.10 4.06
C ARG A 13 2.83 8.17 3.65
N TRP A 14 2.49 6.90 3.50
CA TRP A 14 3.47 5.90 3.11
C TRP A 14 4.01 6.28 1.72
N ALA A 15 5.32 6.17 1.58
CA ALA A 15 5.96 6.51 0.31
C ALA A 15 6.03 5.25 -0.56
N PRO A 16 6.46 5.46 -1.83
CA PRO A 16 6.56 4.37 -2.78
C PRO A 16 7.78 3.50 -2.47
N GLY A 17 7.52 2.25 -2.13
CA GLY A 17 8.59 1.31 -1.82
C GLY A 17 8.45 0.79 -0.39
N THR A 18 7.44 1.31 0.30
CA THR A 18 7.20 0.91 1.67
C THR A 18 6.37 -0.39 1.72
N GLN A 19 6.65 -1.19 2.73
CA GLN A 19 5.93 -2.45 2.89
C GLN A 19 4.73 -2.27 3.82
N CYS A 20 3.55 -2.46 3.25
CA CYS A 20 2.32 -2.32 4.01
C CYS A 20 1.68 -3.70 4.14
N ILE A 21 0.96 -3.88 5.24
CA ILE A 21 0.29 -5.16 5.49
C ILE A 21 -1.22 -4.93 5.51
N THR A 22 -1.95 -5.98 5.16
CA THR A 22 -3.39 -5.92 5.12
C THR A 22 -3.97 -6.18 6.51
N LYS A 23 -4.91 -5.33 6.90
CA LYS A 23 -5.55 -5.46 8.19
C LYS A 23 -6.61 -6.57 8.13
N CYS A 24 -7.01 -6.89 6.92
CA CYS A 24 -8.00 -7.92 6.71
C CYS A 24 -7.67 -8.67 5.41
N GLU A 25 -8.49 -9.65 5.10
CA GLU A 25 -8.29 -10.44 3.90
C GLU A 25 -9.33 -10.07 2.84
N HIS A 26 -8.88 -10.03 1.60
CA HIS A 26 -9.76 -9.70 0.49
C HIS A 26 -9.77 -10.85 -0.52
N THR A 27 -10.88 -11.57 -0.53
CA THR A 27 -11.02 -12.70 -1.44
C THR A 27 -11.69 -12.25 -2.73
N ARG A 28 -12.72 -11.41 -2.57
CA ARG A 28 -13.45 -10.90 -3.72
C ARG A 28 -13.37 -9.38 -3.76
N PRO A 29 -12.33 -8.88 -4.49
CA PRO A 29 -12.13 -7.44 -4.62
C PRO A 29 -13.14 -6.83 -5.59
N LYS A 30 -13.12 -5.52 -5.66
CA LYS A 30 -14.03 -4.80 -6.54
C LYS A 30 -13.92 -5.37 -7.95
N PRO A 31 -14.80 -4.85 -8.84
CA PRO A 31 -14.81 -5.30 -10.23
C PRO A 31 -13.63 -4.71 -11.01
N GLY A 32 -12.51 -5.40 -10.93
CA GLY A 32 -11.31 -4.97 -11.62
C GLY A 32 -10.20 -4.61 -10.62
N GLU A 33 -10.38 -5.09 -9.40
CA GLU A 33 -9.41 -4.83 -8.34
C GLU A 33 -8.58 -6.09 -8.06
N LEU A 34 -7.59 -5.92 -7.20
CA LEU A 34 -6.73 -7.03 -6.84
C LEU A 34 -7.23 -7.66 -5.54
N ALA A 35 -6.90 -8.93 -5.37
CA ALA A 35 -7.31 -9.67 -4.19
C ALA A 35 -6.06 -10.03 -3.36
N PHE A 36 -6.31 -10.32 -2.09
CA PHE A 36 -5.22 -10.69 -1.19
C PHE A 36 -5.77 -11.26 0.12
N ARG A 37 -4.87 -11.82 0.90
CA ARG A 37 -5.24 -12.40 2.18
C ARG A 37 -4.74 -11.54 3.33
N LYS A 38 -5.15 -11.91 4.54
CA LYS A 38 -4.76 -11.17 5.72
C LYS A 38 -3.25 -11.35 5.94
N GLY A 39 -2.62 -10.26 6.35
CA GLY A 39 -1.19 -10.27 6.61
C GLY A 39 -0.41 -10.48 5.31
N ASP A 40 -0.77 -9.70 4.30
CA ASP A 40 -0.12 -9.80 3.01
C ASP A 40 0.90 -8.66 2.87
N VAL A 41 2.03 -8.99 2.27
CA VAL A 41 3.08 -8.01 2.07
C VAL A 41 2.96 -7.42 0.67
N VAL A 42 3.07 -6.11 0.60
CA VAL A 42 2.99 -5.40 -0.67
C VAL A 42 3.95 -4.22 -0.66
N THR A 43 4.26 -3.74 -1.86
CA THR A 43 5.16 -2.61 -2.00
C THR A 43 4.44 -1.44 -2.65
N ILE A 44 4.43 -0.32 -1.95
CA ILE A 44 3.78 0.88 -2.44
C ILE A 44 4.37 1.25 -3.79
N LEU A 45 3.63 0.93 -4.84
CA LEU A 45 4.07 1.24 -6.19
C LEU A 45 4.14 2.74 -6.39
N GLU A 46 2.98 3.38 -6.21
CA GLU A 46 2.88 4.82 -6.36
C GLU A 46 2.10 5.42 -5.20
N ALA A 47 2.50 6.63 -4.81
CA ALA A 47 1.84 7.33 -3.72
C ALA A 47 0.81 8.30 -4.29
N CYS A 48 -0.45 8.06 -3.93
CA CYS A 48 -1.53 8.90 -4.41
C CYS A 48 -2.80 8.54 -3.62
N GLU A 49 -3.42 9.57 -3.05
CA GLU A 49 -4.63 9.37 -2.28
C GLU A 49 -5.59 8.44 -3.03
N ASN A 50 -5.82 8.78 -4.29
CA ASN A 50 -6.72 7.99 -5.12
C ASN A 50 -8.06 7.82 -4.40
N LYS A 51 -8.37 8.79 -3.55
CA LYS A 51 -9.61 8.75 -2.80
C LYS A 51 -9.58 7.58 -1.83
N SER A 52 -8.53 7.56 -1.01
CA SER A 52 -8.36 6.50 -0.03
C SER A 52 -8.03 5.18 -0.74
N TRP A 53 -7.02 5.24 -1.58
CA TRP A 53 -6.59 4.06 -2.31
C TRP A 53 -5.08 4.14 -2.50
N TYR A 54 -4.46 2.97 -2.55
CA TYR A 54 -3.02 2.89 -2.72
C TYR A 54 -2.63 1.75 -3.67
N ARG A 55 -1.74 2.05 -4.59
CA ARG A 55 -1.28 1.07 -5.55
C ARG A 55 -0.05 0.34 -5.02
N VAL A 56 -0.21 -0.95 -4.78
CA VAL A 56 0.89 -1.76 -4.28
C VAL A 56 1.06 -2.99 -5.17
N LYS A 57 2.07 -3.78 -4.86
CA LYS A 57 2.36 -4.98 -5.61
C LYS A 57 2.41 -6.18 -4.66
N HIS A 58 1.57 -7.16 -4.97
CA HIS A 58 1.50 -8.36 -4.15
C HIS A 58 2.74 -9.21 -4.39
N HIS A 59 3.43 -9.52 -3.31
CA HIS A 59 4.64 -10.33 -3.38
C HIS A 59 4.30 -11.69 -3.99
N THR A 60 3.76 -12.56 -3.15
CA THR A 60 3.39 -13.90 -3.58
C THR A 60 2.74 -13.85 -4.98
N SER A 61 1.60 -13.18 -5.04
CA SER A 61 0.88 -13.06 -6.29
C SER A 61 1.81 -12.53 -7.38
N GLY A 62 2.33 -11.33 -7.15
CA GLY A 62 3.23 -10.71 -8.10
C GLY A 62 2.48 -9.78 -9.05
N GLN A 63 1.24 -9.48 -8.67
CA GLN A 63 0.39 -8.61 -9.48
C GLN A 63 0.40 -7.19 -8.91
N GLU A 64 -0.31 -6.31 -9.58
CA GLU A 64 -0.40 -4.92 -9.15
C GLU A 64 -1.84 -4.43 -9.24
N GLY A 65 -2.39 -4.11 -8.08
CA GLY A 65 -3.77 -3.62 -8.02
C GLY A 65 -3.92 -2.55 -6.94
N LEU A 66 -5.09 -1.92 -6.93
CA LEU A 66 -5.37 -0.89 -5.95
C LEU A 66 -5.66 -1.55 -4.60
N LEU A 67 -5.47 -0.75 -3.55
CA LEU A 67 -5.70 -1.24 -2.20
C LEU A 67 -6.38 -0.15 -1.38
N ALA A 68 -7.26 -0.58 -0.47
CA ALA A 68 -7.97 0.35 0.38
C ALA A 68 -7.00 0.99 1.36
N ALA A 69 -6.95 2.31 1.32
CA ALA A 69 -6.06 3.06 2.19
C ALA A 69 -6.42 2.75 3.65
N GLY A 70 -7.69 2.44 3.86
CA GLY A 70 -8.18 2.13 5.20
C GLY A 70 -8.20 0.62 5.43
N ALA A 71 -7.21 -0.05 4.85
CA ALA A 71 -7.10 -1.49 4.99
C ALA A 71 -5.63 -1.90 4.89
N LEU A 72 -4.76 -0.97 5.25
CA LEU A 72 -3.33 -1.22 5.20
C LEU A 72 -2.71 -0.78 6.53
N ARG A 73 -1.67 -1.51 6.92
CA ARG A 73 -0.97 -1.21 8.16
C ARG A 73 0.54 -1.30 7.96
N GLU A 74 1.28 -0.87 8.98
CA GLU A 74 2.72 -0.90 8.92
C GLU A 74 3.26 -2.22 9.48
N ARG A 75 3.72 -3.07 8.57
CA ARG A 75 4.26 -4.36 8.95
C ARG A 75 5.06 -4.24 10.26
N SER A 76 5.01 -5.30 11.04
CA SER A 76 5.71 -5.33 12.31
C SER A 76 5.20 -4.21 13.22
N GLY A 77 4.02 -4.42 13.76
CA GLY A 77 3.40 -3.44 14.64
C GLY A 77 3.65 -3.81 16.11
N PRO A 78 2.86 -3.15 17.00
CA PRO A 78 2.97 -3.39 18.43
C PRO A 78 2.34 -4.74 18.81
N SER A 79 3.20 -5.74 18.96
CA SER A 79 2.74 -7.07 19.31
C SER A 79 3.63 -7.66 20.41
N SER A 80 3.14 -8.72 21.03
CA SER A 80 3.88 -9.38 22.09
C SER A 80 3.74 -10.90 21.97
N GLY A 81 4.85 -11.55 21.66
CA GLY A 81 4.85 -12.99 21.51
C GLY A 81 5.98 -13.62 22.34
N GLY A 1 15.17 18.35 -6.66
CA GLY A 1 15.48 17.37 -5.64
C GLY A 1 16.90 17.58 -5.09
N SER A 2 17.62 16.47 -4.96
CA SER A 2 18.97 16.52 -4.45
C SER A 2 18.98 17.05 -3.02
N SER A 3 20.07 16.74 -2.31
CA SER A 3 20.20 17.17 -0.94
C SER A 3 19.10 16.55 -0.08
N GLY A 4 19.32 15.29 0.29
CA GLY A 4 18.36 14.58 1.11
C GLY A 4 16.95 14.72 0.54
N SER A 5 15.99 14.12 1.26
CA SER A 5 14.60 14.17 0.85
C SER A 5 13.70 13.79 2.01
N SER A 6 13.91 12.58 2.52
CA SER A 6 13.12 12.08 3.62
C SER A 6 13.84 10.93 4.31
N GLY A 7 14.09 11.09 5.60
CA GLY A 7 14.77 10.07 6.38
C GLY A 7 13.87 8.85 6.59
N ARG A 8 13.56 8.59 7.85
CA ARG A 8 12.72 7.46 8.20
C ARG A 8 12.06 7.69 9.56
N MET A 9 10.83 8.17 9.51
CA MET A 9 10.08 8.44 10.73
C MET A 9 8.59 8.17 10.53
N PRO A 10 7.91 7.81 11.64
CA PRO A 10 6.48 7.53 11.60
C PRO A 10 5.67 8.82 11.50
N THR A 11 5.73 9.42 10.31
CA THR A 11 5.02 10.66 10.07
C THR A 11 4.70 10.80 8.58
N ARG A 12 3.49 11.29 8.31
CA ARG A 12 3.04 11.47 6.94
C ARG A 12 2.64 10.13 6.32
N ARG A 13 1.95 10.22 5.19
CA ARG A 13 1.52 9.02 4.50
C ARG A 13 2.71 8.13 4.14
N TRP A 14 2.40 6.93 3.67
CA TRP A 14 3.43 5.99 3.30
C TRP A 14 3.99 6.41 1.94
N ALA A 15 5.25 6.06 1.72
CA ALA A 15 5.90 6.40 0.47
C ALA A 15 6.01 5.15 -0.41
N PRO A 16 6.41 5.37 -1.69
CA PRO A 16 6.56 4.26 -2.63
C PRO A 16 7.82 3.45 -2.33
N GLY A 17 7.60 2.21 -1.92
CA GLY A 17 8.71 1.33 -1.60
C GLY A 17 8.58 0.76 -0.19
N THR A 18 7.58 1.27 0.52
CA THR A 18 7.33 0.82 1.88
C THR A 18 6.45 -0.42 1.88
N GLN A 19 6.71 -1.30 2.85
CA GLN A 19 5.96 -2.53 2.97
C GLN A 19 4.75 -2.33 3.89
N CYS A 20 3.57 -2.52 3.32
CA CYS A 20 2.34 -2.37 4.07
C CYS A 20 1.68 -3.74 4.21
N ILE A 21 1.01 -3.94 5.33
CA ILE A 21 0.33 -5.19 5.60
C ILE A 21 -1.18 -4.96 5.62
N THR A 22 -1.91 -6.02 5.35
CA THR A 22 -3.37 -5.95 5.33
C THR A 22 -3.94 -6.24 6.72
N LYS A 23 -5.09 -5.65 6.99
CA LYS A 23 -5.74 -5.85 8.28
C LYS A 23 -6.81 -6.93 8.13
N CYS A 24 -7.08 -7.30 6.89
CA CYS A 24 -8.08 -8.31 6.61
C CYS A 24 -7.70 -9.01 5.31
N GLU A 25 -8.39 -10.11 5.03
CA GLU A 25 -8.14 -10.87 3.82
C GLU A 25 -9.19 -10.54 2.75
N HIS A 26 -8.72 -10.47 1.51
CA HIS A 26 -9.61 -10.17 0.40
C HIS A 26 -9.44 -11.23 -0.69
N THR A 27 -10.44 -12.10 -0.78
CA THR A 27 -10.42 -13.17 -1.78
C THR A 27 -11.09 -12.69 -3.07
N ARG A 28 -12.20 -11.99 -2.90
CA ARG A 28 -12.95 -11.49 -4.04
C ARG A 28 -13.04 -9.96 -3.99
N PRO A 29 -12.04 -9.30 -4.63
CA PRO A 29 -11.99 -7.85 -4.67
C PRO A 29 -13.03 -7.28 -5.63
N LYS A 30 -13.15 -5.96 -5.62
CA LYS A 30 -14.11 -5.29 -6.48
C LYS A 30 -13.73 -5.55 -7.95
N PRO A 31 -14.62 -5.07 -8.86
CA PRO A 31 -14.40 -5.25 -10.29
C PRO A 31 -13.32 -4.27 -10.79
N GLY A 32 -12.09 -4.78 -10.82
CA GLY A 32 -10.97 -3.97 -11.28
C GLY A 32 -9.96 -3.76 -10.16
N GLU A 33 -10.10 -4.56 -9.12
CA GLU A 33 -9.21 -4.47 -7.97
C GLU A 33 -8.36 -5.74 -7.85
N LEU A 34 -7.41 -5.70 -6.93
CA LEU A 34 -6.53 -6.83 -6.71
C LEU A 34 -7.02 -7.62 -5.50
N ALA A 35 -6.58 -8.86 -5.41
CA ALA A 35 -6.96 -9.73 -4.32
C ALA A 35 -5.74 -10.00 -3.44
N PHE A 36 -5.99 -10.17 -2.15
CA PHE A 36 -4.93 -10.43 -1.19
C PHE A 36 -5.46 -11.13 0.04
N ARG A 37 -4.54 -11.64 0.85
CA ARG A 37 -4.91 -12.34 2.07
C ARG A 37 -4.50 -11.52 3.30
N LYS A 38 -4.86 -12.04 4.46
CA LYS A 38 -4.54 -11.36 5.71
C LYS A 38 -3.04 -11.51 5.99
N GLY A 39 -2.44 -10.40 6.39
CA GLY A 39 -1.02 -10.39 6.70
C GLY A 39 -0.19 -10.59 5.43
N ASP A 40 -0.53 -9.82 4.41
CA ASP A 40 0.18 -9.90 3.14
C ASP A 40 1.13 -8.71 3.02
N VAL A 41 2.28 -8.97 2.42
CA VAL A 41 3.27 -7.93 2.22
C VAL A 41 3.14 -7.35 0.81
N VAL A 42 3.17 -6.03 0.72
CA VAL A 42 3.06 -5.36 -0.56
C VAL A 42 3.90 -4.08 -0.52
N THR A 43 4.43 -3.72 -1.69
CA THR A 43 5.24 -2.53 -1.82
C THR A 43 4.45 -1.41 -2.48
N ILE A 44 4.52 -0.23 -1.85
CA ILE A 44 3.81 0.92 -2.36
C ILE A 44 4.37 1.29 -3.74
N LEU A 45 3.62 0.91 -4.76
CA LEU A 45 4.03 1.18 -6.13
C LEU A 45 3.95 2.69 -6.39
N GLU A 46 2.73 3.20 -6.33
CA GLU A 46 2.51 4.62 -6.55
C GLU A 46 1.32 5.11 -5.72
N ALA A 47 1.27 6.41 -5.52
CA ALA A 47 0.21 7.02 -4.73
C ALA A 47 -0.65 7.89 -5.65
N CYS A 48 -1.96 7.77 -5.48
CA CYS A 48 -2.89 8.55 -6.29
C CYS A 48 -3.57 9.57 -5.37
N GLU A 49 -4.05 10.64 -5.99
CA GLU A 49 -4.72 11.69 -5.25
C GLU A 49 -6.10 11.21 -4.78
N ASN A 50 -6.20 11.00 -3.47
CA ASN A 50 -7.45 10.54 -2.88
C ASN A 50 -7.27 10.37 -1.38
N LYS A 51 -6.09 9.89 -1.01
CA LYS A 51 -5.77 9.67 0.39
C LYS A 51 -6.67 8.56 0.94
N SER A 52 -7.12 7.70 0.04
CA SER A 52 -7.97 6.59 0.42
C SER A 52 -7.77 5.41 -0.53
N TRP A 53 -6.61 5.42 -1.18
CA TRP A 53 -6.27 4.36 -2.11
C TRP A 53 -4.75 4.34 -2.28
N TYR A 54 -4.22 3.14 -2.51
CA TYR A 54 -2.79 2.98 -2.69
C TYR A 54 -2.49 1.77 -3.59
N ARG A 55 -1.68 2.01 -4.61
CA ARG A 55 -1.30 0.96 -5.53
C ARG A 55 -0.04 0.24 -5.04
N VAL A 56 -0.23 -1.02 -4.68
CA VAL A 56 0.88 -1.83 -4.20
C VAL A 56 1.05 -3.05 -5.10
N LYS A 57 2.05 -3.85 -4.78
CA LYS A 57 2.33 -5.05 -5.55
C LYS A 57 2.31 -6.26 -4.62
N HIS A 58 1.54 -7.27 -5.03
CA HIS A 58 1.43 -8.49 -4.25
C HIS A 58 2.70 -9.33 -4.43
N HIS A 59 3.36 -9.59 -3.32
CA HIS A 59 4.57 -10.39 -3.32
C HIS A 59 4.28 -11.76 -3.93
N THR A 60 3.67 -12.61 -3.12
CA THR A 60 3.33 -13.95 -3.56
C THR A 60 2.73 -13.92 -4.97
N SER A 61 1.59 -13.27 -5.08
CA SER A 61 0.91 -13.15 -6.36
C SER A 61 1.87 -12.60 -7.41
N GLY A 62 2.12 -11.30 -7.31
CA GLY A 62 3.02 -10.63 -8.23
C GLY A 62 2.25 -9.70 -9.17
N GLN A 63 1.03 -9.37 -8.77
CA GLN A 63 0.19 -8.50 -9.55
C GLN A 63 0.22 -7.08 -8.99
N GLU A 64 -0.51 -6.19 -9.66
CA GLU A 64 -0.57 -4.80 -9.24
C GLU A 64 -2.01 -4.29 -9.31
N GLY A 65 -2.55 -3.97 -8.15
CA GLY A 65 -3.91 -3.47 -8.06
C GLY A 65 -4.05 -2.43 -6.96
N LEU A 66 -5.08 -1.60 -7.08
CA LEU A 66 -5.32 -0.56 -6.10
C LEU A 66 -5.70 -1.20 -4.76
N LEU A 67 -5.37 -0.50 -3.68
CA LEU A 67 -5.67 -0.99 -2.36
C LEU A 67 -6.33 0.13 -1.55
N ALA A 68 -7.26 -0.26 -0.69
CA ALA A 68 -7.96 0.68 0.15
C ALA A 68 -7.04 1.15 1.28
N ALA A 69 -6.74 2.44 1.25
CA ALA A 69 -5.88 3.02 2.27
C ALA A 69 -6.38 2.61 3.66
N GLY A 70 -7.68 2.32 3.72
CA GLY A 70 -8.29 1.92 4.97
C GLY A 70 -8.28 0.40 5.13
N ALA A 71 -7.18 -0.20 4.69
CA ALA A 71 -7.03 -1.64 4.78
C ALA A 71 -5.54 -2.00 4.70
N LEU A 72 -4.72 -1.05 5.14
CA LEU A 72 -3.27 -1.26 5.13
C LEU A 72 -2.70 -0.83 6.49
N ARG A 73 -1.61 -1.49 6.85
CA ARG A 73 -0.95 -1.19 8.12
C ARG A 73 0.56 -1.28 7.96
N GLU A 74 1.26 -0.86 9.00
CA GLU A 74 2.71 -0.88 9.00
C GLU A 74 3.23 -2.21 9.56
N ARG A 75 3.70 -3.06 8.66
CA ARG A 75 4.22 -4.35 9.04
C ARG A 75 5.01 -4.24 10.36
N SER A 76 5.95 -3.30 10.36
CA SER A 76 6.77 -3.08 11.54
C SER A 76 6.06 -2.12 12.50
N GLY A 77 6.08 -2.50 13.78
CA GLY A 77 5.45 -1.68 14.80
C GLY A 77 6.09 -1.93 16.17
N PRO A 78 5.57 -1.18 17.19
CA PRO A 78 6.09 -1.31 18.54
C PRO A 78 5.60 -2.61 19.19
N SER A 79 6.31 -3.69 18.90
CA SER A 79 5.95 -4.99 19.45
C SER A 79 7.01 -5.42 20.46
N SER A 80 6.63 -6.40 21.28
CA SER A 80 7.52 -6.91 22.29
C SER A 80 7.57 -8.45 22.22
N GLY A 81 7.24 -8.97 21.06
CA GLY A 81 7.23 -10.40 20.85
C GLY A 81 5.83 -10.98 21.01
N GLY A 1 10.59 18.92 -21.56
CA GLY A 1 11.09 20.26 -21.28
C GLY A 1 11.77 20.31 -19.91
N SER A 2 10.94 20.34 -18.87
CA SER A 2 11.44 20.39 -17.51
C SER A 2 10.90 19.21 -16.71
N SER A 3 11.68 18.80 -15.72
CA SER A 3 11.28 17.69 -14.86
C SER A 3 12.36 17.44 -13.80
N GLY A 4 11.91 17.37 -12.56
CA GLY A 4 12.81 17.14 -11.45
C GLY A 4 12.17 17.53 -10.12
N SER A 5 11.77 16.51 -9.37
CA SER A 5 11.14 16.73 -8.08
C SER A 5 12.14 17.39 -7.12
N SER A 6 11.76 18.58 -6.66
CA SER A 6 12.60 19.32 -5.74
C SER A 6 11.78 19.78 -4.53
N GLY A 7 12.23 19.37 -3.36
CA GLY A 7 11.54 19.74 -2.13
C GLY A 7 11.65 18.61 -1.09
N ARG A 8 10.52 17.95 -0.86
CA ARG A 8 10.48 16.86 0.11
C ARG A 8 10.73 17.39 1.52
N MET A 9 9.90 16.94 2.44
CA MET A 9 10.01 17.35 3.83
C MET A 9 8.74 17.01 4.61
N PRO A 10 7.58 17.44 4.05
CA PRO A 10 6.30 17.18 4.68
C PRO A 10 5.88 15.72 4.50
N THR A 11 6.40 14.88 5.37
CA THR A 11 6.09 13.45 5.32
C THR A 11 4.91 13.14 6.24
N ARG A 12 3.97 12.36 5.70
CA ARG A 12 2.79 11.98 6.46
C ARG A 12 2.34 10.58 6.06
N ARG A 13 2.05 10.42 4.77
CA ARG A 13 1.61 9.15 4.24
C ARG A 13 2.82 8.27 3.91
N TRP A 14 2.53 7.01 3.58
CA TRP A 14 3.57 6.07 3.25
C TRP A 14 4.16 6.48 1.89
N ALA A 15 5.39 6.04 1.67
CA ALA A 15 6.09 6.36 0.43
C ALA A 15 6.14 5.11 -0.46
N PRO A 16 6.57 5.33 -1.73
CA PRO A 16 6.67 4.23 -2.67
C PRO A 16 7.90 3.36 -2.38
N GLY A 17 7.62 2.13 -2.00
CA GLY A 17 8.69 1.18 -1.69
C GLY A 17 8.53 0.63 -0.27
N THR A 18 7.57 1.20 0.45
CA THR A 18 7.31 0.77 1.81
C THR A 18 6.40 -0.46 1.81
N GLN A 19 6.72 -1.39 2.71
CA GLN A 19 5.93 -2.61 2.81
C GLN A 19 4.76 -2.41 3.78
N CYS A 20 3.56 -2.61 3.26
CA CYS A 20 2.36 -2.45 4.06
C CYS A 20 1.70 -3.82 4.21
N ILE A 21 0.98 -3.97 5.31
CA ILE A 21 0.29 -5.23 5.58
C ILE A 21 -1.22 -4.98 5.57
N THR A 22 -1.95 -6.04 5.24
CA THR A 22 -3.41 -5.96 5.19
C THR A 22 -4.00 -6.23 6.58
N LYS A 23 -4.90 -5.35 6.98
CA LYS A 23 -5.54 -5.47 8.27
C LYS A 23 -6.56 -6.62 8.23
N CYS A 24 -7.10 -6.82 7.04
CA CYS A 24 -8.09 -7.88 6.84
C CYS A 24 -7.73 -8.63 5.55
N GLU A 25 -8.53 -9.64 5.26
CA GLU A 25 -8.30 -10.44 4.06
C GLU A 25 -9.34 -10.10 2.99
N HIS A 26 -8.84 -9.88 1.78
CA HIS A 26 -9.71 -9.54 0.66
C HIS A 26 -9.71 -10.67 -0.35
N THR A 27 -10.81 -11.41 -0.39
CA THR A 27 -10.95 -12.51 -1.31
C THR A 27 -11.61 -12.06 -2.61
N ARG A 28 -12.63 -11.22 -2.45
CA ARG A 28 -13.35 -10.70 -3.60
C ARG A 28 -13.22 -9.18 -3.67
N PRO A 29 -12.17 -8.72 -4.41
CA PRO A 29 -11.91 -7.30 -4.55
C PRO A 29 -12.92 -6.67 -5.53
N LYS A 30 -12.89 -5.35 -5.58
CA LYS A 30 -13.79 -4.61 -6.45
C LYS A 30 -13.73 -5.22 -7.85
N PRO A 31 -14.61 -4.69 -8.75
CA PRO A 31 -14.67 -5.17 -10.12
C PRO A 31 -13.49 -4.65 -10.93
N GLY A 32 -12.39 -5.37 -10.84
CA GLY A 32 -11.18 -5.00 -11.56
C GLY A 32 -10.06 -4.62 -10.59
N GLU A 33 -10.20 -5.10 -9.37
CA GLU A 33 -9.20 -4.81 -8.34
C GLU A 33 -8.39 -6.07 -8.03
N LEU A 34 -7.37 -5.89 -7.20
CA LEU A 34 -6.51 -6.99 -6.81
C LEU A 34 -7.02 -7.61 -5.51
N ALA A 35 -6.72 -8.89 -5.33
CA ALA A 35 -7.14 -9.60 -4.14
C ALA A 35 -5.91 -9.91 -3.28
N PHE A 36 -6.16 -10.07 -1.99
CA PHE A 36 -5.09 -10.39 -1.05
C PHE A 36 -5.64 -10.94 0.26
N ARG A 37 -4.77 -11.62 1.00
CA ARG A 37 -5.16 -12.21 2.27
C ARG A 37 -4.76 -11.28 3.42
N LYS A 38 -5.23 -11.64 4.60
CA LYS A 38 -4.91 -10.86 5.79
C LYS A 38 -3.48 -11.16 6.23
N GLY A 39 -2.66 -10.12 6.25
CA GLY A 39 -1.28 -10.26 6.64
C GLY A 39 -0.38 -10.52 5.43
N ASP A 40 -0.65 -9.76 4.37
CA ASP A 40 0.12 -9.90 3.15
C ASP A 40 1.03 -8.68 2.98
N VAL A 41 2.22 -8.94 2.46
CA VAL A 41 3.19 -7.88 2.25
C VAL A 41 3.03 -7.32 0.83
N VAL A 42 3.03 -6.00 0.75
CA VAL A 42 2.89 -5.34 -0.54
C VAL A 42 3.76 -4.08 -0.56
N THR A 43 4.31 -3.79 -1.73
CA THR A 43 5.16 -2.63 -1.90
C THR A 43 4.39 -1.49 -2.56
N ILE A 44 4.49 -0.32 -1.95
CA ILE A 44 3.80 0.85 -2.46
C ILE A 44 4.37 1.21 -3.84
N LEU A 45 3.56 0.98 -4.86
CA LEU A 45 3.96 1.27 -6.22
C LEU A 45 3.97 2.78 -6.44
N GLU A 46 2.81 3.38 -6.22
CA GLU A 46 2.66 4.82 -6.40
C GLU A 46 1.80 5.40 -5.28
N ALA A 47 2.35 6.39 -4.60
CA ALA A 47 1.65 7.04 -3.50
C ALA A 47 0.69 8.09 -4.07
N CYS A 48 -0.59 7.89 -3.80
CA CYS A 48 -1.61 8.81 -4.28
C CYS A 48 -2.91 8.54 -3.52
N GLU A 49 -3.47 9.59 -2.97
CA GLU A 49 -4.72 9.48 -2.22
C GLU A 49 -5.69 8.55 -2.94
N ASN A 50 -5.91 8.84 -4.21
CA ASN A 50 -6.81 8.04 -5.02
C ASN A 50 -8.11 7.80 -4.24
N LYS A 51 -8.45 8.77 -3.41
CA LYS A 51 -9.65 8.68 -2.60
C LYS A 51 -9.52 7.52 -1.61
N SER A 52 -8.42 7.54 -0.87
CA SER A 52 -8.15 6.50 0.10
C SER A 52 -7.85 5.18 -0.61
N TRP A 53 -6.99 5.26 -1.60
CA TRP A 53 -6.60 4.09 -2.37
C TRP A 53 -5.10 4.15 -2.60
N TYR A 54 -4.48 2.97 -2.60
CA TYR A 54 -3.05 2.89 -2.81
C TYR A 54 -2.70 1.72 -3.75
N ARG A 55 -1.79 2.00 -4.67
CA ARG A 55 -1.37 0.99 -5.63
C ARG A 55 -0.11 0.28 -5.13
N VAL A 56 -0.29 -0.98 -4.73
CA VAL A 56 0.82 -1.77 -4.24
C VAL A 56 1.00 -3.00 -5.13
N LYS A 57 2.07 -3.74 -4.87
CA LYS A 57 2.37 -4.93 -5.63
C LYS A 57 2.35 -6.15 -4.70
N HIS A 58 1.50 -7.11 -5.05
CA HIS A 58 1.38 -8.33 -4.26
C HIS A 58 2.65 -9.17 -4.43
N HIS A 59 3.32 -9.40 -3.32
CA HIS A 59 4.54 -10.19 -3.32
C HIS A 59 4.21 -11.63 -3.72
N THR A 60 3.42 -12.28 -2.87
CA THR A 60 3.03 -13.65 -3.12
C THR A 60 2.60 -13.83 -4.58
N SER A 61 1.53 -13.13 -4.94
CA SER A 61 1.01 -13.20 -6.28
C SER A 61 2.05 -12.65 -7.28
N GLY A 62 2.26 -11.35 -7.18
CA GLY A 62 3.21 -10.68 -8.05
C GLY A 62 2.50 -9.74 -9.03
N GLN A 63 1.25 -9.44 -8.71
CA GLN A 63 0.46 -8.57 -9.55
C GLN A 63 0.47 -7.13 -8.99
N GLU A 64 -0.24 -6.25 -9.67
CA GLU A 64 -0.31 -4.87 -9.26
C GLU A 64 -1.76 -4.37 -9.32
N GLY A 65 -2.30 -4.06 -8.15
CA GLY A 65 -3.66 -3.57 -8.06
C GLY A 65 -3.79 -2.52 -6.96
N LEU A 66 -4.96 -1.88 -6.93
CA LEU A 66 -5.23 -0.85 -5.95
C LEU A 66 -5.53 -1.50 -4.61
N LEU A 67 -5.42 -0.70 -3.56
CA LEU A 67 -5.68 -1.18 -2.21
C LEU A 67 -6.39 -0.09 -1.41
N ALA A 68 -7.19 -0.53 -0.44
CA ALA A 68 -7.93 0.40 0.41
C ALA A 68 -6.96 1.06 1.39
N ALA A 69 -6.89 2.38 1.30
CA ALA A 69 -6.01 3.15 2.17
C ALA A 69 -6.39 2.87 3.63
N GLY A 70 -7.63 2.42 3.81
CA GLY A 70 -8.12 2.13 5.14
C GLY A 70 -8.14 0.62 5.39
N ALA A 71 -7.16 -0.06 4.82
CA ALA A 71 -7.05 -1.50 4.97
C ALA A 71 -5.58 -1.90 4.90
N LEU A 72 -4.72 -0.95 5.20
CA LEU A 72 -3.28 -1.19 5.17
C LEU A 72 -2.67 -0.77 6.50
N ARG A 73 -1.65 -1.51 6.91
CA ARG A 73 -0.97 -1.21 8.15
C ARG A 73 0.55 -1.31 7.97
N GLU A 74 1.27 -0.89 9.00
CA GLU A 74 2.73 -0.93 8.96
C GLU A 74 3.23 -2.26 9.53
N ARG A 75 3.79 -3.07 8.64
CA ARG A 75 4.31 -4.37 9.03
C ARG A 75 5.16 -4.23 10.29
N SER A 76 4.85 -5.07 11.28
CA SER A 76 5.58 -5.05 12.54
C SER A 76 6.62 -6.17 12.55
N GLY A 77 6.16 -7.37 12.26
CA GLY A 77 7.04 -8.53 12.24
C GLY A 77 6.37 -9.72 11.54
N PRO A 78 6.94 -10.92 11.80
CA PRO A 78 6.40 -12.14 11.20
C PRO A 78 5.10 -12.57 11.89
N SER A 79 4.00 -12.24 11.24
CA SER A 79 2.68 -12.58 11.78
C SER A 79 2.50 -11.93 13.15
N SER A 80 1.24 -11.73 13.51
CA SER A 80 0.91 -11.12 14.78
C SER A 80 -0.04 -12.03 15.57
N GLY A 81 -1.19 -12.30 14.96
CA GLY A 81 -2.19 -13.14 15.59
C GLY A 81 -3.30 -13.50 14.61
N GLY A 1 16.53 21.37 -15.61
CA GLY A 1 17.01 21.42 -14.24
C GLY A 1 17.74 22.73 -13.95
N SER A 2 17.18 23.49 -13.02
CA SER A 2 17.76 24.77 -12.65
C SER A 2 17.57 25.02 -11.15
N SER A 3 18.24 26.05 -10.65
CA SER A 3 18.15 26.40 -9.25
C SER A 3 16.68 26.58 -8.85
N GLY A 4 16.25 25.76 -7.91
CA GLY A 4 14.88 25.81 -7.42
C GLY A 4 14.79 26.56 -6.10
N SER A 5 14.08 25.96 -5.17
CA SER A 5 13.90 26.54 -3.84
C SER A 5 13.97 25.46 -2.77
N SER A 6 14.91 25.63 -1.85
CA SER A 6 15.08 24.68 -0.76
C SER A 6 14.17 25.05 0.40
N GLY A 7 13.84 24.04 1.20
CA GLY A 7 12.98 24.25 2.35
C GLY A 7 12.42 22.92 2.85
N ARG A 8 12.76 22.58 4.09
CA ARG A 8 12.29 21.34 4.70
C ARG A 8 10.77 21.37 4.84
N MET A 9 10.16 20.22 4.61
CA MET A 9 8.72 20.10 4.71
C MET A 9 8.33 18.77 5.35
N PRO A 10 7.15 18.79 6.03
CA PRO A 10 6.65 17.60 6.70
C PRO A 10 6.10 16.60 5.69
N THR A 11 6.26 15.32 6.02
CA THR A 11 5.77 14.26 5.15
C THR A 11 4.67 13.47 5.84
N ARG A 12 3.92 12.73 5.04
CA ARG A 12 2.83 11.91 5.55
C ARG A 12 2.55 10.75 4.61
N ARG A 13 1.65 9.87 5.06
CA ARG A 13 1.30 8.71 4.27
C ARG A 13 2.53 7.85 3.99
N TRP A 14 2.27 6.67 3.44
CA TRP A 14 3.36 5.75 3.12
C TRP A 14 3.91 6.14 1.74
N ALA A 15 5.22 6.07 1.62
CA ALA A 15 5.88 6.41 0.37
C ALA A 15 5.99 5.15 -0.50
N PRO A 16 6.38 5.38 -1.79
CA PRO A 16 6.54 4.27 -2.73
C PRO A 16 7.81 3.48 -2.44
N GLY A 17 7.61 2.22 -2.06
CA GLY A 17 8.74 1.36 -1.75
C GLY A 17 8.61 0.77 -0.34
N THR A 18 7.58 1.21 0.36
CA THR A 18 7.33 0.75 1.72
C THR A 18 6.41 -0.47 1.70
N GLN A 19 6.73 -1.41 2.56
CA GLN A 19 5.93 -2.63 2.66
C GLN A 19 4.77 -2.43 3.64
N CYS A 20 3.56 -2.60 3.12
CA CYS A 20 2.37 -2.43 3.92
C CYS A 20 1.75 -3.82 4.15
N ILE A 21 0.92 -3.89 5.18
CA ILE A 21 0.25 -5.14 5.50
C ILE A 21 -1.27 -4.92 5.53
N THR A 22 -2.00 -6.01 5.32
CA THR A 22 -3.44 -5.94 5.32
C THR A 22 -3.99 -6.22 6.72
N LYS A 23 -5.10 -5.57 7.03
CA LYS A 23 -5.73 -5.74 8.33
C LYS A 23 -6.71 -6.91 8.26
N CYS A 24 -7.22 -7.15 7.07
CA CYS A 24 -8.16 -8.23 6.86
C CYS A 24 -7.80 -8.93 5.54
N GLU A 25 -8.53 -10.01 5.26
CA GLU A 25 -8.31 -10.77 4.04
C GLU A 25 -9.39 -10.44 3.02
N HIS A 26 -8.99 -10.43 1.76
CA HIS A 26 -9.91 -10.13 0.67
C HIS A 26 -9.76 -11.19 -0.43
N THR A 27 -10.73 -12.08 -0.50
CA THR A 27 -10.72 -13.13 -1.49
C THR A 27 -11.47 -12.69 -2.75
N ARG A 28 -12.45 -11.81 -2.54
CA ARG A 28 -13.26 -11.31 -3.63
C ARG A 28 -13.31 -9.78 -3.60
N PRO A 29 -12.34 -9.15 -4.32
CA PRO A 29 -12.27 -7.70 -4.37
C PRO A 29 -13.37 -7.13 -5.27
N LYS A 30 -13.47 -5.82 -5.26
CA LYS A 30 -14.46 -5.14 -6.07
C LYS A 30 -14.09 -5.28 -7.55
N PRO A 31 -15.00 -4.77 -8.42
CA PRO A 31 -14.79 -4.84 -9.86
C PRO A 31 -13.75 -3.81 -10.30
N GLY A 32 -12.50 -4.26 -10.35
CA GLY A 32 -11.41 -3.37 -10.76
C GLY A 32 -10.35 -3.27 -9.66
N GLU A 33 -10.54 -4.07 -8.62
CA GLU A 33 -9.62 -4.08 -7.50
C GLU A 33 -8.82 -5.37 -7.48
N LEU A 34 -7.84 -5.42 -6.58
CA LEU A 34 -6.99 -6.59 -6.45
C LEU A 34 -7.38 -7.35 -5.18
N ALA A 35 -7.03 -8.63 -5.17
CA ALA A 35 -7.33 -9.48 -4.03
C ALA A 35 -6.06 -9.70 -3.21
N PHE A 36 -6.25 -9.99 -1.93
CA PHE A 36 -5.13 -10.22 -1.03
C PHE A 36 -5.60 -10.87 0.27
N ARG A 37 -4.69 -11.59 0.90
CA ARG A 37 -4.98 -12.25 2.15
C ARG A 37 -4.65 -11.34 3.33
N LYS A 38 -4.98 -11.83 4.53
CA LYS A 38 -4.71 -11.07 5.74
C LYS A 38 -3.25 -11.28 6.16
N GLY A 39 -2.54 -10.17 6.25
CA GLY A 39 -1.13 -10.22 6.64
C GLY A 39 -0.23 -10.48 5.43
N ASP A 40 -0.52 -9.75 4.36
CA ASP A 40 0.27 -9.88 3.13
C ASP A 40 1.18 -8.67 2.98
N VAL A 41 2.35 -8.92 2.42
CA VAL A 41 3.32 -7.86 2.21
C VAL A 41 3.18 -7.32 0.78
N VAL A 42 3.07 -6.01 0.69
CA VAL A 42 2.92 -5.35 -0.60
C VAL A 42 3.81 -4.10 -0.64
N THR A 43 4.44 -3.90 -1.78
CA THR A 43 5.31 -2.75 -1.96
C THR A 43 4.52 -1.58 -2.55
N ILE A 44 4.62 -0.44 -1.88
CA ILE A 44 3.93 0.76 -2.32
C ILE A 44 4.53 1.22 -3.66
N LEU A 45 3.74 1.05 -4.71
CA LEU A 45 4.18 1.44 -6.04
C LEU A 45 3.98 2.95 -6.21
N GLU A 46 2.73 3.36 -6.10
CA GLU A 46 2.39 4.77 -6.25
C GLU A 46 1.34 5.17 -5.21
N ALA A 47 1.68 6.17 -4.43
CA ALA A 47 0.78 6.67 -3.39
C ALA A 47 0.02 7.88 -3.92
N CYS A 48 -1.19 8.04 -3.42
CA CYS A 48 -2.03 9.16 -3.83
C CYS A 48 -2.75 8.77 -5.12
N GLU A 49 -3.21 9.79 -5.84
CA GLU A 49 -3.90 9.57 -7.09
C GLU A 49 -5.31 9.03 -6.82
N ASN A 50 -5.80 9.32 -5.63
CA ASN A 50 -7.13 8.87 -5.23
C ASN A 50 -7.50 9.49 -3.88
N LYS A 51 -6.52 9.50 -2.99
CA LYS A 51 -6.73 10.06 -1.66
C LYS A 51 -7.51 9.07 -0.81
N SER A 52 -7.58 7.84 -1.30
CA SER A 52 -8.30 6.79 -0.59
C SER A 52 -8.01 5.43 -1.24
N TRP A 53 -6.78 5.31 -1.75
CA TRP A 53 -6.37 4.07 -2.39
C TRP A 53 -4.84 4.09 -2.51
N TYR A 54 -4.27 2.90 -2.56
CA TYR A 54 -2.83 2.77 -2.67
C TYR A 54 -2.46 1.63 -3.63
N ARG A 55 -1.63 1.98 -4.61
CA ARG A 55 -1.19 1.00 -5.60
C ARG A 55 0.06 0.27 -5.10
N VAL A 56 -0.15 -0.99 -4.74
CA VAL A 56 0.95 -1.81 -4.25
C VAL A 56 1.06 -3.07 -5.11
N LYS A 57 2.16 -3.78 -4.91
CA LYS A 57 2.41 -5.00 -5.66
C LYS A 57 2.36 -6.20 -4.72
N HIS A 58 1.48 -7.13 -5.04
CA HIS A 58 1.31 -8.33 -4.23
C HIS A 58 2.54 -9.23 -4.41
N HIS A 59 3.13 -9.59 -3.28
CA HIS A 59 4.31 -10.45 -3.29
C HIS A 59 3.94 -11.82 -3.86
N THR A 60 3.26 -12.60 -3.03
CA THR A 60 2.84 -13.93 -3.43
C THR A 60 2.22 -13.89 -4.83
N SER A 61 1.11 -13.19 -4.94
CA SER A 61 0.41 -13.06 -6.21
C SER A 61 1.39 -12.58 -7.29
N GLY A 62 1.93 -11.39 -7.06
CA GLY A 62 2.86 -10.81 -8.01
C GLY A 62 2.15 -9.84 -8.95
N GLN A 63 0.91 -9.54 -8.62
CA GLN A 63 0.12 -8.63 -9.43
C GLN A 63 0.15 -7.22 -8.84
N GLU A 64 -0.46 -6.28 -9.56
CA GLU A 64 -0.51 -4.91 -9.12
C GLU A 64 -1.93 -4.36 -9.20
N GLY A 65 -2.46 -4.01 -8.03
CA GLY A 65 -3.81 -3.48 -7.95
C GLY A 65 -3.93 -2.43 -6.84
N LEU A 66 -5.03 -1.70 -6.87
CA LEU A 66 -5.27 -0.67 -5.88
C LEU A 66 -5.71 -1.33 -4.56
N LEU A 67 -5.37 -0.67 -3.46
CA LEU A 67 -5.71 -1.19 -2.16
C LEU A 67 -6.40 -0.08 -1.35
N ALA A 68 -7.32 -0.51 -0.49
CA ALA A 68 -8.06 0.44 0.34
C ALA A 68 -7.10 1.08 1.35
N ALA A 69 -6.97 2.39 1.22
CA ALA A 69 -6.10 3.13 2.12
C ALA A 69 -6.46 2.82 3.56
N GLY A 70 -7.70 2.38 3.76
CA GLY A 70 -8.18 2.04 5.08
C GLY A 70 -8.19 0.52 5.28
N ALA A 71 -7.22 -0.14 4.67
CA ALA A 71 -7.11 -1.57 4.78
C ALA A 71 -5.64 -1.98 4.74
N LEU A 72 -4.78 -1.03 5.09
CA LEU A 72 -3.36 -1.26 5.10
C LEU A 72 -2.77 -0.82 6.44
N ARG A 73 -1.64 -1.42 6.79
CA ARG A 73 -0.97 -1.09 8.05
C ARG A 73 0.54 -1.18 7.88
N GLU A 74 1.25 -0.73 8.90
CA GLU A 74 2.70 -0.76 8.89
C GLU A 74 3.22 -2.07 9.47
N ARG A 75 3.79 -2.89 8.60
CA ARG A 75 4.32 -4.17 9.01
C ARG A 75 5.16 -4.02 10.28
N SER A 76 4.93 -4.91 11.23
CA SER A 76 5.65 -4.88 12.48
C SER A 76 6.94 -5.70 12.37
N GLY A 77 8.03 -4.99 12.08
CA GLY A 77 9.32 -5.63 11.94
C GLY A 77 10.45 -4.66 12.27
N PRO A 78 11.68 -5.03 11.81
CA PRO A 78 12.85 -4.20 12.05
C PRO A 78 12.84 -2.97 11.14
N SER A 79 12.53 -3.21 9.88
CA SER A 79 12.49 -2.13 8.91
C SER A 79 13.85 -1.44 8.82
N SER A 80 14.02 -0.66 7.77
CA SER A 80 15.27 0.05 7.56
C SER A 80 15.00 1.56 7.45
N GLY A 81 16.05 2.34 7.70
CA GLY A 81 15.94 3.78 7.64
C GLY A 81 17.32 4.43 7.44
N GLY A 1 29.46 15.76 -1.96
CA GLY A 1 29.12 16.39 -3.22
C GLY A 1 27.87 17.24 -3.09
N SER A 2 26.74 16.56 -2.94
CA SER A 2 25.46 17.24 -2.80
C SER A 2 25.47 18.12 -1.55
N SER A 3 24.97 19.33 -1.71
CA SER A 3 24.91 20.27 -0.60
C SER A 3 23.45 20.64 -0.29
N GLY A 4 22.86 19.89 0.61
CA GLY A 4 21.48 20.12 0.99
C GLY A 4 21.25 19.78 2.47
N SER A 5 20.12 19.13 2.72
CA SER A 5 19.77 18.73 4.07
C SER A 5 18.58 17.78 4.04
N SER A 6 18.78 16.61 4.62
CA SER A 6 17.72 15.61 4.66
C SER A 6 17.23 15.43 6.10
N GLY A 7 15.91 15.46 6.25
CA GLY A 7 15.29 15.31 7.56
C GLY A 7 14.12 14.33 7.51
N ARG A 8 14.41 13.09 7.88
CA ARG A 8 13.39 12.06 7.88
C ARG A 8 12.80 11.89 6.48
N MET A 9 13.48 11.09 5.67
CA MET A 9 13.03 10.84 4.31
C MET A 9 11.51 10.65 4.26
N PRO A 10 11.02 9.73 5.14
CA PRO A 10 9.59 9.45 5.20
C PRO A 10 8.84 10.58 5.90
N THR A 11 7.82 11.07 5.23
CA THR A 11 7.01 12.15 5.78
C THR A 11 5.66 12.23 5.06
N ARG A 12 4.61 12.34 5.87
CA ARG A 12 3.26 12.42 5.33
C ARG A 12 2.91 11.13 4.59
N ARG A 13 2.01 10.36 5.19
CA ARG A 13 1.60 9.10 4.61
C ARG A 13 2.80 8.24 4.27
N TRP A 14 2.51 7.06 3.74
CA TRP A 14 3.57 6.13 3.37
C TRP A 14 4.11 6.56 2.00
N ALA A 15 5.33 6.10 1.72
CA ALA A 15 5.97 6.44 0.46
C ALA A 15 6.07 5.18 -0.41
N PRO A 16 6.52 5.38 -1.67
CA PRO A 16 6.66 4.28 -2.60
C PRO A 16 7.88 3.42 -2.26
N GLY A 17 7.63 2.16 -1.95
CA GLY A 17 8.70 1.25 -1.61
C GLY A 17 8.55 0.74 -0.16
N THR A 18 7.48 1.20 0.48
CA THR A 18 7.22 0.81 1.85
C THR A 18 6.35 -0.45 1.89
N GLN A 19 6.71 -1.35 2.79
CA GLN A 19 5.96 -2.59 2.94
C GLN A 19 4.75 -2.39 3.85
N CYS A 20 3.58 -2.55 3.25
CA CYS A 20 2.34 -2.39 3.99
C CYS A 20 1.68 -3.77 4.14
N ILE A 21 0.97 -3.93 5.24
CA ILE A 21 0.29 -5.19 5.52
C ILE A 21 -1.23 -4.95 5.52
N THR A 22 -1.95 -5.99 5.13
CA THR A 22 -3.41 -5.91 5.08
C THR A 22 -3.99 -6.11 6.47
N LYS A 23 -5.10 -5.42 6.72
CA LYS A 23 -5.77 -5.52 8.00
C LYS A 23 -6.76 -6.69 7.97
N CYS A 24 -7.21 -7.01 6.77
CA CYS A 24 -8.15 -8.10 6.59
C CYS A 24 -7.78 -8.85 5.31
N GLU A 25 -8.55 -9.89 5.03
CA GLU A 25 -8.31 -10.70 3.84
C GLU A 25 -9.37 -10.39 2.77
N HIS A 26 -8.90 -10.30 1.53
CA HIS A 26 -9.79 -10.02 0.43
C HIS A 26 -9.67 -11.12 -0.63
N THR A 27 -10.68 -11.96 -0.68
CA THR A 27 -10.70 -13.06 -1.64
C THR A 27 -11.41 -12.64 -2.92
N ARG A 28 -12.36 -11.72 -2.76
CA ARG A 28 -13.12 -11.23 -3.90
C ARG A 28 -13.12 -9.69 -3.91
N PRO A 29 -12.11 -9.12 -4.62
CA PRO A 29 -11.99 -7.67 -4.70
C PRO A 29 -13.03 -7.10 -5.67
N LYS A 30 -13.08 -5.77 -5.73
CA LYS A 30 -14.02 -5.10 -6.59
C LYS A 30 -13.74 -5.48 -8.04
N PRO A 31 -14.63 -5.01 -8.96
CA PRO A 31 -14.49 -5.30 -10.37
C PRO A 31 -13.36 -4.47 -10.98
N GLY A 32 -12.18 -5.05 -10.99
CA GLY A 32 -11.01 -4.38 -11.54
C GLY A 32 -9.98 -4.08 -10.46
N GLU A 33 -10.06 -4.85 -9.38
CA GLU A 33 -9.14 -4.68 -8.26
C GLU A 33 -8.30 -5.93 -8.07
N LEU A 34 -7.38 -5.85 -7.11
CA LEU A 34 -6.51 -6.97 -6.82
C LEU A 34 -7.04 -7.72 -5.58
N ALA A 35 -6.66 -8.98 -5.48
CA ALA A 35 -7.09 -9.81 -4.37
C ALA A 35 -5.87 -10.11 -3.48
N PHE A 36 -6.15 -10.25 -2.19
CA PHE A 36 -5.11 -10.55 -1.23
C PHE A 36 -5.69 -11.14 0.05
N ARG A 37 -4.81 -11.69 0.88
CA ARG A 37 -5.22 -12.29 2.13
C ARG A 37 -4.82 -11.40 3.31
N LYS A 38 -5.08 -11.90 4.51
CA LYS A 38 -4.76 -11.16 5.72
C LYS A 38 -3.27 -11.36 6.04
N GLY A 39 -2.58 -10.24 6.21
CA GLY A 39 -1.17 -10.27 6.52
C GLY A 39 -0.33 -10.48 5.26
N ASP A 40 -0.65 -9.71 4.24
CA ASP A 40 0.05 -9.81 2.97
C ASP A 40 1.06 -8.66 2.86
N VAL A 41 2.22 -8.98 2.33
CA VAL A 41 3.26 -7.98 2.15
C VAL A 41 3.19 -7.39 0.74
N VAL A 42 3.00 -6.09 0.69
CA VAL A 42 2.91 -5.39 -0.58
C VAL A 42 3.85 -4.19 -0.57
N THR A 43 4.23 -3.77 -1.77
CA THR A 43 5.12 -2.63 -1.92
C THR A 43 4.39 -1.46 -2.58
N ILE A 44 4.43 -0.32 -1.90
CA ILE A 44 3.78 0.87 -2.40
C ILE A 44 4.35 1.22 -3.78
N LEU A 45 3.58 0.90 -4.81
CA LEU A 45 3.99 1.16 -6.18
C LEU A 45 4.07 2.67 -6.40
N GLU A 46 2.97 3.34 -6.09
CA GLU A 46 2.91 4.79 -6.25
C GLU A 46 1.99 5.39 -5.19
N ALA A 47 2.55 6.32 -4.42
CA ALA A 47 1.80 6.98 -3.37
C ALA A 47 1.09 8.20 -3.96
N CYS A 48 -0.23 8.09 -4.09
CA CYS A 48 -1.03 9.17 -4.63
C CYS A 48 -2.44 9.05 -4.04
N GLU A 49 -3.20 10.12 -4.20
CA GLU A 49 -4.56 10.16 -3.70
C GLU A 49 -5.51 9.45 -4.66
N ASN A 50 -6.52 8.82 -4.09
CA ASN A 50 -7.49 8.10 -4.88
C ASN A 50 -8.72 7.79 -4.02
N LYS A 51 -9.00 8.69 -3.11
CA LYS A 51 -10.13 8.54 -2.21
C LYS A 51 -9.87 7.39 -1.24
N SER A 52 -8.70 7.46 -0.61
CA SER A 52 -8.31 6.43 0.34
C SER A 52 -7.98 5.13 -0.39
N TRP A 53 -7.16 5.26 -1.42
CA TRP A 53 -6.76 4.10 -2.21
C TRP A 53 -5.26 4.22 -2.49
N TYR A 54 -4.62 3.06 -2.58
CA TYR A 54 -3.19 3.00 -2.84
C TYR A 54 -2.85 1.87 -3.81
N ARG A 55 -1.76 2.05 -4.52
CA ARG A 55 -1.31 1.05 -5.49
C ARG A 55 -0.08 0.32 -4.95
N VAL A 56 -0.25 -0.97 -4.71
CA VAL A 56 0.83 -1.79 -4.21
C VAL A 56 1.01 -3.02 -5.11
N LYS A 57 2.04 -3.79 -4.81
CA LYS A 57 2.33 -4.99 -5.58
C LYS A 57 2.41 -6.19 -4.63
N HIS A 58 1.61 -7.19 -4.95
CA HIS A 58 1.57 -8.41 -4.14
C HIS A 58 2.85 -9.22 -4.39
N HIS A 59 3.58 -9.45 -3.31
CA HIS A 59 4.81 -10.21 -3.38
C HIS A 59 4.52 -11.61 -3.93
N THR A 60 3.83 -12.40 -3.11
CA THR A 60 3.49 -13.76 -3.50
C THR A 60 2.90 -13.78 -4.90
N SER A 61 1.75 -13.12 -5.04
CA SER A 61 1.07 -13.06 -6.33
C SER A 61 2.03 -12.51 -7.39
N GLY A 62 2.35 -11.23 -7.25
CA GLY A 62 3.24 -10.57 -8.18
C GLY A 62 2.47 -9.65 -9.12
N GLN A 63 1.21 -9.43 -8.78
CA GLN A 63 0.35 -8.57 -9.59
C GLN A 63 0.34 -7.15 -9.02
N GLU A 64 -0.36 -6.28 -9.74
CA GLU A 64 -0.46 -4.88 -9.32
C GLU A 64 -1.92 -4.43 -9.36
N GLY A 65 -2.41 -4.06 -8.19
CA GLY A 65 -3.78 -3.59 -8.06
C GLY A 65 -3.91 -2.54 -6.96
N LEU A 66 -5.05 -1.85 -6.96
CA LEU A 66 -5.31 -0.82 -5.98
C LEU A 66 -5.65 -1.48 -4.64
N LEU A 67 -5.50 -0.70 -3.58
CA LEU A 67 -5.78 -1.18 -2.24
C LEU A 67 -6.53 -0.11 -1.46
N ALA A 68 -7.23 -0.54 -0.42
CA ALA A 68 -7.98 0.37 0.41
C ALA A 68 -7.04 1.04 1.43
N ALA A 69 -6.92 2.34 1.29
CA ALA A 69 -6.07 3.11 2.19
C ALA A 69 -6.41 2.77 3.64
N GLY A 70 -7.67 2.41 3.84
CA GLY A 70 -8.13 2.06 5.17
C GLY A 70 -8.12 0.54 5.37
N ALA A 71 -7.13 -0.10 4.78
CA ALA A 71 -6.99 -1.54 4.89
C ALA A 71 -5.51 -1.91 4.81
N LEU A 72 -4.67 -0.94 5.16
CA LEU A 72 -3.23 -1.16 5.13
C LEU A 72 -2.63 -0.73 6.47
N ARG A 73 -1.60 -1.46 6.88
CA ARG A 73 -0.94 -1.17 8.14
C ARG A 73 0.58 -1.25 7.97
N GLU A 74 1.29 -0.82 9.01
CA GLU A 74 2.74 -0.84 8.99
C GLU A 74 3.27 -2.17 9.51
N ARG A 75 3.74 -2.99 8.59
CA ARG A 75 4.27 -4.29 8.96
C ARG A 75 5.10 -4.20 10.24
N SER A 76 6.09 -3.32 10.20
CA SER A 76 6.95 -3.12 11.35
C SER A 76 7.64 -4.43 11.74
N GLY A 77 8.95 -4.46 11.52
CA GLY A 77 9.73 -5.66 11.83
C GLY A 77 11.16 -5.28 12.19
N PRO A 78 11.87 -6.25 12.83
CA PRO A 78 13.25 -6.04 13.24
C PRO A 78 14.19 -6.13 12.03
N SER A 79 14.65 -4.96 11.61
CA SER A 79 15.55 -4.88 10.47
C SER A 79 16.83 -4.15 10.87
N SER A 80 17.73 -4.91 11.49
CA SER A 80 19.01 -4.35 11.92
C SER A 80 18.76 -3.19 12.89
N GLY A 81 18.72 -3.51 14.16
CA GLY A 81 18.49 -2.50 15.19
C GLY A 81 17.07 -2.57 15.72
N GLY A 1 19.11 19.11 -19.17
CA GLY A 1 18.01 18.74 -18.29
C GLY A 1 18.53 18.18 -16.96
N SER A 2 18.44 19.00 -15.94
CA SER A 2 18.90 18.61 -14.61
C SER A 2 18.57 19.71 -13.60
N SER A 3 17.37 19.63 -13.05
CA SER A 3 16.92 20.60 -12.07
C SER A 3 15.64 20.11 -11.38
N GLY A 4 15.78 19.75 -10.12
CA GLY A 4 14.66 19.25 -9.35
C GLY A 4 14.95 19.30 -7.85
N SER A 5 13.89 19.33 -7.07
CA SER A 5 14.03 19.37 -5.62
C SER A 5 13.06 18.38 -4.97
N SER A 6 13.28 18.13 -3.69
CA SER A 6 12.43 17.21 -2.95
C SER A 6 12.63 17.42 -1.45
N GLY A 7 11.88 18.37 -0.90
CA GLY A 7 11.97 18.67 0.51
C GLY A 7 10.62 18.48 1.20
N ARG A 8 10.31 17.22 1.49
CA ARG A 8 9.04 16.89 2.14
C ARG A 8 9.26 15.80 3.18
N MET A 9 8.57 15.94 4.29
CA MET A 9 8.67 14.97 5.37
C MET A 9 7.49 13.99 5.35
N PRO A 10 7.74 12.77 5.88
CA PRO A 10 6.71 11.75 5.91
C PRO A 10 5.69 12.04 7.02
N THR A 11 4.68 12.81 6.65
CA THR A 11 3.63 13.17 7.60
C THR A 11 2.94 11.93 8.13
N ARG A 12 2.34 11.19 7.21
CA ARG A 12 1.64 9.96 7.57
C ARG A 12 1.64 8.98 6.39
N ARG A 13 1.08 9.43 5.27
CA ARG A 13 1.03 8.61 4.08
C ARG A 13 2.32 7.82 3.91
N TRP A 14 2.19 6.64 3.31
CA TRP A 14 3.34 5.78 3.08
C TRP A 14 3.95 6.16 1.72
N ALA A 15 5.26 6.03 1.65
CA ALA A 15 5.99 6.35 0.43
C ALA A 15 6.10 5.09 -0.43
N PRO A 16 6.53 5.31 -1.70
CA PRO A 16 6.68 4.21 -2.64
C PRO A 16 7.94 3.39 -2.32
N GLY A 17 7.72 2.14 -1.98
CA GLY A 17 8.82 1.25 -1.64
C GLY A 17 8.65 0.66 -0.24
N THR A 18 7.69 1.21 0.48
CA THR A 18 7.41 0.75 1.84
C THR A 18 6.49 -0.47 1.81
N GLN A 19 6.77 -1.40 2.70
CA GLN A 19 5.98 -2.61 2.80
C GLN A 19 4.81 -2.40 3.76
N CYS A 20 3.61 -2.56 3.22
CA CYS A 20 2.40 -2.39 4.02
C CYS A 20 1.73 -3.76 4.17
N ILE A 21 0.97 -3.90 5.24
CA ILE A 21 0.27 -5.14 5.51
C ILE A 21 -1.23 -4.88 5.50
N THR A 22 -1.98 -5.94 5.22
CA THR A 22 -3.44 -5.85 5.18
C THR A 22 -4.02 -6.03 6.59
N LYS A 23 -5.05 -5.24 6.87
CA LYS A 23 -5.70 -5.31 8.17
C LYS A 23 -6.71 -6.45 8.16
N CYS A 24 -7.22 -6.75 6.99
CA CYS A 24 -8.19 -7.81 6.84
C CYS A 24 -7.85 -8.61 5.57
N GLU A 25 -8.62 -9.66 5.34
CA GLU A 25 -8.40 -10.50 4.17
C GLU A 25 -9.42 -10.17 3.09
N HIS A 26 -8.95 -10.21 1.85
CA HIS A 26 -9.80 -9.91 0.71
C HIS A 26 -9.66 -11.02 -0.34
N THR A 27 -10.69 -11.85 -0.42
CA THR A 27 -10.69 -12.95 -1.37
C THR A 27 -11.35 -12.51 -2.69
N ARG A 28 -12.40 -11.72 -2.55
CA ARG A 28 -13.13 -11.23 -3.71
C ARG A 28 -13.10 -9.69 -3.75
N PRO A 29 -12.06 -9.16 -4.45
CA PRO A 29 -11.91 -7.72 -4.56
C PRO A 29 -12.92 -7.14 -5.55
N LYS A 30 -12.90 -5.82 -5.66
CA LYS A 30 -13.81 -5.13 -6.56
C LYS A 30 -13.49 -5.52 -8.00
N PRO A 31 -14.34 -5.03 -8.94
CA PRO A 31 -14.16 -5.31 -10.35
C PRO A 31 -13.00 -4.51 -10.93
N GLY A 32 -11.83 -5.12 -10.91
CA GLY A 32 -10.63 -4.46 -11.43
C GLY A 32 -9.63 -4.16 -10.31
N GLU A 33 -9.77 -4.92 -9.24
CA GLU A 33 -8.89 -4.75 -8.09
C GLU A 33 -8.07 -6.02 -7.86
N LEU A 34 -7.16 -5.93 -6.90
CA LEU A 34 -6.30 -7.06 -6.57
C LEU A 34 -6.82 -7.74 -5.30
N ALA A 35 -6.54 -9.03 -5.20
CA ALA A 35 -6.98 -9.80 -4.04
C ALA A 35 -5.78 -10.04 -3.11
N PHE A 36 -6.10 -10.35 -1.86
CA PHE A 36 -5.06 -10.59 -0.87
C PHE A 36 -5.68 -11.11 0.43
N ARG A 37 -4.82 -11.74 1.24
CA ARG A 37 -5.26 -12.29 2.51
C ARG A 37 -4.78 -11.41 3.66
N LYS A 38 -5.26 -11.72 4.85
CA LYS A 38 -4.88 -10.98 6.04
C LYS A 38 -3.41 -11.24 6.35
N GLY A 39 -2.64 -10.16 6.36
CA GLY A 39 -1.21 -10.26 6.64
C GLY A 39 -0.42 -10.49 5.36
N ASP A 40 -0.77 -9.72 4.34
CA ASP A 40 -0.10 -9.83 3.05
C ASP A 40 0.94 -8.70 2.92
N VAL A 41 2.10 -9.06 2.40
CA VAL A 41 3.17 -8.08 2.22
C VAL A 41 3.13 -7.55 0.79
N VAL A 42 3.04 -6.24 0.67
CA VAL A 42 3.00 -5.61 -0.63
C VAL A 42 3.92 -4.39 -0.63
N THR A 43 4.30 -3.96 -1.83
CA THR A 43 5.19 -2.82 -1.98
C THR A 43 4.42 -1.62 -2.54
N ILE A 44 4.57 -0.50 -1.87
CA ILE A 44 3.90 0.72 -2.29
C ILE A 44 4.46 1.16 -3.64
N LEU A 45 3.58 1.15 -4.64
CA LEU A 45 3.97 1.54 -5.98
C LEU A 45 3.81 3.05 -6.13
N GLU A 46 2.64 3.54 -5.76
CA GLU A 46 2.35 4.96 -5.85
C GLU A 46 1.51 5.40 -4.65
N ALA A 47 1.84 6.58 -4.13
CA ALA A 47 1.13 7.12 -2.99
C ALA A 47 0.04 8.07 -3.49
N CYS A 48 -1.20 7.70 -3.19
CA CYS A 48 -2.33 8.51 -3.61
C CYS A 48 -2.43 8.47 -5.14
N GLU A 49 -3.57 7.99 -5.62
CA GLU A 49 -3.79 7.89 -7.04
C GLU A 49 -5.19 7.33 -7.33
N ASN A 50 -6.19 8.06 -6.85
CA ASN A 50 -7.57 7.66 -7.04
C ASN A 50 -8.48 8.47 -6.12
N LYS A 51 -8.41 8.17 -4.83
CA LYS A 51 -9.20 8.87 -3.84
C LYS A 51 -9.21 8.06 -2.54
N SER A 52 -8.07 8.07 -1.87
CA SER A 52 -7.94 7.35 -0.61
C SER A 52 -7.64 5.87 -0.88
N TRP A 53 -6.67 5.65 -1.76
CA TRP A 53 -6.27 4.31 -2.11
C TRP A 53 -4.76 4.28 -2.28
N TYR A 54 -4.23 3.09 -2.50
CA TYR A 54 -2.80 2.92 -2.68
C TYR A 54 -2.50 1.70 -3.55
N ARG A 55 -1.80 1.95 -4.65
CA ARG A 55 -1.44 0.88 -5.56
C ARG A 55 -0.16 0.18 -5.09
N VAL A 56 -0.33 -1.05 -4.62
CA VAL A 56 0.81 -1.83 -4.15
C VAL A 56 1.02 -3.03 -5.07
N LYS A 57 2.15 -3.69 -4.88
CA LYS A 57 2.48 -4.85 -5.69
C LYS A 57 2.62 -6.08 -4.78
N HIS A 58 1.81 -7.09 -5.08
CA HIS A 58 1.84 -8.31 -4.30
C HIS A 58 3.18 -9.02 -4.49
N HIS A 59 3.68 -9.58 -3.40
CA HIS A 59 4.95 -10.28 -3.44
C HIS A 59 4.70 -11.75 -3.81
N THR A 60 3.85 -12.40 -3.03
CA THR A 60 3.53 -13.79 -3.27
C THR A 60 3.18 -14.01 -4.73
N SER A 61 2.08 -13.39 -5.15
CA SER A 61 1.62 -13.51 -6.52
C SER A 61 2.58 -12.78 -7.46
N GLY A 62 2.59 -11.45 -7.33
CA GLY A 62 3.45 -10.63 -8.16
C GLY A 62 2.63 -9.76 -9.12
N GLN A 63 1.39 -9.51 -8.71
CA GLN A 63 0.50 -8.69 -9.51
C GLN A 63 0.42 -7.27 -8.95
N GLU A 64 -0.39 -6.45 -9.59
CA GLU A 64 -0.57 -5.07 -9.17
C GLU A 64 -2.05 -4.68 -9.23
N GLY A 65 -2.53 -4.13 -8.12
CA GLY A 65 -3.91 -3.71 -8.03
C GLY A 65 -4.06 -2.53 -7.08
N LEU A 66 -5.29 -2.05 -6.98
CA LEU A 66 -5.59 -0.91 -6.12
C LEU A 66 -6.01 -1.44 -4.74
N LEU A 67 -5.51 -0.75 -3.72
CA LEU A 67 -5.82 -1.14 -2.34
C LEU A 67 -6.48 0.05 -1.63
N ALA A 68 -7.23 -0.27 -0.60
CA ALA A 68 -7.92 0.74 0.18
C ALA A 68 -6.97 1.29 1.25
N ALA A 69 -6.77 2.59 1.20
CA ALA A 69 -5.88 3.25 2.16
C ALA A 69 -6.32 2.87 3.58
N GLY A 70 -7.59 2.55 3.72
CA GLY A 70 -8.13 2.17 5.00
C GLY A 70 -8.17 0.65 5.16
N ALA A 71 -7.12 0.01 4.66
CA ALA A 71 -7.02 -1.44 4.73
C ALA A 71 -5.55 -1.85 4.68
N LEU A 72 -4.70 -0.92 5.09
CA LEU A 72 -3.26 -1.17 5.11
C LEU A 72 -2.68 -0.77 6.46
N ARG A 73 -1.56 -1.38 6.80
CA ARG A 73 -0.90 -1.10 8.05
C ARG A 73 0.62 -1.22 7.90
N GLU A 74 1.33 -0.80 8.94
CA GLU A 74 2.77 -0.86 8.93
C GLU A 74 3.27 -2.19 9.51
N ARG A 75 3.72 -3.05 8.62
CA ARG A 75 4.21 -4.36 9.02
C ARG A 75 5.00 -4.24 10.33
N SER A 76 4.64 -5.10 11.27
CA SER A 76 5.30 -5.11 12.57
C SER A 76 6.26 -6.29 12.66
N GLY A 77 5.70 -7.48 12.50
CA GLY A 77 6.49 -8.70 12.55
C GLY A 77 5.65 -9.88 13.03
N PRO A 78 6.35 -10.94 13.53
CA PRO A 78 5.69 -12.13 14.02
C PRO A 78 5.04 -11.88 15.38
N SER A 79 5.78 -11.20 16.24
CA SER A 79 5.30 -10.88 17.57
C SER A 79 4.06 -9.99 17.48
N SER A 80 3.40 -9.84 18.61
CA SER A 80 2.20 -9.02 18.67
C SER A 80 2.07 -8.37 20.05
N GLY A 81 1.60 -7.13 20.06
CA GLY A 81 1.43 -6.40 21.29
C GLY A 81 0.28 -5.40 21.18
N GLY A 1 19.24 25.62 -15.17
CA GLY A 1 18.51 25.08 -16.31
C GLY A 1 17.11 25.66 -16.40
N SER A 2 16.15 24.90 -15.93
CA SER A 2 14.76 25.33 -15.95
C SER A 2 14.64 26.76 -15.39
N SER A 3 15.09 26.90 -14.15
CA SER A 3 15.04 28.19 -13.49
C SER A 3 13.64 28.79 -13.58
N GLY A 4 12.84 28.50 -12.56
CA GLY A 4 11.47 28.99 -12.51
C GLY A 4 10.57 28.00 -11.78
N SER A 5 10.46 26.81 -12.36
CA SER A 5 9.63 25.77 -11.78
C SER A 5 10.27 25.23 -10.50
N SER A 6 9.44 25.04 -9.49
CA SER A 6 9.90 24.54 -8.21
C SER A 6 9.26 23.19 -7.91
N GLY A 7 10.07 22.15 -8.00
CA GLY A 7 9.59 20.80 -7.73
C GLY A 7 9.87 20.39 -6.28
N ARG A 8 8.92 20.73 -5.42
CA ARG A 8 9.05 20.41 -4.01
C ARG A 8 7.74 19.83 -3.48
N MET A 9 7.87 18.72 -2.75
CA MET A 9 6.71 18.06 -2.19
C MET A 9 6.97 17.64 -0.74
N PRO A 10 5.86 17.59 0.05
CA PRO A 10 5.95 17.21 1.46
C PRO A 10 6.18 15.70 1.59
N THR A 11 6.26 15.27 2.84
CA THR A 11 6.47 13.86 3.14
C THR A 11 5.39 13.34 4.10
N ARG A 12 4.27 12.95 3.51
CA ARG A 12 3.16 12.44 4.29
C ARG A 12 2.73 11.06 3.76
N ARG A 13 2.06 10.32 4.63
CA ARG A 13 1.59 8.99 4.26
C ARG A 13 2.76 8.11 3.84
N TRP A 14 2.46 6.84 3.63
CA TRP A 14 3.48 5.89 3.22
C TRP A 14 4.02 6.32 1.86
N ALA A 15 5.24 5.87 1.57
CA ALA A 15 5.87 6.20 0.30
C ALA A 15 5.97 4.94 -0.55
N PRO A 16 6.45 5.15 -1.81
CA PRO A 16 6.60 4.04 -2.74
C PRO A 16 7.81 3.18 -2.39
N GLY A 17 7.56 1.90 -2.18
CA GLY A 17 8.61 0.97 -1.84
C GLY A 17 8.45 0.45 -0.41
N THR A 18 7.52 1.06 0.30
CA THR A 18 7.24 0.68 1.67
C THR A 18 6.39 -0.60 1.71
N GLN A 19 6.63 -1.40 2.74
CA GLN A 19 5.90 -2.64 2.90
C GLN A 19 4.71 -2.45 3.84
N CYS A 20 3.52 -2.53 3.28
CA CYS A 20 2.30 -2.36 4.06
C CYS A 20 1.61 -3.72 4.17
N ILE A 21 0.91 -3.91 5.28
CA ILE A 21 0.20 -5.15 5.52
C ILE A 21 -1.30 -4.89 5.49
N THR A 22 -2.05 -5.93 5.13
CA THR A 22 -3.50 -5.82 5.06
C THR A 22 -4.12 -6.12 6.42
N LYS A 23 -4.98 -5.21 6.85
CA LYS A 23 -5.64 -5.35 8.14
C LYS A 23 -6.81 -6.33 7.98
N CYS A 24 -7.13 -6.64 6.74
CA CYS A 24 -8.21 -7.55 6.44
C CYS A 24 -7.83 -8.37 5.21
N GLU A 25 -8.78 -9.18 4.75
CA GLU A 25 -8.55 -10.03 3.59
C GLU A 25 -9.56 -9.68 2.49
N HIS A 26 -9.08 -9.75 1.26
CA HIS A 26 -9.92 -9.46 0.11
C HIS A 26 -9.82 -10.59 -0.91
N THR A 27 -10.88 -11.37 -0.99
CA THR A 27 -10.93 -12.50 -1.91
C THR A 27 -11.54 -12.06 -3.24
N ARG A 28 -12.62 -11.29 -3.14
CA ARG A 28 -13.31 -10.80 -4.32
C ARG A 28 -13.31 -9.27 -4.34
N PRO A 29 -12.26 -8.70 -5.00
CA PRO A 29 -12.13 -7.27 -5.11
C PRO A 29 -13.12 -6.69 -6.12
N LYS A 30 -13.09 -5.37 -6.25
CA LYS A 30 -13.98 -4.70 -7.19
C LYS A 30 -13.58 -5.07 -8.62
N PRO A 31 -14.39 -4.56 -9.58
CA PRO A 31 -14.14 -4.82 -10.99
C PRO A 31 -12.96 -4.00 -11.51
N GLY A 32 -11.79 -4.60 -11.45
CA GLY A 32 -10.58 -3.92 -11.90
C GLY A 32 -9.63 -3.67 -10.73
N GLU A 33 -9.80 -4.47 -9.68
CA GLU A 33 -8.96 -4.34 -8.49
C GLU A 33 -8.18 -5.62 -8.25
N LEU A 34 -7.25 -5.55 -7.30
CA LEU A 34 -6.44 -6.71 -6.97
C LEU A 34 -7.01 -7.39 -5.73
N ALA A 35 -6.73 -8.67 -5.61
CA ALA A 35 -7.21 -9.46 -4.49
C ALA A 35 -6.02 -9.91 -3.64
N PHE A 36 -6.27 -10.04 -2.34
CA PHE A 36 -5.23 -10.46 -1.42
C PHE A 36 -5.85 -11.03 -0.14
N ARG A 37 -4.98 -11.55 0.71
CA ARG A 37 -5.41 -12.13 1.97
C ARG A 37 -4.88 -11.31 3.15
N LYS A 38 -5.35 -11.68 4.33
CA LYS A 38 -4.93 -10.98 5.55
C LYS A 38 -3.43 -11.19 5.76
N GLY A 39 -2.81 -10.19 6.35
CA GLY A 39 -1.38 -10.25 6.61
C GLY A 39 -0.59 -10.46 5.31
N ASP A 40 -0.95 -9.69 4.30
CA ASP A 40 -0.29 -9.78 3.02
C ASP A 40 0.74 -8.65 2.89
N VAL A 41 1.88 -9.00 2.32
CA VAL A 41 2.95 -8.04 2.14
C VAL A 41 2.86 -7.44 0.73
N VAL A 42 2.84 -6.12 0.68
CA VAL A 42 2.76 -5.42 -0.59
C VAL A 42 3.72 -4.24 -0.58
N THR A 43 4.12 -3.82 -1.78
CA THR A 43 5.03 -2.70 -1.92
C THR A 43 4.34 -1.53 -2.61
N ILE A 44 4.32 -0.39 -1.92
CA ILE A 44 3.69 0.80 -2.45
C ILE A 44 4.33 1.15 -3.79
N LEU A 45 3.56 0.97 -4.85
CA LEU A 45 4.03 1.26 -6.19
C LEU A 45 4.04 2.78 -6.40
N GLU A 46 2.89 3.39 -6.13
CA GLU A 46 2.76 4.83 -6.29
C GLU A 46 1.76 5.38 -5.26
N ALA A 47 1.57 6.68 -5.32
CA ALA A 47 0.66 7.36 -4.40
C ALA A 47 -0.77 7.19 -4.91
N CYS A 48 -1.72 7.30 -3.98
CA CYS A 48 -3.12 7.17 -4.32
C CYS A 48 -3.37 7.92 -5.63
N GLU A 49 -4.25 7.34 -6.44
CA GLU A 49 -4.59 7.94 -7.72
C GLU A 49 -6.02 7.59 -8.12
N ASN A 50 -6.93 7.80 -7.18
CA ASN A 50 -8.33 7.51 -7.41
C ASN A 50 -9.19 8.24 -6.38
N LYS A 51 -9.15 7.73 -5.16
CA LYS A 51 -9.92 8.34 -4.07
C LYS A 51 -9.19 8.08 -2.75
N SER A 52 -9.32 6.86 -2.27
CA SER A 52 -8.68 6.48 -1.02
C SER A 52 -8.10 5.07 -1.13
N TRP A 53 -7.34 4.85 -2.20
CA TRP A 53 -6.73 3.56 -2.44
C TRP A 53 -5.23 3.78 -2.64
N TYR A 54 -4.49 2.69 -2.62
CA TYR A 54 -3.05 2.75 -2.80
C TYR A 54 -2.56 1.61 -3.70
N ARG A 55 -1.82 2.00 -4.74
CA ARG A 55 -1.28 1.03 -5.68
C ARG A 55 -0.07 0.32 -5.08
N VAL A 56 -0.25 -0.96 -4.80
CA VAL A 56 0.83 -1.76 -4.23
C VAL A 56 1.07 -2.98 -5.11
N LYS A 57 2.15 -3.68 -4.80
CA LYS A 57 2.51 -4.88 -5.56
C LYS A 57 2.60 -6.07 -4.60
N HIS A 58 1.81 -7.09 -4.91
CA HIS A 58 1.81 -8.30 -4.09
C HIS A 58 3.08 -9.10 -4.33
N HIS A 59 3.85 -9.26 -3.25
CA HIS A 59 5.09 -10.00 -3.33
C HIS A 59 4.82 -11.41 -3.85
N THR A 60 4.17 -12.20 -3.02
CA THR A 60 3.84 -13.57 -3.39
C THR A 60 3.21 -13.62 -4.77
N SER A 61 2.05 -12.99 -4.89
CA SER A 61 1.34 -12.96 -6.16
C SER A 61 2.26 -12.39 -7.26
N GLY A 62 2.43 -11.08 -7.21
CA GLY A 62 3.28 -10.41 -8.19
C GLY A 62 2.44 -9.53 -9.12
N GLN A 63 1.20 -9.29 -8.71
CA GLN A 63 0.30 -8.47 -9.49
C GLN A 63 0.38 -7.02 -9.04
N GLU A 64 -0.43 -6.18 -9.68
CA GLU A 64 -0.45 -4.76 -9.35
C GLU A 64 -1.89 -4.24 -9.41
N GLY A 65 -2.42 -3.93 -8.22
CA GLY A 65 -3.78 -3.41 -8.13
C GLY A 65 -3.91 -2.47 -6.93
N LEU A 66 -5.00 -1.70 -6.95
CA LEU A 66 -5.26 -0.75 -5.87
C LEU A 66 -5.50 -1.53 -4.57
N LEU A 67 -5.36 -0.81 -3.47
CA LEU A 67 -5.56 -1.41 -2.17
C LEU A 67 -6.24 -0.40 -1.24
N ALA A 68 -7.25 -0.89 -0.53
CA ALA A 68 -7.99 -0.05 0.39
C ALA A 68 -7.01 0.71 1.29
N ALA A 69 -7.03 2.03 1.16
CA ALA A 69 -6.15 2.87 1.95
C ALA A 69 -6.45 2.66 3.44
N GLY A 70 -7.72 2.37 3.72
CA GLY A 70 -8.15 2.15 5.09
C GLY A 70 -8.14 0.65 5.42
N ALA A 71 -7.11 -0.03 4.92
CA ALA A 71 -6.97 -1.45 5.16
C ALA A 71 -5.49 -1.83 5.07
N LEU A 72 -4.64 -0.84 5.31
CA LEU A 72 -3.21 -1.06 5.25
C LEU A 72 -2.59 -0.68 6.61
N ARG A 73 -1.48 -1.33 6.91
CA ARG A 73 -0.79 -1.07 8.17
C ARG A 73 0.72 -1.22 7.97
N GLU A 74 1.46 -0.83 9.00
CA GLU A 74 2.91 -0.92 8.96
C GLU A 74 3.37 -2.28 9.47
N ARG A 75 3.82 -3.10 8.53
CA ARG A 75 4.29 -4.44 8.87
C ARG A 75 5.15 -4.39 10.14
N SER A 76 4.69 -5.10 11.15
CA SER A 76 5.40 -5.15 12.42
C SER A 76 5.62 -6.60 12.84
N GLY A 77 6.85 -7.06 12.65
CA GLY A 77 7.20 -8.43 13.00
C GLY A 77 7.30 -9.31 11.75
N PRO A 78 7.84 -10.54 11.95
CA PRO A 78 7.98 -11.48 10.86
C PRO A 78 6.64 -12.10 10.48
N SER A 79 6.00 -12.70 11.48
CA SER A 79 4.71 -13.32 11.27
C SER A 79 4.09 -13.72 12.61
N SER A 80 3.36 -12.78 13.19
CA SER A 80 2.71 -13.01 14.47
C SER A 80 3.77 -13.30 15.54
N GLY A 81 3.45 -12.89 16.76
CA GLY A 81 4.36 -13.09 17.88
C GLY A 81 3.93 -12.27 19.10
N GLY A 1 18.39 28.54 -4.80
CA GLY A 1 18.43 28.88 -6.22
C GLY A 1 17.05 28.73 -6.86
N SER A 2 16.71 27.48 -7.16
CA SER A 2 15.43 27.18 -7.77
C SER A 2 15.10 25.70 -7.62
N SER A 3 13.83 25.38 -7.77
CA SER A 3 13.38 24.00 -7.65
C SER A 3 13.64 23.50 -6.23
N GLY A 4 12.91 22.44 -5.88
CA GLY A 4 13.05 21.84 -4.56
C GLY A 4 12.06 22.47 -3.56
N SER A 5 10.97 21.76 -3.36
CA SER A 5 9.95 22.23 -2.44
C SER A 5 9.51 21.09 -1.51
N SER A 6 9.52 21.38 -0.22
CA SER A 6 9.12 20.39 0.77
C SER A 6 9.73 19.03 0.43
N GLY A 7 10.97 18.84 0.85
CA GLY A 7 11.67 17.59 0.60
C GLY A 7 11.30 16.54 1.63
N ARG A 8 12.31 15.80 2.07
CA ARG A 8 12.10 14.74 3.05
C ARG A 8 12.06 15.34 4.46
N MET A 9 10.92 15.18 5.11
CA MET A 9 10.74 15.69 6.45
C MET A 9 9.27 15.64 6.86
N PRO A 10 8.41 16.24 6.01
CA PRO A 10 6.98 16.27 6.27
C PRO A 10 6.34 14.91 6.01
N THR A 11 6.30 14.10 7.05
CA THR A 11 5.73 12.77 6.94
C THR A 11 4.22 12.81 7.19
N ARG A 12 3.49 12.04 6.40
CA ARG A 12 2.05 11.98 6.52
C ARG A 12 1.53 10.63 6.04
N ARG A 13 1.94 10.26 4.84
CA ARG A 13 1.53 9.01 4.25
C ARG A 13 2.75 8.16 3.89
N TRP A 14 2.48 6.90 3.55
CA TRP A 14 3.54 5.99 3.18
C TRP A 14 4.07 6.39 1.81
N ALA A 15 5.32 6.05 1.57
CA ALA A 15 5.96 6.37 0.30
C ALA A 15 6.07 5.10 -0.54
N PRO A 16 6.50 5.30 -1.82
CA PRO A 16 6.66 4.18 -2.74
C PRO A 16 7.92 3.37 -2.40
N GLY A 17 7.69 2.13 -1.99
CA GLY A 17 8.77 1.24 -1.63
C GLY A 17 8.61 0.71 -0.21
N THR A 18 7.60 1.24 0.47
CA THR A 18 7.33 0.83 1.84
C THR A 18 6.44 -0.42 1.85
N GLN A 19 6.75 -1.33 2.77
CA GLN A 19 6.00 -2.56 2.89
C GLN A 19 4.83 -2.37 3.86
N CYS A 20 3.63 -2.52 3.34
CA CYS A 20 2.43 -2.36 4.14
C CYS A 20 1.76 -3.73 4.28
N ILE A 21 0.99 -3.88 5.34
CA ILE A 21 0.29 -5.12 5.59
C ILE A 21 -1.22 -4.88 5.57
N THR A 22 -1.95 -5.92 5.21
CA THR A 22 -3.39 -5.83 5.14
C THR A 22 -4.01 -5.95 6.54
N LYS A 23 -5.18 -5.36 6.69
CA LYS A 23 -5.88 -5.39 7.96
C LYS A 23 -6.95 -6.47 7.92
N CYS A 24 -7.26 -6.92 6.71
CA CYS A 24 -8.26 -7.95 6.51
C CYS A 24 -7.88 -8.78 5.29
N GLU A 25 -8.72 -9.77 4.99
CA GLU A 25 -8.47 -10.64 3.86
C GLU A 25 -9.44 -10.32 2.73
N HIS A 26 -8.93 -10.33 1.51
CA HIS A 26 -9.73 -10.05 0.33
C HIS A 26 -9.55 -11.16 -0.70
N THR A 27 -10.57 -11.99 -0.81
CA THR A 27 -10.53 -13.10 -1.75
C THR A 27 -11.19 -12.71 -3.07
N ARG A 28 -12.26 -11.93 -2.94
CA ARG A 28 -13.00 -11.47 -4.11
C ARG A 28 -13.00 -9.94 -4.17
N PRO A 29 -11.97 -9.39 -4.87
CA PRO A 29 -11.85 -7.95 -5.01
C PRO A 29 -12.86 -7.41 -6.02
N LYS A 30 -12.86 -6.09 -6.17
CA LYS A 30 -13.76 -5.44 -7.09
C LYS A 30 -13.35 -5.77 -8.53
N PRO A 31 -14.19 -5.31 -9.49
CA PRO A 31 -13.92 -5.56 -10.90
C PRO A 31 -12.79 -4.66 -11.40
N GLY A 32 -11.57 -5.18 -11.28
CA GLY A 32 -10.39 -4.44 -11.71
C GLY A 32 -9.42 -4.24 -10.55
N GLU A 33 -9.82 -4.70 -9.39
CA GLU A 33 -8.99 -4.58 -8.20
C GLU A 33 -8.11 -5.82 -8.03
N LEU A 34 -7.28 -5.78 -7.01
CA LEU A 34 -6.38 -6.89 -6.73
C LEU A 34 -6.89 -7.67 -5.51
N ALA A 35 -6.52 -8.93 -5.45
CA ALA A 35 -6.93 -9.79 -4.35
C ALA A 35 -5.73 -10.03 -3.42
N PHE A 36 -6.05 -10.33 -2.17
CA PHE A 36 -5.01 -10.58 -1.18
C PHE A 36 -5.62 -11.14 0.11
N ARG A 37 -4.76 -11.73 0.92
CA ARG A 37 -5.19 -12.32 2.18
C ARG A 37 -4.71 -11.46 3.35
N LYS A 38 -5.18 -11.82 4.53
CA LYS A 38 -4.82 -11.09 5.74
C LYS A 38 -3.31 -11.26 5.99
N GLY A 39 -2.69 -10.18 6.45
CA GLY A 39 -1.27 -10.19 6.73
C GLY A 39 -0.46 -10.44 5.47
N ASP A 40 -0.78 -9.68 4.43
CA ASP A 40 -0.09 -9.82 3.16
C ASP A 40 0.93 -8.69 3.02
N VAL A 41 2.07 -9.04 2.45
CA VAL A 41 3.14 -8.08 2.26
C VAL A 41 3.08 -7.54 0.83
N VAL A 42 3.03 -6.21 0.74
CA VAL A 42 2.97 -5.56 -0.56
C VAL A 42 3.98 -4.40 -0.59
N THR A 43 4.15 -3.84 -1.78
CA THR A 43 5.07 -2.73 -1.96
C THR A 43 4.36 -1.54 -2.60
N ILE A 44 4.48 -0.40 -1.94
CA ILE A 44 3.85 0.82 -2.43
C ILE A 44 4.45 1.19 -3.78
N LEU A 45 3.64 1.02 -4.82
CA LEU A 45 4.09 1.34 -6.17
C LEU A 45 4.08 2.85 -6.37
N GLU A 46 2.91 3.44 -6.15
CA GLU A 46 2.76 4.87 -6.30
C GLU A 46 1.78 5.42 -5.26
N ALA A 47 2.21 6.47 -4.57
CA ALA A 47 1.39 7.09 -3.54
C ALA A 47 0.37 8.02 -4.21
N CYS A 48 -0.85 7.97 -3.69
CA CYS A 48 -1.92 8.81 -4.22
C CYS A 48 -2.58 8.06 -5.38
N GLU A 49 -3.89 8.20 -5.47
CA GLU A 49 -4.65 7.55 -6.52
C GLU A 49 -5.95 8.30 -6.78
N ASN A 50 -6.88 8.17 -5.85
CA ASN A 50 -8.17 8.83 -5.96
C ASN A 50 -8.42 9.67 -4.71
N LYS A 51 -8.33 9.02 -3.57
CA LYS A 51 -8.55 9.69 -2.29
C LYS A 51 -8.11 8.77 -1.15
N SER A 52 -8.68 7.58 -1.14
CA SER A 52 -8.35 6.60 -0.11
C SER A 52 -8.03 5.24 -0.75
N TRP A 53 -6.93 5.21 -1.47
CA TRP A 53 -6.50 3.98 -2.15
C TRP A 53 -4.99 4.05 -2.35
N TYR A 54 -4.41 2.88 -2.57
CA TYR A 54 -2.97 2.79 -2.77
C TYR A 54 -2.62 1.62 -3.70
N ARG A 55 -1.84 1.93 -4.71
CA ARG A 55 -1.42 0.92 -5.68
C ARG A 55 -0.13 0.25 -5.22
N VAL A 56 -0.27 -0.99 -4.78
CA VAL A 56 0.87 -1.76 -4.30
C VAL A 56 1.04 -3.01 -5.18
N LYS A 57 2.12 -3.73 -4.92
CA LYS A 57 2.41 -4.94 -5.67
C LYS A 57 2.49 -6.12 -4.70
N HIS A 58 1.66 -7.11 -4.96
CA HIS A 58 1.63 -8.30 -4.12
C HIS A 58 2.86 -9.16 -4.41
N HIS A 59 3.54 -9.55 -3.34
CA HIS A 59 4.74 -10.37 -3.46
C HIS A 59 4.37 -11.72 -4.10
N THR A 60 3.91 -12.63 -3.24
CA THR A 60 3.52 -13.95 -3.70
C THR A 60 2.79 -13.86 -5.04
N SER A 61 1.64 -13.21 -5.00
CA SER A 61 0.83 -13.04 -6.20
C SER A 61 1.69 -12.48 -7.33
N GLY A 62 2.31 -11.33 -7.06
CA GLY A 62 3.16 -10.70 -8.06
C GLY A 62 2.33 -9.85 -9.02
N GLN A 63 1.23 -9.32 -8.51
CA GLN A 63 0.35 -8.50 -9.32
C GLN A 63 0.28 -7.07 -8.75
N GLU A 64 -0.38 -6.21 -9.50
CA GLU A 64 -0.51 -4.82 -9.08
C GLU A 64 -1.98 -4.39 -9.17
N GLY A 65 -2.49 -3.90 -8.05
CA GLY A 65 -3.87 -3.44 -7.99
C GLY A 65 -4.03 -2.29 -7.01
N LEU A 66 -5.25 -1.77 -6.93
CA LEU A 66 -5.54 -0.66 -6.03
C LEU A 66 -6.00 -1.22 -4.68
N LEU A 67 -5.32 -0.78 -3.63
CA LEU A 67 -5.65 -1.23 -2.29
C LEU A 67 -6.33 -0.09 -1.53
N ALA A 68 -7.16 -0.47 -0.58
CA ALA A 68 -7.88 0.51 0.22
C ALA A 68 -6.94 1.08 1.28
N ALA A 69 -6.80 2.39 1.27
CA ALA A 69 -5.94 3.07 2.22
C ALA A 69 -6.39 2.74 3.65
N GLY A 70 -7.64 2.32 3.75
CA GLY A 70 -8.20 1.96 5.04
C GLY A 70 -8.21 0.45 5.24
N ALA A 71 -7.17 -0.19 4.71
CA ALA A 71 -7.04 -1.63 4.82
C ALA A 71 -5.56 -2.01 4.77
N LEU A 72 -4.72 -1.05 5.16
CA LEU A 72 -3.29 -1.27 5.16
C LEU A 72 -2.71 -0.83 6.51
N ARG A 73 -1.59 -1.43 6.87
CA ARG A 73 -0.93 -1.11 8.12
C ARG A 73 0.59 -1.22 7.97
N GLU A 74 1.29 -0.77 9.00
CA GLU A 74 2.74 -0.82 8.99
C GLU A 74 3.23 -2.14 9.57
N ARG A 75 3.82 -2.96 8.70
CA ARG A 75 4.33 -4.25 9.11
C ARG A 75 4.99 -4.15 10.49
N SER A 76 5.98 -3.26 10.58
CA SER A 76 6.69 -3.06 11.83
C SER A 76 7.37 -4.36 12.27
N GLY A 77 8.68 -4.29 12.40
CA GLY A 77 9.45 -5.45 12.81
C GLY A 77 9.06 -5.90 14.21
N PRO A 78 9.60 -7.09 14.61
CA PRO A 78 9.32 -7.64 15.92
C PRO A 78 10.08 -6.88 17.01
N SER A 79 11.38 -6.74 16.80
CA SER A 79 12.22 -6.03 17.75
C SER A 79 13.13 -5.05 17.02
N SER A 80 13.46 -3.96 17.71
CA SER A 80 14.31 -2.94 17.15
C SER A 80 15.75 -3.13 17.63
N GLY A 81 16.53 -3.84 16.82
CA GLY A 81 17.92 -4.10 17.15
C GLY A 81 18.62 -4.84 16.00
N GLY A 1 10.00 17.70 -21.84
CA GLY A 1 10.41 18.84 -21.02
C GLY A 1 10.07 18.60 -19.55
N SER A 2 11.12 18.33 -18.77
CA SER A 2 10.95 18.08 -17.35
C SER A 2 12.01 18.85 -16.56
N SER A 3 11.79 18.91 -15.25
CA SER A 3 12.72 19.60 -14.37
C SER A 3 13.12 18.70 -13.21
N GLY A 4 14.42 18.58 -13.00
CA GLY A 4 14.94 17.74 -11.93
C GLY A 4 14.88 18.48 -10.59
N SER A 5 14.37 17.79 -9.58
CA SER A 5 14.26 18.36 -8.26
C SER A 5 14.63 17.32 -7.20
N SER A 6 15.21 17.80 -6.12
CA SER A 6 15.62 16.93 -5.03
C SER A 6 14.47 16.77 -4.03
N GLY A 7 14.38 15.56 -3.47
CA GLY A 7 13.34 15.26 -2.52
C GLY A 7 13.87 15.34 -1.08
N ARG A 8 13.81 14.21 -0.39
CA ARG A 8 14.28 14.14 0.98
C ARG A 8 13.47 15.08 1.87
N MET A 9 12.41 14.54 2.43
CA MET A 9 11.55 15.33 3.30
C MET A 9 10.40 14.46 3.86
N PRO A 10 9.96 14.83 5.09
CA PRO A 10 8.88 14.11 5.74
C PRO A 10 7.53 14.45 5.11
N THR A 11 6.79 13.41 4.76
CA THR A 11 5.48 13.58 4.14
C THR A 11 4.48 12.60 4.74
N ARG A 12 3.32 13.14 5.10
CA ARG A 12 2.26 12.32 5.68
C ARG A 12 1.97 11.12 4.78
N ARG A 13 1.34 10.12 5.39
CA ARG A 13 0.99 8.91 4.66
C ARG A 13 2.25 8.11 4.31
N TRP A 14 2.04 7.01 3.62
CA TRP A 14 3.15 6.15 3.22
C TRP A 14 3.68 6.66 1.89
N ALA A 15 4.86 6.17 1.54
CA ALA A 15 5.49 6.56 0.29
C ALA A 15 5.68 5.33 -0.60
N PRO A 16 6.16 5.59 -1.84
CA PRO A 16 6.39 4.51 -2.79
C PRO A 16 7.63 3.70 -2.42
N GLY A 17 7.40 2.46 -2.03
CA GLY A 17 8.48 1.58 -1.65
C GLY A 17 8.28 1.04 -0.24
N THR A 18 7.35 1.65 0.48
CA THR A 18 7.05 1.24 1.83
C THR A 18 6.22 -0.05 1.83
N GLN A 19 6.51 -0.90 2.80
CA GLN A 19 5.79 -2.16 2.92
C GLN A 19 4.59 -2.00 3.86
N CYS A 20 3.45 -2.50 3.41
CA CYS A 20 2.23 -2.41 4.20
C CYS A 20 1.65 -3.83 4.32
N ILE A 21 0.81 -4.00 5.33
CA ILE A 21 0.18 -5.28 5.56
C ILE A 21 -1.34 -5.11 5.54
N THR A 22 -2.01 -6.09 4.96
CA THR A 22 -3.46 -6.06 4.86
C THR A 22 -4.08 -6.36 6.23
N LYS A 23 -4.83 -5.39 6.73
CA LYS A 23 -5.48 -5.54 8.02
C LYS A 23 -6.55 -6.63 7.92
N CYS A 24 -7.04 -6.83 6.70
CA CYS A 24 -8.06 -7.84 6.45
C CYS A 24 -7.68 -8.61 5.18
N GLU A 25 -8.50 -9.59 4.86
CA GLU A 25 -8.26 -10.41 3.68
C GLU A 25 -9.30 -10.09 2.60
N HIS A 26 -8.85 -10.15 1.36
CA HIS A 26 -9.72 -9.87 0.23
C HIS A 26 -9.62 -11.01 -0.78
N THR A 27 -10.65 -11.83 -0.82
CA THR A 27 -10.68 -12.96 -1.73
C THR A 27 -11.33 -12.54 -3.06
N ARG A 28 -12.47 -11.89 -2.94
CA ARG A 28 -13.19 -11.43 -4.11
C ARG A 28 -13.28 -9.90 -4.13
N PRO A 29 -12.26 -9.28 -4.79
CA PRO A 29 -12.20 -7.83 -4.88
C PRO A 29 -13.22 -7.30 -5.89
N LYS A 30 -13.27 -5.98 -6.00
CA LYS A 30 -14.19 -5.35 -6.94
C LYS A 30 -13.77 -5.69 -8.37
N PRO A 31 -14.62 -5.24 -9.33
CA PRO A 31 -14.35 -5.48 -10.74
C PRO A 31 -13.23 -4.56 -11.25
N GLY A 32 -12.02 -5.10 -11.21
CA GLY A 32 -10.86 -4.34 -11.65
C GLY A 32 -9.90 -4.05 -10.49
N GLU A 33 -10.01 -4.88 -9.46
CA GLU A 33 -9.16 -4.72 -8.29
C GLU A 33 -8.30 -5.97 -8.09
N LEU A 34 -7.49 -5.92 -7.04
CA LEU A 34 -6.61 -7.04 -6.73
C LEU A 34 -7.14 -7.77 -5.49
N ALA A 35 -6.83 -9.05 -5.42
CA ALA A 35 -7.26 -9.87 -4.30
C ALA A 35 -6.04 -10.25 -3.46
N PHE A 36 -6.26 -10.31 -2.15
CA PHE A 36 -5.19 -10.66 -1.23
C PHE A 36 -5.76 -11.27 0.06
N ARG A 37 -4.85 -11.68 0.93
CA ARG A 37 -5.24 -12.28 2.19
C ARG A 37 -4.95 -11.31 3.35
N LYS A 38 -5.24 -11.78 4.55
CA LYS A 38 -5.02 -10.97 5.74
C LYS A 38 -3.60 -11.21 6.25
N GLY A 39 -2.80 -10.16 6.17
CA GLY A 39 -1.41 -10.23 6.62
C GLY A 39 -0.48 -10.52 5.44
N ASP A 40 -0.72 -9.82 4.34
CA ASP A 40 0.10 -9.99 3.16
C ASP A 40 1.03 -8.79 3.00
N VAL A 41 2.24 -9.06 2.54
CA VAL A 41 3.23 -8.02 2.35
C VAL A 41 3.10 -7.46 0.93
N VAL A 42 3.16 -6.14 0.85
CA VAL A 42 3.04 -5.47 -0.44
C VAL A 42 3.89 -4.19 -0.41
N THR A 43 4.30 -3.77 -1.60
CA THR A 43 5.10 -2.57 -1.73
C THR A 43 4.29 -1.45 -2.40
N ILE A 44 4.49 -0.24 -1.90
CA ILE A 44 3.79 0.92 -2.43
C ILE A 44 4.43 1.33 -3.76
N LEU A 45 3.74 0.99 -4.84
CA LEU A 45 4.22 1.32 -6.17
C LEU A 45 4.19 2.84 -6.36
N GLU A 46 2.99 3.39 -6.25
CA GLU A 46 2.83 4.82 -6.40
C GLU A 46 1.87 5.37 -5.34
N ALA A 47 2.31 6.43 -4.68
CA ALA A 47 1.51 7.05 -3.64
C ALA A 47 0.64 8.16 -4.26
N CYS A 48 -0.66 7.91 -4.27
CA CYS A 48 -1.59 8.87 -4.82
C CYS A 48 -2.98 8.22 -4.85
N GLU A 49 -3.26 7.57 -5.98
CA GLU A 49 -4.54 6.91 -6.15
C GLU A 49 -5.68 7.93 -6.12
N ASN A 50 -6.04 8.33 -4.91
CA ASN A 50 -7.11 9.31 -4.73
C ASN A 50 -7.38 9.49 -3.24
N LYS A 51 -6.30 9.56 -2.47
CA LYS A 51 -6.41 9.73 -1.03
C LYS A 51 -7.50 8.79 -0.50
N SER A 52 -7.16 7.50 -0.48
CA SER A 52 -8.09 6.50 0.00
C SER A 52 -7.66 5.12 -0.47
N TRP A 53 -7.01 5.09 -1.63
CA TRP A 53 -6.53 3.85 -2.20
C TRP A 53 -5.03 3.97 -2.43
N TYR A 54 -4.39 2.82 -2.65
CA TYR A 54 -2.96 2.80 -2.88
C TYR A 54 -2.58 1.62 -3.78
N ARG A 55 -1.85 1.95 -4.84
CA ARG A 55 -1.41 0.93 -5.78
C ARG A 55 -0.14 0.25 -5.28
N VAL A 56 -0.30 -1.01 -4.86
CA VAL A 56 0.83 -1.77 -4.36
C VAL A 56 1.03 -3.00 -5.25
N LYS A 57 2.07 -3.76 -4.92
CA LYS A 57 2.39 -4.95 -5.67
C LYS A 57 2.35 -6.17 -4.74
N HIS A 58 1.57 -7.16 -5.15
CA HIS A 58 1.44 -8.37 -4.37
C HIS A 58 2.71 -9.23 -4.52
N HIS A 59 3.36 -9.46 -3.38
CA HIS A 59 4.57 -10.26 -3.38
C HIS A 59 4.26 -11.69 -3.84
N THR A 60 3.25 -12.27 -3.22
CA THR A 60 2.83 -13.62 -3.54
C THR A 60 2.31 -13.67 -4.99
N SER A 61 1.21 -12.97 -5.21
CA SER A 61 0.61 -12.94 -6.53
C SER A 61 1.62 -12.43 -7.56
N GLY A 62 2.11 -11.22 -7.31
CA GLY A 62 3.09 -10.61 -8.21
C GLY A 62 2.41 -9.66 -9.18
N GLN A 63 1.17 -9.31 -8.86
CA GLN A 63 0.41 -8.40 -9.70
C GLN A 63 0.34 -7.01 -9.06
N GLU A 64 -0.36 -6.11 -9.74
CA GLU A 64 -0.51 -4.75 -9.25
C GLU A 64 -1.98 -4.35 -9.27
N GLY A 65 -2.47 -3.99 -8.10
CA GLY A 65 -3.86 -3.58 -7.96
C GLY A 65 -4.00 -2.45 -6.94
N LEU A 66 -5.23 -1.98 -6.78
CA LEU A 66 -5.51 -0.91 -5.84
C LEU A 66 -5.85 -1.50 -4.47
N LEU A 67 -5.31 -0.88 -3.43
CA LEU A 67 -5.56 -1.34 -2.08
C LEU A 67 -6.25 -0.24 -1.29
N ALA A 68 -6.97 -0.65 -0.25
CA ALA A 68 -7.68 0.30 0.58
C ALA A 68 -6.69 0.97 1.53
N ALA A 69 -6.63 2.30 1.43
CA ALA A 69 -5.73 3.07 2.27
C ALA A 69 -6.11 2.87 3.73
N GLY A 70 -7.33 2.39 3.94
CA GLY A 70 -7.82 2.15 5.29
C GLY A 70 -7.70 0.67 5.66
N ALA A 71 -7.25 -0.11 4.68
CA ALA A 71 -7.09 -1.55 4.89
C ALA A 71 -5.61 -1.90 4.83
N LEU A 72 -4.78 -0.88 5.05
CA LEU A 72 -3.34 -1.07 5.03
C LEU A 72 -2.77 -0.73 6.41
N ARG A 73 -1.67 -1.39 6.74
CA ARG A 73 -1.01 -1.17 8.01
C ARG A 73 0.50 -1.27 7.85
N GLU A 74 1.20 -0.87 8.91
CA GLU A 74 2.66 -0.89 8.89
C GLU A 74 3.16 -2.25 9.40
N ARG A 75 3.80 -2.98 8.50
CA ARG A 75 4.32 -4.30 8.84
C ARG A 75 5.21 -4.20 10.10
N SER A 76 4.72 -4.82 11.15
CA SER A 76 5.44 -4.82 12.41
C SER A 76 6.27 -6.11 12.55
N GLY A 77 7.47 -5.95 13.09
CA GLY A 77 8.36 -7.08 13.28
C GLY A 77 9.64 -6.65 14.00
N PRO A 78 10.64 -7.58 14.00
CA PRO A 78 11.91 -7.32 14.65
C PRO A 78 12.76 -6.36 13.81
N SER A 79 13.74 -5.77 14.46
CA SER A 79 14.64 -4.84 13.79
C SER A 79 15.12 -5.43 12.47
N SER A 80 14.60 -4.90 11.39
CA SER A 80 14.97 -5.37 10.06
C SER A 80 15.48 -4.21 9.21
N GLY A 81 16.80 -4.04 9.24
CA GLY A 81 17.43 -2.97 8.48
C GLY A 81 18.92 -3.25 8.26
N GLY A 1 11.75 38.23 -10.93
CA GLY A 1 12.96 37.73 -10.31
C GLY A 1 12.65 36.55 -9.38
N SER A 2 12.26 35.45 -9.99
CA SER A 2 11.93 34.25 -9.24
C SER A 2 10.82 34.56 -8.23
N SER A 3 10.31 33.49 -7.63
CA SER A 3 9.24 33.63 -6.65
C SER A 3 9.83 33.60 -5.23
N GLY A 4 10.49 32.50 -4.92
CA GLY A 4 11.10 32.33 -3.61
C GLY A 4 10.19 31.53 -2.68
N SER A 5 10.58 31.48 -1.42
CA SER A 5 9.81 30.76 -0.42
C SER A 5 9.38 29.40 -0.98
N SER A 6 10.22 28.40 -0.75
CA SER A 6 9.93 27.06 -1.22
C SER A 6 8.94 26.37 -0.29
N GLY A 7 9.31 26.31 0.99
CA GLY A 7 8.48 25.69 1.99
C GLY A 7 8.81 24.20 2.14
N ARG A 8 8.40 23.64 3.27
CA ARG A 8 8.64 22.24 3.54
C ARG A 8 7.65 21.71 4.59
N MET A 9 6.86 20.74 4.17
CA MET A 9 5.87 20.15 5.05
C MET A 9 6.32 18.76 5.54
N PRO A 10 5.66 18.30 6.62
CA PRO A 10 5.98 17.00 7.20
C PRO A 10 5.44 15.86 6.34
N THR A 11 5.69 14.65 6.79
CA THR A 11 5.24 13.46 6.07
C THR A 11 4.18 12.72 6.88
N ARG A 12 3.33 12.00 6.17
CA ARG A 12 2.27 11.24 6.81
C ARG A 12 1.97 9.97 6.01
N ARG A 13 1.58 10.18 4.76
CA ARG A 13 1.26 9.06 3.89
C ARG A 13 2.50 8.20 3.63
N TRP A 14 2.26 6.95 3.27
CA TRP A 14 3.35 6.03 3.00
C TRP A 14 3.91 6.35 1.62
N ALA A 15 5.23 6.46 1.56
CA ALA A 15 5.90 6.76 0.31
C ALA A 15 5.98 5.50 -0.55
N PRO A 16 6.41 5.68 -1.83
CA PRO A 16 6.53 4.57 -2.75
C PRO A 16 7.76 3.72 -2.43
N GLY A 17 7.51 2.44 -2.22
CA GLY A 17 8.59 1.51 -1.91
C GLY A 17 8.43 0.95 -0.49
N THR A 18 7.58 1.60 0.28
CA THR A 18 7.33 1.17 1.64
C THR A 18 6.46 -0.08 1.66
N GLN A 19 6.58 -0.84 2.73
CA GLN A 19 5.81 -2.07 2.89
C GLN A 19 4.51 -1.78 3.63
N CYS A 20 3.53 -2.63 3.37
CA CYS A 20 2.22 -2.49 4.01
C CYS A 20 1.59 -3.87 4.14
N ILE A 21 0.78 -4.03 5.18
CA ILE A 21 0.11 -5.29 5.42
C ILE A 21 -1.38 -5.04 5.66
N THR A 22 -2.18 -5.99 5.21
CA THR A 22 -3.62 -5.88 5.36
C THR A 22 -4.05 -6.31 6.76
N LYS A 23 -5.16 -5.74 7.22
CA LYS A 23 -5.67 -6.06 8.54
C LYS A 23 -6.70 -7.19 8.42
N CYS A 24 -7.21 -7.36 7.21
CA CYS A 24 -8.20 -8.39 6.95
C CYS A 24 -7.81 -9.10 5.65
N GLU A 25 -8.62 -10.09 5.30
CA GLU A 25 -8.38 -10.87 4.09
C GLU A 25 -9.37 -10.46 3.01
N HIS A 26 -8.89 -10.48 1.77
CA HIS A 26 -9.72 -10.12 0.63
C HIS A 26 -9.63 -11.21 -0.44
N THR A 27 -10.69 -11.98 -0.57
CA THR A 27 -10.74 -13.05 -1.54
C THR A 27 -11.44 -12.57 -2.82
N ARG A 28 -12.40 -11.69 -2.63
CA ARG A 28 -13.16 -11.15 -3.75
C ARG A 28 -13.13 -9.62 -3.72
N PRO A 29 -12.11 -9.06 -4.43
CA PRO A 29 -11.97 -7.61 -4.48
C PRO A 29 -13.01 -6.99 -5.42
N LYS A 30 -13.02 -5.66 -5.44
CA LYS A 30 -13.97 -4.94 -6.29
C LYS A 30 -13.74 -5.35 -7.74
N PRO A 31 -14.64 -4.83 -8.63
CA PRO A 31 -14.55 -5.13 -10.05
C PRO A 31 -13.40 -4.37 -10.70
N GLY A 32 -12.23 -5.00 -10.69
CA GLY A 32 -11.04 -4.41 -11.28
C GLY A 32 -9.99 -4.11 -10.21
N GLU A 33 -10.13 -4.80 -9.08
CA GLU A 33 -9.20 -4.62 -7.98
C GLU A 33 -8.37 -5.89 -7.79
N LEU A 34 -7.39 -5.79 -6.89
CA LEU A 34 -6.52 -6.92 -6.60
C LEU A 34 -7.03 -7.64 -5.35
N ALA A 35 -6.68 -8.91 -5.25
CA ALA A 35 -7.10 -9.72 -4.12
C ALA A 35 -5.88 -10.05 -3.27
N PHE A 36 -6.14 -10.31 -1.99
CA PHE A 36 -5.08 -10.63 -1.06
C PHE A 36 -5.64 -11.25 0.23
N ARG A 37 -4.76 -11.87 0.99
CA ARG A 37 -5.15 -12.50 2.24
C ARG A 37 -4.88 -11.56 3.41
N LYS A 38 -5.28 -12.02 4.60
CA LYS A 38 -5.08 -11.23 5.80
C LYS A 38 -3.63 -11.39 6.27
N GLY A 39 -2.89 -10.30 6.15
CA GLY A 39 -1.49 -10.31 6.56
C GLY A 39 -0.57 -10.56 5.37
N ASP A 40 -0.81 -9.83 4.30
CA ASP A 40 -0.02 -9.97 3.09
C ASP A 40 0.91 -8.76 2.95
N VAL A 41 2.13 -9.04 2.53
CA VAL A 41 3.12 -7.99 2.35
C VAL A 41 3.07 -7.48 0.91
N VAL A 42 3.19 -6.17 0.77
CA VAL A 42 3.15 -5.55 -0.54
C VAL A 42 4.19 -4.41 -0.58
N THR A 43 4.27 -3.78 -1.75
CA THR A 43 5.19 -2.69 -1.94
C THR A 43 4.49 -1.49 -2.60
N ILE A 44 4.56 -0.36 -1.92
CA ILE A 44 3.93 0.86 -2.42
C ILE A 44 4.57 1.24 -3.75
N LEU A 45 3.83 0.98 -4.82
CA LEU A 45 4.30 1.29 -6.16
C LEU A 45 4.28 2.80 -6.37
N GLU A 46 3.08 3.36 -6.25
CA GLU A 46 2.90 4.79 -6.42
C GLU A 46 2.09 5.37 -5.25
N ALA A 47 1.89 6.68 -5.30
CA ALA A 47 1.13 7.36 -4.27
C ALA A 47 -0.36 7.24 -4.56
N CYS A 48 -1.14 7.26 -3.50
CA CYS A 48 -2.58 7.15 -3.63
C CYS A 48 -3.03 8.02 -4.80
N GLU A 49 -3.92 7.47 -5.60
CA GLU A 49 -4.44 8.19 -6.75
C GLU A 49 -5.96 8.30 -6.68
N ASN A 50 -6.44 8.77 -5.54
CA ASN A 50 -7.87 8.93 -5.33
C ASN A 50 -8.10 9.67 -4.01
N LYS A 51 -7.69 9.04 -2.93
CA LYS A 51 -7.84 9.63 -1.61
C LYS A 51 -7.64 8.55 -0.54
N SER A 52 -8.43 7.49 -0.68
CA SER A 52 -8.35 6.38 0.26
C SER A 52 -8.04 5.08 -0.49
N TRP A 53 -7.01 5.15 -1.32
CA TRP A 53 -6.59 3.99 -2.10
C TRP A 53 -5.09 4.11 -2.35
N TYR A 54 -4.46 2.95 -2.49
CA TYR A 54 -3.02 2.91 -2.74
C TYR A 54 -2.67 1.81 -3.73
N ARG A 55 -1.65 2.08 -4.53
CA ARG A 55 -1.19 1.13 -5.53
C ARG A 55 0.05 0.39 -5.04
N VAL A 56 -0.13 -0.90 -4.76
CA VAL A 56 0.97 -1.72 -4.29
C VAL A 56 1.11 -2.94 -5.19
N LYS A 57 2.14 -3.73 -4.91
CA LYS A 57 2.39 -4.93 -5.69
C LYS A 57 2.40 -6.15 -4.76
N HIS A 58 1.54 -7.10 -5.07
CA HIS A 58 1.45 -8.31 -4.27
C HIS A 58 2.70 -9.16 -4.46
N HIS A 59 3.36 -9.46 -3.35
CA HIS A 59 4.57 -10.26 -3.38
C HIS A 59 4.27 -11.62 -4.01
N THR A 60 3.67 -12.49 -3.20
CA THR A 60 3.32 -13.82 -3.67
C THR A 60 2.65 -13.75 -5.04
N SER A 61 1.48 -13.12 -5.06
CA SER A 61 0.73 -12.98 -6.29
C SER A 61 1.64 -12.45 -7.40
N GLY A 62 2.23 -11.30 -7.14
CA GLY A 62 3.12 -10.67 -8.10
C GLY A 62 2.34 -9.74 -9.05
N GLN A 63 1.09 -9.48 -8.68
CA GLN A 63 0.25 -8.63 -9.48
C GLN A 63 0.22 -7.21 -8.90
N GLU A 64 -0.53 -6.34 -9.56
CA GLU A 64 -0.65 -4.97 -9.11
C GLU A 64 -2.10 -4.50 -9.19
N GLY A 65 -2.60 -4.03 -8.06
CA GLY A 65 -3.97 -3.55 -7.98
C GLY A 65 -4.10 -2.41 -6.96
N LEU A 66 -5.29 -1.84 -6.92
CA LEU A 66 -5.56 -0.74 -6.01
C LEU A 66 -5.95 -1.31 -4.64
N LEU A 67 -5.31 -0.78 -3.61
CA LEU A 67 -5.57 -1.23 -2.26
C LEU A 67 -6.24 -0.10 -1.47
N ALA A 68 -7.10 -0.48 -0.55
CA ALA A 68 -7.81 0.48 0.27
C ALA A 68 -6.85 1.06 1.32
N ALA A 69 -6.76 2.38 1.34
CA ALA A 69 -5.89 3.05 2.29
C ALA A 69 -6.37 2.77 3.71
N GLY A 70 -7.61 2.29 3.80
CA GLY A 70 -8.20 1.97 5.08
C GLY A 70 -8.24 0.47 5.31
N ALA A 71 -7.22 -0.21 4.80
CA ALA A 71 -7.13 -1.65 4.95
C ALA A 71 -5.66 -2.08 4.87
N LEU A 72 -4.78 -1.14 5.20
CA LEU A 72 -3.36 -1.40 5.18
C LEU A 72 -2.75 -1.01 6.52
N ARG A 73 -1.59 -1.60 6.80
CA ARG A 73 -0.89 -1.32 8.05
C ARG A 73 0.61 -1.21 7.80
N GLU A 74 1.32 -0.77 8.82
CA GLU A 74 2.77 -0.62 8.73
C GLU A 74 3.46 -1.89 9.20
N ARG A 75 4.12 -2.55 8.25
CA ARG A 75 4.82 -3.79 8.55
C ARG A 75 5.74 -3.58 9.75
N SER A 76 5.84 -4.63 10.56
CA SER A 76 6.69 -4.59 11.74
C SER A 76 7.24 -5.98 12.05
N GLY A 77 8.43 -5.99 12.66
CA GLY A 77 9.07 -7.24 13.00
C GLY A 77 8.20 -8.07 13.95
N PRO A 78 8.42 -9.41 13.91
CA PRO A 78 7.66 -10.32 14.76
C PRO A 78 8.14 -10.25 16.21
N SER A 79 7.50 -11.03 17.05
CA SER A 79 7.84 -11.06 18.47
C SER A 79 7.70 -9.66 19.07
N SER A 80 6.71 -9.54 19.96
CA SER A 80 6.46 -8.28 20.61
C SER A 80 5.71 -8.51 21.93
N GLY A 81 6.32 -8.06 23.01
CA GLY A 81 5.73 -8.22 24.33
C GLY A 81 6.81 -8.30 25.42
N GLY A 1 13.79 31.59 -10.25
CA GLY A 1 13.77 30.42 -9.39
C GLY A 1 12.35 29.85 -9.26
N SER A 2 11.99 29.50 -8.04
CA SER A 2 10.68 28.95 -7.77
C SER A 2 10.18 29.42 -6.40
N SER A 3 8.89 29.69 -6.34
CA SER A 3 8.27 30.15 -5.10
C SER A 3 7.69 28.96 -4.34
N GLY A 4 6.78 28.26 -4.99
CA GLY A 4 6.13 27.11 -4.40
C GLY A 4 5.28 27.52 -3.19
N SER A 5 4.32 26.68 -2.88
CA SER A 5 3.43 26.94 -1.75
C SER A 5 2.97 25.62 -1.12
N SER A 6 3.42 25.39 0.10
CA SER A 6 3.08 24.18 0.82
C SER A 6 2.16 24.52 2.00
N GLY A 7 0.95 23.99 1.92
CA GLY A 7 -0.03 24.23 2.98
C GLY A 7 0.46 23.68 4.32
N ARG A 8 -0.02 24.31 5.39
CA ARG A 8 0.36 23.89 6.73
C ARG A 8 -0.71 22.98 7.33
N MET A 9 -0.49 21.69 7.18
CA MET A 9 -1.43 20.70 7.71
C MET A 9 -0.71 19.41 8.10
N PRO A 10 -1.25 18.74 9.15
CA PRO A 10 -0.68 17.51 9.63
C PRO A 10 -0.99 16.34 8.69
N THR A 11 -0.13 16.16 7.71
CA THR A 11 -0.31 15.10 6.73
C THR A 11 0.85 14.10 6.81
N ARG A 12 0.49 12.83 6.63
CA ARG A 12 1.49 11.77 6.68
C ARG A 12 0.93 10.49 6.10
N ARG A 13 1.64 9.94 5.12
CA ARG A 13 1.22 8.72 4.47
C ARG A 13 2.42 7.86 4.12
N TRP A 14 2.14 6.69 3.56
CA TRP A 14 3.20 5.77 3.17
C TRP A 14 3.77 6.24 1.83
N ALA A 15 5.08 6.05 1.69
CA ALA A 15 5.76 6.46 0.46
C ALA A 15 5.98 5.23 -0.42
N PRO A 16 6.55 5.48 -1.62
CA PRO A 16 6.83 4.40 -2.56
C PRO A 16 8.03 3.58 -2.12
N GLY A 17 7.80 2.27 -2.01
CA GLY A 17 8.85 1.37 -1.60
C GLY A 17 8.61 0.85 -0.18
N THR A 18 7.63 1.45 0.47
CA THR A 18 7.28 1.07 1.83
C THR A 18 6.38 -0.16 1.83
N GLN A 19 6.63 -1.05 2.77
CA GLN A 19 5.85 -2.28 2.89
C GLN A 19 4.66 -2.06 3.82
N CYS A 20 3.53 -2.60 3.43
CA CYS A 20 2.31 -2.48 4.21
C CYS A 20 1.70 -3.87 4.37
N ILE A 21 0.82 -3.99 5.36
CA ILE A 21 0.16 -5.26 5.62
C ILE A 21 -1.36 -5.04 5.68
N THR A 22 -2.08 -6.03 5.19
CA THR A 22 -3.53 -5.96 5.18
C THR A 22 -4.10 -6.35 6.55
N LYS A 23 -5.09 -5.57 6.98
CA LYS A 23 -5.72 -5.82 8.26
C LYS A 23 -6.83 -6.86 8.08
N CYS A 24 -7.12 -7.16 6.82
CA CYS A 24 -8.15 -8.13 6.51
C CYS A 24 -7.76 -8.84 5.21
N GLU A 25 -8.51 -9.88 4.90
CA GLU A 25 -8.26 -10.65 3.69
C GLU A 25 -9.29 -10.31 2.61
N HIS A 26 -8.81 -10.21 1.39
CA HIS A 26 -9.68 -9.88 0.27
C HIS A 26 -9.59 -11.00 -0.78
N THR A 27 -10.64 -11.80 -0.83
CA THR A 27 -10.70 -12.90 -1.79
C THR A 27 -11.41 -12.46 -3.06
N ARG A 28 -12.28 -11.47 -2.92
CA ARG A 28 -13.03 -10.95 -4.04
C ARG A 28 -13.00 -9.41 -4.04
N PRO A 29 -11.98 -8.85 -4.75
CA PRO A 29 -11.83 -7.41 -4.83
C PRO A 29 -12.86 -6.81 -5.79
N LYS A 30 -12.86 -5.48 -5.85
CA LYS A 30 -13.79 -4.78 -6.71
C LYS A 30 -13.45 -5.08 -8.18
N PRO A 31 -14.31 -4.55 -9.09
CA PRO A 31 -14.11 -4.77 -10.51
C PRO A 31 -12.97 -3.89 -11.04
N GLY A 32 -11.78 -4.47 -11.04
CA GLY A 32 -10.59 -3.76 -11.51
C GLY A 32 -9.61 -3.52 -10.37
N GLU A 33 -9.72 -4.36 -9.34
CA GLU A 33 -8.84 -4.26 -8.19
C GLU A 33 -8.04 -5.55 -8.01
N LEU A 34 -7.19 -5.56 -6.99
CA LEU A 34 -6.37 -6.72 -6.71
C LEU A 34 -6.91 -7.43 -5.46
N ALA A 35 -6.60 -8.70 -5.36
CA ALA A 35 -7.04 -9.50 -4.22
C ALA A 35 -5.84 -9.87 -3.37
N PHE A 36 -6.12 -10.14 -2.11
CA PHE A 36 -5.06 -10.52 -1.17
C PHE A 36 -5.64 -11.20 0.07
N ARG A 37 -4.75 -11.70 0.90
CA ARG A 37 -5.15 -12.38 2.12
C ARG A 37 -4.81 -11.53 3.34
N LYS A 38 -5.07 -12.10 4.51
CA LYS A 38 -4.78 -11.41 5.76
C LYS A 38 -3.30 -11.54 6.09
N GLY A 39 -2.67 -10.39 6.30
CA GLY A 39 -1.25 -10.35 6.61
C GLY A 39 -0.41 -10.56 5.36
N ASP A 40 -0.73 -9.80 4.33
CA ASP A 40 -0.01 -9.89 3.07
C ASP A 40 0.98 -8.73 2.98
N VAL A 41 2.13 -9.03 2.40
CA VAL A 41 3.17 -8.02 2.23
C VAL A 41 3.13 -7.47 0.80
N VAL A 42 3.13 -6.15 0.71
CA VAL A 42 3.09 -5.49 -0.58
C VAL A 42 4.00 -4.26 -0.55
N THR A 43 4.31 -3.76 -1.74
CA THR A 43 5.15 -2.59 -1.86
C THR A 43 4.40 -1.43 -2.52
N ILE A 44 4.57 -0.25 -1.95
CA ILE A 44 3.90 0.93 -2.46
C ILE A 44 4.48 1.26 -3.85
N LEU A 45 3.71 0.91 -4.87
CA LEU A 45 4.12 1.17 -6.24
C LEU A 45 4.16 2.68 -6.48
N GLU A 46 3.00 3.29 -6.35
CA GLU A 46 2.88 4.73 -6.55
C GLU A 46 1.93 5.33 -5.52
N ALA A 47 2.08 6.63 -5.31
CA ALA A 47 1.26 7.34 -4.35
C ALA A 47 0.33 8.31 -5.09
N CYS A 48 -0.95 8.00 -5.08
CA CYS A 48 -1.94 8.83 -5.75
C CYS A 48 -3.27 8.70 -5.00
N GLU A 49 -3.23 9.10 -3.74
CA GLU A 49 -4.42 9.03 -2.90
C GLU A 49 -5.60 9.73 -3.60
N ASN A 50 -6.54 8.93 -4.04
CA ASN A 50 -7.72 9.46 -4.71
C ASN A 50 -8.92 9.38 -3.78
N LYS A 51 -9.26 8.15 -3.39
CA LYS A 51 -10.39 7.94 -2.49
C LYS A 51 -10.03 6.82 -1.51
N SER A 52 -8.93 7.01 -0.81
CA SER A 52 -8.48 6.03 0.16
C SER A 52 -8.06 4.73 -0.56
N TRP A 53 -7.10 4.87 -1.45
CA TRP A 53 -6.61 3.74 -2.21
C TRP A 53 -5.10 3.90 -2.39
N TYR A 54 -4.43 2.78 -2.61
CA TYR A 54 -2.99 2.79 -2.81
C TYR A 54 -2.56 1.65 -3.73
N ARG A 55 -1.81 2.02 -4.76
CA ARG A 55 -1.33 1.04 -5.72
C ARG A 55 -0.10 0.33 -5.17
N VAL A 56 -0.27 -0.95 -4.85
CA VAL A 56 0.81 -1.75 -4.32
C VAL A 56 1.02 -2.99 -5.21
N LYS A 57 2.07 -3.73 -4.90
CA LYS A 57 2.38 -4.93 -5.65
C LYS A 57 2.34 -6.14 -4.73
N HIS A 58 1.56 -7.13 -5.14
CA HIS A 58 1.42 -8.36 -4.36
C HIS A 58 2.66 -9.23 -4.54
N HIS A 59 3.30 -9.54 -3.42
CA HIS A 59 4.49 -10.37 -3.45
C HIS A 59 4.16 -11.73 -4.06
N THR A 60 3.45 -12.54 -3.28
CA THR A 60 3.06 -13.87 -3.73
C THR A 60 2.46 -13.81 -5.13
N SER A 61 1.33 -13.11 -5.22
CA SER A 61 0.64 -12.97 -6.49
C SER A 61 1.61 -12.43 -7.55
N GLY A 62 2.07 -11.21 -7.34
CA GLY A 62 2.99 -10.58 -8.26
C GLY A 62 2.26 -9.66 -9.24
N GLN A 63 1.07 -9.23 -8.82
CA GLN A 63 0.26 -8.35 -9.65
C GLN A 63 0.26 -6.94 -9.06
N GLU A 64 -0.36 -6.03 -9.81
CA GLU A 64 -0.45 -4.64 -9.39
C GLU A 64 -1.90 -4.17 -9.42
N GLY A 65 -2.44 -3.92 -8.23
CA GLY A 65 -3.81 -3.47 -8.10
C GLY A 65 -3.94 -2.44 -6.97
N LEU A 66 -5.12 -1.83 -6.91
CA LEU A 66 -5.38 -0.83 -5.90
C LEU A 66 -5.67 -1.54 -4.56
N LEU A 67 -5.42 -0.80 -3.48
CA LEU A 67 -5.64 -1.34 -2.15
C LEU A 67 -6.30 -0.27 -1.28
N ALA A 68 -7.34 -0.69 -0.56
CA ALA A 68 -8.06 0.23 0.31
C ALA A 68 -7.08 0.87 1.29
N ALA A 69 -6.96 2.19 1.20
CA ALA A 69 -6.06 2.92 2.06
C ALA A 69 -6.47 2.69 3.52
N GLY A 70 -7.75 2.38 3.71
CA GLY A 70 -8.27 2.13 5.03
C GLY A 70 -8.24 0.63 5.36
N ALA A 71 -7.20 -0.03 4.90
CA ALA A 71 -7.04 -1.46 5.14
C ALA A 71 -5.56 -1.82 5.04
N LEU A 72 -4.71 -0.85 5.37
CA LEU A 72 -3.28 -1.06 5.33
C LEU A 72 -2.68 -0.74 6.70
N ARG A 73 -1.55 -1.38 6.98
CA ARG A 73 -0.87 -1.18 8.25
C ARG A 73 0.64 -1.26 8.05
N GLU A 74 1.37 -0.88 9.10
CA GLU A 74 2.82 -0.91 9.05
C GLU A 74 3.33 -2.25 9.58
N ARG A 75 3.85 -3.05 8.65
CA ARG A 75 4.37 -4.36 9.00
C ARG A 75 5.22 -4.27 10.27
N SER A 76 5.10 -5.29 11.10
CA SER A 76 5.85 -5.35 12.34
C SER A 76 7.35 -5.57 12.05
N GLY A 77 8.15 -4.59 12.46
CA GLY A 77 9.58 -4.67 12.26
C GLY A 77 10.33 -4.82 13.58
N PRO A 78 11.61 -4.38 13.57
CA PRO A 78 12.44 -4.46 14.77
C PRO A 78 12.04 -3.39 15.77
N SER A 79 11.17 -3.77 16.70
CA SER A 79 10.71 -2.86 17.73
C SER A 79 11.68 -2.86 18.91
N SER A 80 11.69 -1.73 19.61
CA SER A 80 12.57 -1.59 20.76
C SER A 80 11.97 -0.60 21.76
N GLY A 81 11.38 -1.15 22.80
CA GLY A 81 10.76 -0.33 23.83
C GLY A 81 9.69 -1.11 24.60
N GLY A 1 5.33 17.13 -20.57
CA GLY A 1 5.49 17.21 -19.13
C GLY A 1 4.83 16.02 -18.43
N SER A 2 4.39 16.27 -17.20
CA SER A 2 3.75 15.22 -16.42
C SER A 2 2.92 15.86 -15.30
N SER A 3 3.60 16.61 -14.46
CA SER A 3 2.93 17.28 -13.34
C SER A 3 3.89 18.26 -12.67
N GLY A 4 3.30 19.17 -11.90
CA GLY A 4 4.08 20.17 -11.19
C GLY A 4 3.54 20.39 -9.78
N SER A 5 3.75 19.39 -8.93
CA SER A 5 3.30 19.46 -7.56
C SER A 5 3.91 18.32 -6.74
N SER A 6 4.54 18.69 -5.64
CA SER A 6 5.16 17.72 -4.77
C SER A 6 5.78 18.41 -3.55
N GLY A 7 5.10 18.26 -2.42
CA GLY A 7 5.57 18.87 -1.18
C GLY A 7 4.50 18.79 -0.10
N ARG A 8 4.75 17.93 0.88
CA ARG A 8 3.82 17.76 1.98
C ARG A 8 4.57 17.39 3.26
N MET A 9 5.04 18.43 3.94
CA MET A 9 5.78 18.23 5.18
C MET A 9 4.89 17.60 6.25
N PRO A 10 3.71 18.23 6.47
CA PRO A 10 2.76 17.73 7.45
C PRO A 10 2.05 16.47 6.95
N THR A 11 1.72 15.60 7.89
CA THR A 11 1.04 14.36 7.56
C THR A 11 1.67 13.72 6.32
N ARG A 12 2.65 12.87 6.55
CA ARG A 12 3.33 12.19 5.47
C ARG A 12 2.90 10.72 5.41
N ARG A 13 2.21 10.38 4.33
CA ARG A 13 1.75 9.02 4.14
C ARG A 13 2.92 8.10 3.81
N TRP A 14 2.60 6.83 3.58
CA TRP A 14 3.60 5.85 3.25
C TRP A 14 4.19 6.21 1.89
N ALA A 15 5.52 6.11 1.80
CA ALA A 15 6.22 6.43 0.57
C ALA A 15 6.28 5.17 -0.31
N PRO A 16 6.73 5.38 -1.58
CA PRO A 16 6.85 4.29 -2.52
C PRO A 16 8.07 3.43 -2.21
N GLY A 17 7.79 2.19 -1.82
CA GLY A 17 8.85 1.25 -1.49
C GLY A 17 8.67 0.68 -0.08
N THR A 18 7.63 1.18 0.59
CA THR A 18 7.33 0.73 1.94
C THR A 18 6.39 -0.47 1.91
N GLN A 19 6.68 -1.44 2.76
CA GLN A 19 5.87 -2.64 2.83
C GLN A 19 4.71 -2.43 3.81
N CYS A 20 3.50 -2.54 3.29
CA CYS A 20 2.31 -2.37 4.10
C CYS A 20 1.61 -3.73 4.22
N ILE A 21 0.96 -3.92 5.35
CA ILE A 21 0.24 -5.16 5.60
C ILE A 21 -1.26 -4.90 5.61
N THR A 22 -2.01 -5.93 5.28
CA THR A 22 -3.47 -5.82 5.25
C THR A 22 -4.05 -6.09 6.64
N LYS A 23 -5.19 -5.46 6.90
CA LYS A 23 -5.85 -5.62 8.18
C LYS A 23 -6.94 -6.70 8.05
N CYS A 24 -7.25 -7.03 6.82
CA CYS A 24 -8.26 -8.04 6.54
C CYS A 24 -7.83 -8.83 5.29
N GLU A 25 -8.63 -9.83 4.97
CA GLU A 25 -8.35 -10.66 3.81
C GLU A 25 -9.37 -10.40 2.71
N HIS A 26 -8.86 -10.24 1.49
CA HIS A 26 -9.71 -9.97 0.35
C HIS A 26 -9.52 -11.08 -0.70
N THR A 27 -10.52 -11.95 -0.78
CA THR A 27 -10.47 -13.05 -1.73
C THR A 27 -11.13 -12.64 -3.05
N ARG A 28 -12.12 -11.77 -2.93
CA ARG A 28 -12.84 -11.30 -4.10
C ARG A 28 -12.89 -9.76 -4.11
N PRO A 29 -11.87 -9.16 -4.78
CA PRO A 29 -11.78 -7.72 -4.88
C PRO A 29 -12.80 -7.17 -5.87
N LYS A 30 -12.87 -5.85 -5.95
CA LYS A 30 -13.79 -5.20 -6.85
C LYS A 30 -13.47 -5.59 -8.29
N PRO A 31 -14.32 -5.11 -9.23
CA PRO A 31 -14.14 -5.41 -10.64
C PRO A 31 -12.98 -4.60 -11.22
N GLY A 32 -11.79 -5.18 -11.15
CA GLY A 32 -10.60 -4.53 -11.66
C GLY A 32 -9.63 -4.19 -10.53
N GLU A 33 -9.77 -4.90 -9.43
CA GLU A 33 -8.92 -4.69 -8.28
C GLU A 33 -8.08 -5.94 -8.00
N LEU A 34 -7.12 -5.77 -7.09
CA LEU A 34 -6.24 -6.87 -6.72
C LEU A 34 -6.80 -7.58 -5.48
N ALA A 35 -6.42 -8.83 -5.33
CA ALA A 35 -6.87 -9.63 -4.20
C ALA A 35 -5.68 -9.95 -3.30
N PHE A 36 -5.99 -10.22 -2.05
CA PHE A 36 -4.96 -10.55 -1.08
C PHE A 36 -5.57 -11.15 0.20
N ARG A 37 -4.70 -11.74 1.01
CA ARG A 37 -5.14 -12.37 2.24
C ARG A 37 -4.68 -11.53 3.44
N LYS A 38 -5.07 -11.98 4.63
CA LYS A 38 -4.72 -11.30 5.85
C LYS A 38 -3.21 -11.45 6.10
N GLY A 39 -2.58 -10.33 6.43
CA GLY A 39 -1.16 -10.34 6.70
C GLY A 39 -0.35 -10.55 5.41
N ASP A 40 -0.69 -9.74 4.41
CA ASP A 40 -0.02 -9.81 3.12
C ASP A 40 0.91 -8.61 2.96
N VAL A 41 2.09 -8.87 2.43
CA VAL A 41 3.07 -7.82 2.22
C VAL A 41 2.91 -7.26 0.80
N VAL A 42 3.02 -5.94 0.71
CA VAL A 42 2.89 -5.28 -0.58
C VAL A 42 3.76 -4.02 -0.58
N THR A 43 4.38 -3.75 -1.72
CA THR A 43 5.23 -2.60 -1.87
C THR A 43 4.47 -1.46 -2.55
N ILE A 44 4.58 -0.28 -1.96
CA ILE A 44 3.91 0.90 -2.50
C ILE A 44 4.53 1.24 -3.85
N LEU A 45 3.77 0.96 -4.91
CA LEU A 45 4.22 1.23 -6.25
C LEU A 45 4.21 2.74 -6.50
N GLU A 46 3.06 3.34 -6.23
CA GLU A 46 2.89 4.78 -6.40
C GLU A 46 1.96 5.34 -5.34
N ALA A 47 2.02 6.65 -5.18
CA ALA A 47 1.19 7.33 -4.20
C ALA A 47 0.12 8.15 -4.92
N CYS A 48 -1.12 7.72 -4.76
CA CYS A 48 -2.24 8.41 -5.39
C CYS A 48 -3.50 8.08 -4.61
N GLU A 49 -4.31 9.11 -4.40
CA GLU A 49 -5.56 8.94 -3.67
C GLU A 49 -6.34 7.75 -4.23
N ASN A 50 -6.50 7.75 -5.54
CA ASN A 50 -7.22 6.68 -6.21
C ASN A 50 -8.56 6.46 -5.50
N LYS A 51 -9.07 7.53 -4.92
CA LYS A 51 -10.34 7.48 -4.21
C LYS A 51 -10.14 6.75 -2.89
N SER A 52 -8.98 6.96 -2.29
CA SER A 52 -8.66 6.34 -1.02
C SER A 52 -8.15 4.91 -1.25
N TRP A 53 -7.20 4.80 -2.17
CA TRP A 53 -6.62 3.51 -2.49
C TRP A 53 -5.11 3.70 -2.70
N TYR A 54 -4.39 2.60 -2.59
CA TYR A 54 -2.95 2.63 -2.76
C TYR A 54 -2.49 1.52 -3.72
N ARG A 55 -1.75 1.94 -4.74
CA ARG A 55 -1.25 1.01 -5.73
C ARG A 55 0.01 0.31 -5.20
N VAL A 56 -0.15 -0.96 -4.85
CA VAL A 56 0.96 -1.74 -4.34
C VAL A 56 1.15 -2.97 -5.21
N LYS A 57 2.23 -3.69 -4.93
CA LYS A 57 2.54 -4.90 -5.68
C LYS A 57 2.49 -6.11 -4.75
N HIS A 58 1.65 -7.06 -5.12
CA HIS A 58 1.49 -8.27 -4.32
C HIS A 58 2.72 -9.16 -4.50
N HIS A 59 3.36 -9.44 -3.38
CA HIS A 59 4.55 -10.28 -3.39
C HIS A 59 4.21 -11.66 -3.97
N THR A 60 3.40 -12.39 -3.22
CA THR A 60 2.99 -13.72 -3.66
C THR A 60 2.37 -13.66 -5.05
N SER A 61 1.26 -12.97 -5.15
CA SER A 61 0.56 -12.82 -6.41
C SER A 61 1.53 -12.32 -7.49
N GLY A 62 2.02 -11.11 -7.28
CA GLY A 62 2.96 -10.52 -8.21
C GLY A 62 2.24 -9.60 -9.20
N GLN A 63 1.02 -9.23 -8.83
CA GLN A 63 0.22 -8.36 -9.67
C GLN A 63 0.20 -6.94 -9.10
N GLU A 64 -0.51 -6.07 -9.81
CA GLU A 64 -0.63 -4.68 -9.38
C GLU A 64 -2.08 -4.24 -9.40
N GLY A 65 -2.59 -3.95 -8.20
CA GLY A 65 -3.97 -3.52 -8.06
C GLY A 65 -4.12 -2.54 -6.90
N LEU A 66 -5.21 -1.78 -6.94
CA LEU A 66 -5.48 -0.80 -5.90
C LEU A 66 -5.70 -1.53 -4.56
N LEU A 67 -5.44 -0.81 -3.49
CA LEU A 67 -5.61 -1.37 -2.15
C LEU A 67 -6.32 -0.36 -1.26
N ALA A 68 -7.26 -0.85 -0.49
CA ALA A 68 -8.03 0.00 0.41
C ALA A 68 -7.06 0.74 1.33
N ALA A 69 -7.01 2.06 1.15
CA ALA A 69 -6.13 2.89 1.95
C ALA A 69 -6.52 2.75 3.42
N GLY A 70 -7.73 2.28 3.65
CA GLY A 70 -8.22 2.09 5.00
C GLY A 70 -8.20 0.60 5.39
N ALA A 71 -7.18 -0.09 4.91
CA ALA A 71 -7.04 -1.51 5.19
C ALA A 71 -5.55 -1.88 5.11
N LEU A 72 -4.70 -0.89 5.34
CA LEU A 72 -3.27 -1.11 5.30
C LEU A 72 -2.65 -0.72 6.64
N ARG A 73 -1.63 -1.45 7.03
CA ARG A 73 -0.94 -1.19 8.27
C ARG A 73 0.58 -1.30 8.08
N GLU A 74 1.30 -0.91 9.12
CA GLU A 74 2.75 -0.96 9.08
C GLU A 74 3.25 -2.30 9.61
N ARG A 75 3.72 -3.14 8.69
CA ARG A 75 4.22 -4.44 9.05
C ARG A 75 5.02 -4.37 10.35
N SER A 76 6.07 -3.56 10.33
CA SER A 76 6.92 -3.39 11.50
C SER A 76 6.06 -2.98 12.70
N GLY A 77 5.25 -1.94 12.49
CA GLY A 77 4.39 -1.45 13.54
C GLY A 77 5.18 -1.22 14.84
N PRO A 78 4.42 -1.21 15.97
CA PRO A 78 5.05 -1.00 17.27
C PRO A 78 5.78 -2.26 17.73
N SER A 79 6.67 -2.06 18.70
CA SER A 79 7.45 -3.17 19.23
C SER A 79 7.05 -3.43 20.69
N SER A 80 7.19 -2.40 21.50
CA SER A 80 6.85 -2.50 22.90
C SER A 80 5.36 -2.21 23.11
N GLY A 81 4.70 -3.13 23.80
CA GLY A 81 3.29 -2.99 24.07
C GLY A 81 3.05 -2.38 25.45
N GLY A 1 12.98 19.77 -23.16
CA GLY A 1 12.67 20.59 -22.00
C GLY A 1 11.20 20.45 -21.62
N SER A 2 10.94 20.55 -20.33
CA SER A 2 9.58 20.44 -19.81
C SER A 2 9.57 20.70 -18.31
N SER A 3 8.38 20.99 -17.80
CA SER A 3 8.21 21.26 -16.38
C SER A 3 8.72 20.07 -15.56
N GLY A 4 9.03 20.35 -14.31
CA GLY A 4 9.52 19.30 -13.41
C GLY A 4 8.71 19.26 -12.12
N SER A 5 9.30 18.66 -11.11
CA SER A 5 8.64 18.55 -9.82
C SER A 5 9.50 19.19 -8.72
N SER A 6 9.26 20.48 -8.52
CA SER A 6 10.00 21.22 -7.51
C SER A 6 9.07 21.64 -6.38
N GLY A 7 8.80 20.69 -5.50
CA GLY A 7 7.92 20.94 -4.36
C GLY A 7 8.51 20.37 -3.08
N ARG A 8 8.35 21.12 -2.00
CA ARG A 8 8.86 20.69 -0.71
C ARG A 8 7.71 20.52 0.28
N MET A 9 7.40 19.26 0.57
CA MET A 9 6.32 18.95 1.49
C MET A 9 6.76 17.88 2.50
N PRO A 10 6.17 17.98 3.73
CA PRO A 10 6.50 17.02 4.77
C PRO A 10 5.83 15.67 4.51
N THR A 11 6.51 14.62 4.94
CA THR A 11 6.00 13.27 4.76
C THR A 11 4.93 12.95 5.83
N ARG A 12 3.76 12.58 5.34
CA ARG A 12 2.66 12.25 6.24
C ARG A 12 2.30 10.77 6.10
N ARG A 13 1.84 10.41 4.91
CA ARG A 13 1.46 9.03 4.65
C ARG A 13 2.69 8.19 4.31
N TRP A 14 2.44 6.94 3.94
CA TRP A 14 3.52 6.03 3.58
C TRP A 14 4.10 6.50 2.25
N ALA A 15 5.28 5.98 1.95
CA ALA A 15 5.96 6.33 0.71
C ALA A 15 6.03 5.09 -0.20
N PRO A 16 6.45 5.33 -1.46
CA PRO A 16 6.57 4.25 -2.43
C PRO A 16 7.80 3.39 -2.13
N GLY A 17 7.56 2.10 -1.97
CA GLY A 17 8.63 1.16 -1.69
C GLY A 17 8.51 0.59 -0.27
N THR A 18 7.55 1.13 0.46
CA THR A 18 7.32 0.69 1.83
C THR A 18 6.42 -0.55 1.84
N GLN A 19 6.76 -1.47 2.74
CA GLN A 19 6.00 -2.70 2.87
C GLN A 19 4.84 -2.51 3.85
N CYS A 20 3.63 -2.60 3.31
CA CYS A 20 2.43 -2.43 4.12
C CYS A 20 1.76 -3.81 4.26
N ILE A 21 1.01 -3.96 5.34
CA ILE A 21 0.31 -5.20 5.60
C ILE A 21 -1.20 -4.95 5.57
N THR A 22 -1.93 -6.00 5.25
CA THR A 22 -3.39 -5.91 5.18
C THR A 22 -4.00 -6.16 6.56
N LYS A 23 -5.03 -5.38 6.86
CA LYS A 23 -5.72 -5.50 8.13
C LYS A 23 -6.69 -6.69 8.06
N CYS A 24 -7.18 -6.95 6.87
CA CYS A 24 -8.10 -8.04 6.66
C CYS A 24 -7.71 -8.77 5.37
N GLU A 25 -8.50 -9.78 5.05
CA GLU A 25 -8.24 -10.57 3.84
C GLU A 25 -9.26 -10.21 2.75
N HIS A 26 -8.79 -10.24 1.52
CA HIS A 26 -9.64 -9.92 0.38
C HIS A 26 -9.52 -11.03 -0.68
N THR A 27 -10.57 -11.84 -0.75
CA THR A 27 -10.59 -12.93 -1.71
C THR A 27 -11.24 -12.48 -3.01
N ARG A 28 -12.24 -11.63 -2.88
CA ARG A 28 -12.95 -11.11 -4.03
C ARG A 28 -12.99 -9.58 -4.00
N PRO A 29 -11.97 -8.97 -4.65
CA PRO A 29 -11.87 -7.53 -4.71
C PRO A 29 -12.89 -6.93 -5.68
N LYS A 30 -12.95 -5.61 -5.72
CA LYS A 30 -13.88 -4.93 -6.60
C LYS A 30 -13.54 -5.26 -8.05
N PRO A 31 -14.39 -4.75 -8.97
CA PRO A 31 -14.19 -4.99 -10.39
C PRO A 31 -13.04 -4.14 -10.94
N GLY A 32 -11.85 -4.73 -10.92
CA GLY A 32 -10.67 -4.03 -11.40
C GLY A 32 -9.69 -3.76 -10.26
N GLU A 33 -9.82 -4.56 -9.20
CA GLU A 33 -8.95 -4.43 -8.05
C GLU A 33 -8.13 -5.71 -7.84
N LEU A 34 -7.17 -5.62 -6.93
CA LEU A 34 -6.32 -6.75 -6.63
C LEU A 34 -6.86 -7.47 -5.39
N ALA A 35 -6.50 -8.74 -5.28
CA ALA A 35 -6.94 -9.55 -4.16
C ALA A 35 -5.74 -9.87 -3.27
N PHE A 36 -6.03 -10.19 -2.02
CA PHE A 36 -4.99 -10.51 -1.05
C PHE A 36 -5.59 -11.15 0.21
N ARG A 37 -4.70 -11.59 1.08
CA ARG A 37 -5.12 -12.22 2.33
C ARG A 37 -4.80 -11.31 3.51
N LYS A 38 -5.11 -11.80 4.70
CA LYS A 38 -4.86 -11.05 5.92
C LYS A 38 -3.41 -11.27 6.35
N GLY A 39 -2.65 -10.20 6.28
CA GLY A 39 -1.24 -10.25 6.66
C GLY A 39 -0.35 -10.51 5.44
N ASP A 40 -0.62 -9.75 4.38
CA ASP A 40 0.15 -9.88 3.16
C ASP A 40 1.06 -8.67 3.01
N VAL A 41 2.26 -8.95 2.50
CA VAL A 41 3.24 -7.89 2.30
C VAL A 41 3.12 -7.34 0.87
N VAL A 42 3.07 -6.03 0.79
CA VAL A 42 2.95 -5.36 -0.50
C VAL A 42 3.82 -4.11 -0.52
N THR A 43 4.37 -3.82 -1.69
CA THR A 43 5.23 -2.66 -1.84
C THR A 43 4.45 -1.50 -2.46
N ILE A 44 4.56 -0.35 -1.82
CA ILE A 44 3.86 0.84 -2.30
C ILE A 44 4.44 1.24 -3.67
N LEU A 45 3.65 0.96 -4.69
CA LEU A 45 4.06 1.28 -6.05
C LEU A 45 3.94 2.79 -6.27
N GLU A 46 2.70 3.26 -6.24
CA GLU A 46 2.44 4.68 -6.44
C GLU A 46 1.33 5.15 -5.49
N ALA A 47 1.66 6.14 -4.69
CA ALA A 47 0.70 6.69 -3.75
C ALA A 47 -0.16 7.75 -4.44
N CYS A 48 -1.30 8.03 -3.84
CA CYS A 48 -2.21 9.02 -4.39
C CYS A 48 -3.14 8.32 -5.39
N GLU A 49 -3.98 9.12 -6.03
CA GLU A 49 -4.92 8.60 -7.01
C GLU A 49 -6.04 7.81 -6.31
N ASN A 50 -7.27 8.25 -6.58
CA ASN A 50 -8.43 7.61 -5.99
C ASN A 50 -8.38 7.79 -4.47
N LYS A 51 -9.23 8.69 -3.99
CA LYS A 51 -9.30 8.96 -2.56
C LYS A 51 -9.42 7.65 -1.80
N SER A 52 -8.50 7.45 -0.87
CA SER A 52 -8.50 6.23 -0.07
C SER A 52 -8.22 5.02 -0.96
N TRP A 53 -7.01 5.00 -1.52
CA TRP A 53 -6.61 3.91 -2.38
C TRP A 53 -5.10 4.00 -2.59
N TYR A 54 -4.45 2.85 -2.46
CA TYR A 54 -3.01 2.79 -2.62
C TYR A 54 -2.62 1.65 -3.58
N ARG A 55 -1.77 1.99 -4.54
CA ARG A 55 -1.31 1.02 -5.51
C ARG A 55 -0.06 0.31 -5.00
N VAL A 56 -0.22 -0.97 -4.68
CA VAL A 56 0.89 -1.76 -4.19
C VAL A 56 1.10 -2.97 -5.10
N LYS A 57 2.14 -3.74 -4.78
CA LYS A 57 2.45 -4.92 -5.58
C LYS A 57 2.43 -6.15 -4.67
N HIS A 58 1.59 -7.11 -5.06
CA HIS A 58 1.48 -8.34 -4.29
C HIS A 58 2.72 -9.20 -4.49
N HIS A 59 3.39 -9.49 -3.38
CA HIS A 59 4.60 -10.29 -3.41
C HIS A 59 4.27 -11.68 -3.97
N THR A 60 3.38 -12.37 -3.27
CA THR A 60 2.98 -13.70 -3.68
C THR A 60 2.35 -13.66 -5.07
N SER A 61 1.23 -12.97 -5.17
CA SER A 61 0.52 -12.85 -6.44
C SER A 61 1.48 -12.33 -7.52
N GLY A 62 2.04 -11.17 -7.26
CA GLY A 62 2.97 -10.56 -8.19
C GLY A 62 2.25 -9.60 -9.15
N GLN A 63 0.99 -9.34 -8.83
CA GLN A 63 0.18 -8.45 -9.63
C GLN A 63 0.20 -7.03 -9.04
N GLU A 64 -0.53 -6.15 -9.70
CA GLU A 64 -0.60 -4.76 -9.26
C GLU A 64 -2.05 -4.26 -9.31
N GLY A 65 -2.57 -3.93 -8.14
CA GLY A 65 -3.93 -3.44 -8.04
C GLY A 65 -4.04 -2.32 -7.01
N LEU A 66 -5.24 -1.75 -6.91
CA LEU A 66 -5.48 -0.67 -5.98
C LEU A 66 -5.92 -1.25 -4.63
N LEU A 67 -5.23 -0.82 -3.59
CA LEU A 67 -5.53 -1.29 -2.25
C LEU A 67 -6.23 -0.18 -1.48
N ALA A 68 -7.17 -0.60 -0.62
CA ALA A 68 -7.92 0.34 0.18
C ALA A 68 -6.99 0.99 1.21
N ALA A 69 -6.81 2.29 1.08
CA ALA A 69 -5.95 3.03 1.98
C ALA A 69 -6.32 2.68 3.43
N GLY A 70 -7.61 2.46 3.63
CA GLY A 70 -8.10 2.11 4.95
C GLY A 70 -8.13 0.59 5.15
N ALA A 71 -7.12 -0.06 4.61
CA ALA A 71 -7.02 -1.51 4.72
C ALA A 71 -5.54 -1.91 4.69
N LEU A 72 -4.70 -0.96 5.06
CA LEU A 72 -3.26 -1.20 5.09
C LEU A 72 -2.70 -0.80 6.44
N ARG A 73 -1.59 -1.43 6.80
CA ARG A 73 -0.95 -1.14 8.08
C ARG A 73 0.57 -1.24 7.93
N GLU A 74 1.26 -0.82 8.98
CA GLU A 74 2.71 -0.86 9.00
C GLU A 74 3.21 -2.20 9.56
N ARG A 75 3.78 -3.00 8.67
CA ARG A 75 4.29 -4.31 9.07
C ARG A 75 5.06 -4.19 10.38
N SER A 76 4.66 -5.02 11.34
CA SER A 76 5.31 -5.02 12.65
C SER A 76 5.58 -6.47 13.09
N GLY A 77 4.51 -7.25 13.11
CA GLY A 77 4.61 -8.64 13.51
C GLY A 77 5.32 -9.47 12.44
N PRO A 78 5.75 -10.70 12.85
CA PRO A 78 6.44 -11.59 11.94
C PRO A 78 5.47 -12.22 10.95
N SER A 79 5.96 -12.42 9.73
CA SER A 79 5.16 -13.01 8.69
C SER A 79 5.80 -14.30 8.18
N SER A 80 5.25 -15.42 8.60
CA SER A 80 5.77 -16.72 8.20
C SER A 80 6.09 -16.71 6.70
N GLY A 81 5.07 -16.44 5.91
CA GLY A 81 5.24 -16.41 4.47
C GLY A 81 4.83 -17.74 3.83
N GLY A 1 17.67 17.01 7.24
CA GLY A 1 18.77 17.96 7.13
C GLY A 1 19.53 17.78 5.81
N SER A 2 20.82 18.04 5.87
CA SER A 2 21.66 17.89 4.70
C SER A 2 21.54 16.49 4.13
N SER A 3 21.18 16.43 2.85
CA SER A 3 21.03 15.16 2.17
C SER A 3 19.91 14.34 2.84
N GLY A 4 18.69 14.65 2.44
CA GLY A 4 17.53 13.95 2.98
C GLY A 4 16.24 14.40 2.29
N SER A 5 15.38 15.04 3.07
CA SER A 5 14.11 15.53 2.55
C SER A 5 14.28 16.96 2.04
N SER A 6 14.08 17.11 0.73
CA SER A 6 14.20 18.41 0.10
C SER A 6 12.81 18.98 -0.18
N GLY A 7 12.46 20.00 0.59
CA GLY A 7 11.17 20.65 0.43
C GLY A 7 10.15 20.09 1.43
N ARG A 8 8.92 20.57 1.31
CA ARG A 8 7.85 20.12 2.18
C ARG A 8 7.40 18.72 1.80
N MET A 9 7.40 17.84 2.79
CA MET A 9 6.99 16.46 2.57
C MET A 9 5.66 16.39 1.82
N PRO A 10 5.47 15.27 1.08
CA PRO A 10 4.26 15.07 0.32
C PRO A 10 3.09 14.70 1.24
N THR A 11 1.90 14.68 0.65
CA THR A 11 0.70 14.36 1.40
C THR A 11 0.31 12.89 1.18
N ARG A 12 0.93 12.02 1.96
CA ARG A 12 0.67 10.59 1.85
C ARG A 12 1.02 9.89 3.17
N ARG A 13 0.25 8.86 3.46
CA ARG A 13 0.46 8.09 4.68
C ARG A 13 1.61 7.09 4.49
N TRP A 14 2.09 7.02 3.25
CA TRP A 14 3.17 6.12 2.92
C TRP A 14 3.75 6.55 1.57
N ALA A 15 4.96 6.09 1.31
CA ALA A 15 5.64 6.42 0.06
C ALA A 15 5.83 5.15 -0.77
N PRO A 16 6.31 5.34 -2.03
CA PRO A 16 6.54 4.23 -2.92
C PRO A 16 7.79 3.44 -2.53
N GLY A 17 7.56 2.25 -1.99
CA GLY A 17 8.66 1.40 -1.57
C GLY A 17 8.43 0.89 -0.13
N THR A 18 7.45 1.49 0.52
CA THR A 18 7.13 1.11 1.89
C THR A 18 6.30 -0.17 1.90
N GLN A 19 6.56 -0.99 2.90
CA GLN A 19 5.85 -2.26 3.04
C GLN A 19 4.62 -2.07 3.94
N CYS A 20 3.48 -2.51 3.43
CA CYS A 20 2.23 -2.40 4.17
C CYS A 20 1.65 -3.80 4.33
N ILE A 21 0.85 -3.95 5.37
CA ILE A 21 0.22 -5.23 5.66
C ILE A 21 -1.30 -5.08 5.61
N THR A 22 -1.96 -6.13 5.16
CA THR A 22 -3.41 -6.12 5.06
C THR A 22 -4.03 -6.54 6.38
N LYS A 23 -4.89 -5.67 6.90
CA LYS A 23 -5.56 -5.92 8.15
C LYS A 23 -6.66 -6.97 7.94
N CYS A 24 -7.08 -7.09 6.69
CA CYS A 24 -8.12 -8.04 6.33
C CYS A 24 -7.69 -8.77 5.05
N GLU A 25 -8.50 -9.73 4.65
CA GLU A 25 -8.22 -10.50 3.45
C GLU A 25 -9.22 -10.17 2.36
N HIS A 26 -8.73 -10.16 1.13
CA HIS A 26 -9.57 -9.86 -0.01
C HIS A 26 -9.38 -10.92 -1.10
N THR A 27 -10.39 -11.77 -1.23
CA THR A 27 -10.33 -12.84 -2.21
C THR A 27 -10.94 -12.37 -3.54
N ARG A 28 -12.09 -11.73 -3.43
CA ARG A 28 -12.79 -11.22 -4.61
C ARG A 28 -12.85 -9.70 -4.57
N PRO A 29 -11.82 -9.06 -5.17
CA PRO A 29 -11.75 -7.61 -5.21
C PRO A 29 -12.76 -7.04 -6.23
N LYS A 30 -12.86 -5.71 -6.23
CA LYS A 30 -13.77 -5.04 -7.15
C LYS A 30 -13.36 -5.34 -8.59
N PRO A 31 -14.20 -4.87 -9.54
CA PRO A 31 -13.93 -5.08 -10.95
C PRO A 31 -12.82 -4.16 -11.44
N GLY A 32 -11.60 -4.68 -11.40
CA GLY A 32 -10.44 -3.91 -11.83
C GLY A 32 -9.50 -3.64 -10.66
N GLU A 33 -9.64 -4.45 -9.62
CA GLU A 33 -8.81 -4.31 -8.44
C GLU A 33 -7.93 -5.54 -8.25
N LEU A 34 -7.08 -5.48 -7.24
CA LEU A 34 -6.19 -6.59 -6.95
C LEU A 34 -6.74 -7.38 -5.75
N ALA A 35 -6.30 -8.61 -5.64
CA ALA A 35 -6.74 -9.49 -4.56
C ALA A 35 -5.56 -9.77 -3.64
N PHE A 36 -5.88 -9.97 -2.37
CA PHE A 36 -4.87 -10.26 -1.37
C PHE A 36 -5.47 -10.96 -0.16
N ARG A 37 -4.59 -11.47 0.69
CA ARG A 37 -5.02 -12.16 1.90
C ARG A 37 -4.62 -11.36 3.14
N LYS A 38 -4.94 -11.94 4.30
CA LYS A 38 -4.63 -11.29 5.56
C LYS A 38 -3.11 -11.38 5.80
N GLY A 39 -2.60 -10.37 6.50
CA GLY A 39 -1.18 -10.31 6.81
C GLY A 39 -0.34 -10.56 5.55
N ASP A 40 -0.66 -9.81 4.51
CA ASP A 40 0.06 -9.94 3.25
C ASP A 40 1.00 -8.75 3.08
N VAL A 41 2.22 -9.05 2.64
CA VAL A 41 3.23 -8.03 2.44
C VAL A 41 3.12 -7.50 1.00
N VAL A 42 3.26 -6.19 0.88
CA VAL A 42 3.18 -5.55 -0.42
C VAL A 42 4.08 -4.31 -0.44
N THR A 43 4.38 -3.85 -1.64
CA THR A 43 5.22 -2.67 -1.79
C THR A 43 4.44 -1.55 -2.49
N ILE A 44 4.54 -0.36 -1.92
CA ILE A 44 3.85 0.79 -2.47
C ILE A 44 4.49 1.17 -3.80
N LEU A 45 3.70 1.03 -4.87
CA LEU A 45 4.17 1.35 -6.20
C LEU A 45 3.96 2.84 -6.47
N GLU A 46 2.70 3.24 -6.43
CA GLU A 46 2.36 4.64 -6.66
C GLU A 46 1.12 5.01 -5.84
N ALA A 47 1.27 6.08 -5.07
CA ALA A 47 0.18 6.56 -4.23
C ALA A 47 -0.69 7.51 -5.04
N CYS A 48 -1.86 7.81 -4.49
CA CYS A 48 -2.79 8.71 -5.15
C CYS A 48 -3.28 8.03 -6.44
N GLU A 49 -4.08 8.78 -7.20
CA GLU A 49 -4.61 8.27 -8.45
C GLU A 49 -5.81 7.36 -8.18
N ASN A 50 -6.80 7.92 -7.51
CA ASN A 50 -8.01 7.17 -7.18
C ASN A 50 -8.80 7.94 -6.12
N LYS A 51 -8.25 7.98 -4.92
CA LYS A 51 -8.90 8.68 -3.82
C LYS A 51 -8.27 8.24 -2.50
N SER A 52 -8.72 7.10 -2.02
CA SER A 52 -8.20 6.56 -0.77
C SER A 52 -7.71 5.12 -0.98
N TRP A 53 -6.89 4.96 -2.01
CA TRP A 53 -6.35 3.65 -2.33
C TRP A 53 -4.85 3.81 -2.56
N TYR A 54 -4.15 2.68 -2.52
CA TYR A 54 -2.71 2.68 -2.72
C TYR A 54 -2.29 1.56 -3.67
N ARG A 55 -1.63 1.95 -4.74
CA ARG A 55 -1.16 1.00 -5.73
C ARG A 55 0.08 0.27 -5.22
N VAL A 56 -0.12 -0.99 -4.86
CA VAL A 56 0.98 -1.81 -4.37
C VAL A 56 1.09 -3.08 -5.21
N LYS A 57 2.17 -3.81 -4.98
CA LYS A 57 2.41 -5.05 -5.71
C LYS A 57 2.28 -6.23 -4.76
N HIS A 58 1.47 -7.20 -5.18
CA HIS A 58 1.25 -8.39 -4.36
C HIS A 58 2.44 -9.35 -4.53
N HIS A 59 3.07 -9.66 -3.41
CA HIS A 59 4.22 -10.56 -3.43
C HIS A 59 3.77 -11.94 -3.92
N THR A 60 2.72 -12.45 -3.29
CA THR A 60 2.20 -13.75 -3.65
C THR A 60 1.67 -13.73 -5.10
N SER A 61 0.64 -12.92 -5.30
CA SER A 61 0.03 -12.80 -6.61
C SER A 61 1.08 -12.37 -7.63
N GLY A 62 1.65 -11.19 -7.39
CA GLY A 62 2.66 -10.65 -8.28
C GLY A 62 2.05 -9.65 -9.26
N GLN A 63 0.88 -9.15 -8.89
CA GLN A 63 0.19 -8.18 -9.73
C GLN A 63 0.18 -6.81 -9.07
N GLU A 64 -0.44 -5.85 -9.74
CA GLU A 64 -0.53 -4.50 -9.23
C GLU A 64 -1.96 -3.98 -9.31
N GLY A 65 -2.52 -3.69 -8.15
CA GLY A 65 -3.87 -3.19 -8.07
C GLY A 65 -4.06 -2.27 -6.86
N LEU A 66 -5.13 -1.49 -6.91
CA LEU A 66 -5.43 -0.56 -5.84
C LEU A 66 -5.72 -1.34 -4.56
N LEU A 67 -5.39 -0.72 -3.43
CA LEU A 67 -5.61 -1.34 -2.14
C LEU A 67 -6.18 -0.31 -1.17
N ALA A 68 -7.25 -0.71 -0.49
CA ALA A 68 -7.90 0.17 0.47
C ALA A 68 -6.84 0.84 1.34
N ALA A 69 -6.84 2.17 1.30
CA ALA A 69 -5.88 2.93 2.08
C ALA A 69 -6.22 2.79 3.57
N GLY A 70 -7.40 2.23 3.83
CA GLY A 70 -7.85 2.04 5.19
C GLY A 70 -7.72 0.57 5.61
N ALA A 71 -7.28 -0.24 4.65
CA ALA A 71 -7.12 -1.66 4.90
C ALA A 71 -5.63 -1.99 4.90
N LEU A 72 -4.81 -0.96 5.04
CA LEU A 72 -3.37 -1.13 5.05
C LEU A 72 -2.83 -0.74 6.42
N ARG A 73 -1.69 -1.33 6.77
CA ARG A 73 -1.06 -1.06 8.05
C ARG A 73 0.47 -1.12 7.91
N GLU A 74 1.14 -0.68 8.96
CA GLU A 74 2.60 -0.67 8.97
C GLU A 74 3.11 -1.99 9.56
N ARG A 75 3.67 -2.81 8.67
CA ARG A 75 4.21 -4.10 9.10
C ARG A 75 5.01 -3.94 10.39
N SER A 76 4.94 -4.98 11.21
CA SER A 76 5.65 -4.96 12.48
C SER A 76 6.25 -6.35 12.75
N GLY A 77 5.41 -7.35 12.67
CA GLY A 77 5.85 -8.72 12.90
C GLY A 77 5.43 -9.21 14.29
N PRO A 78 5.48 -10.56 14.46
CA PRO A 78 5.11 -11.16 15.74
C PRO A 78 6.20 -10.94 16.79
N SER A 79 5.77 -10.89 18.04
CA SER A 79 6.69 -10.69 19.14
C SER A 79 6.59 -11.86 20.13
N SER A 80 7.74 -12.26 20.65
CA SER A 80 7.80 -13.35 21.60
C SER A 80 6.78 -13.12 22.72
N GLY A 81 6.92 -11.98 23.37
CA GLY A 81 6.03 -11.64 24.47
C GLY A 81 4.89 -10.74 23.97
#